data_6H4P
#
_entry.id   6H4P
#
_cell.length_a   58.240
_cell.length_b   102.060
_cell.length_c   142.320
_cell.angle_alpha   90.00
_cell.angle_beta   99.24
_cell.angle_gamma   90.00
#
_symmetry.space_group_name_H-M   'P 1 21 1'
#
loop_
_entity.id
_entity.type
_entity.pdbx_description
1 polymer 'Lysine-specific demethylase 4A'
2 non-polymer 'ZINC ION'
3 non-polymer 8-[4-[2-[4-(3-chlorophenyl)piperidin-1-yl]ethyl]pyrazol-1-yl]-3~{H}-pyrido[3,4-d]pyrimidin-4-one
4 non-polymer 'DIMETHYL SULFOXIDE'
5 non-polymer 'CHLORIDE ION'
6 non-polymer GLYCEROL
7 water water
#
_entity_poly.entity_id   1
_entity_poly.type   'polypeptide(L)'
_entity_poly.pdbx_seq_one_letter_code
;SMASESETLNPSARIMTFYPTMEEFRNFSRYIAYIESQGAHRAGLAKVVPPKEWKPRASYDDIDDLVIPAPIQQLVTGQS
GLFTQYNIQKKAMTVREFRKIANSDKYCTPRYSEFEELERKYWKNLTFNPPIYGADVNGTLYEKHVDEWNIGRLRTILDL
VEKESGITIEGVNTPYLYFGMWKTSFAWHTEDMDLYSINYLHFGEPKSWYSVPPEHGKRLERLAKGFFPGSAQSCEAFLR
HKMTLISPLMLKKYGIPFDKVTQEAGEFMITFPYGYHAGFNHGFNCAESTNFATRRWIEYGKQAVLCSCRKDMVKISMDV
FVRKFQPERYKLWKAGKDNTVIDHTLPTPEAAEFLKESEL
;
_entity_poly.pdbx_strand_id   A,B,C,D
#
loop_
_chem_comp.id
_chem_comp.type
_chem_comp.name
_chem_comp.formula
CL non-polymer 'CHLORIDE ION' 'Cl -1'
DMS non-polymer 'DIMETHYL SULFOXIDE' 'C2 H6 O S'
FQ5 non-polymer 8-[4-[2-[4-(3-chlorophenyl)piperidin-1-yl]ethyl]pyrazol-1-yl]-3~{H}-pyrido[3,4-d]pyrimidin-4-one 'C23 H23 Cl N6 O'
GOL non-polymer GLYCEROL 'C3 H8 O3'
ZN non-polymer 'ZINC ION' 'Zn 2'
#
# COMPACT_ATOMS: atom_id res chain seq x y z
N GLU A 7 -45.03 7.97 -8.94
CA GLU A 7 -45.37 9.11 -9.80
C GLU A 7 -46.09 10.23 -9.04
N THR A 8 -46.97 9.87 -8.07
CA THR A 8 -47.71 10.80 -7.23
C THR A 8 -47.01 10.99 -5.87
N LEU A 9 -46.03 10.13 -5.57
CA LEU A 9 -45.22 10.22 -4.34
C LEU A 9 -43.96 11.02 -4.68
N ASN A 10 -43.81 12.20 -4.03
CA ASN A 10 -42.74 13.19 -4.24
C ASN A 10 -42.72 13.65 -5.74
N PRO A 11 -43.81 14.22 -6.30
CA PRO A 11 -43.81 14.60 -7.73
C PRO A 11 -42.74 15.63 -8.13
N SER A 12 -42.42 16.56 -7.21
CA SER A 12 -41.41 17.61 -7.38
C SER A 12 -39.98 17.06 -7.42
N ALA A 13 -39.79 15.83 -6.90
CA ALA A 13 -38.49 15.15 -6.82
C ALA A 13 -37.47 16.01 -6.04
N ARG A 14 -37.95 16.65 -4.94
CA ARG A 14 -37.16 17.48 -4.03
C ARG A 14 -36.48 16.56 -3.01
N ILE A 15 -35.30 16.99 -2.48
CA ILE A 15 -34.53 16.28 -1.45
C ILE A 15 -35.35 16.28 -0.19
N MET A 16 -35.59 15.06 0.37
CA MET A 16 -36.37 14.85 1.59
C MET A 16 -35.50 14.58 2.80
N THR A 17 -35.97 15.03 3.97
CA THR A 17 -35.29 14.87 5.25
C THR A 17 -36.12 13.96 6.14
N PHE A 18 -35.43 13.00 6.77
CA PHE A 18 -36.06 12.03 7.64
C PHE A 18 -35.49 12.06 9.06
N TYR A 19 -36.40 11.92 10.03
CA TYR A 19 -36.10 11.91 11.47
C TYR A 19 -36.61 10.59 12.05
N PRO A 20 -35.94 9.43 11.80
CA PRO A 20 -36.43 8.18 12.40
C PRO A 20 -36.32 8.15 13.93
N THR A 21 -37.20 7.39 14.57
CA THR A 21 -37.11 7.17 16.02
C THR A 21 -36.12 6.02 16.17
N MET A 22 -35.67 5.74 17.39
CA MET A 22 -34.73 4.65 17.64
C MET A 22 -35.24 3.31 17.10
N GLU A 23 -36.54 3.03 17.25
CA GLU A 23 -37.22 1.81 16.79
C GLU A 23 -37.21 1.63 15.27
N GLU A 24 -37.40 2.74 14.51
CA GLU A 24 -37.40 2.77 13.03
C GLU A 24 -35.96 2.62 12.51
N PHE A 25 -35.04 3.31 13.19
CA PHE A 25 -33.61 3.40 12.89
C PHE A 25 -32.85 2.07 13.01
N ARG A 26 -33.29 1.15 13.88
CA ARG A 26 -32.62 -0.14 14.13
C ARG A 26 -32.46 -1.04 12.88
N ASN A 27 -33.40 -1.00 11.92
CA ASN A 27 -33.31 -1.82 10.69
C ASN A 27 -33.09 -0.92 9.48
N PHE A 28 -31.81 -0.81 9.07
CA PHE A 28 -31.31 0.02 7.98
C PHE A 28 -32.02 -0.25 6.67
N SER A 29 -32.01 -1.52 6.22
CA SER A 29 -32.64 -1.98 4.99
C SER A 29 -34.14 -1.72 4.97
N ARG A 30 -34.83 -1.91 6.11
CA ARG A 30 -36.25 -1.62 6.22
C ARG A 30 -36.51 -0.11 6.10
N TYR A 31 -35.68 0.73 6.75
CA TYR A 31 -35.84 2.19 6.70
C TYR A 31 -35.61 2.76 5.29
N ILE A 32 -34.64 2.23 4.54
CA ILE A 32 -34.35 2.60 3.15
C ILE A 32 -35.56 2.28 2.25
N ALA A 33 -36.26 1.17 2.55
CA ALA A 33 -37.47 0.77 1.83
C ALA A 33 -38.58 1.74 2.22
N TYR A 34 -38.68 2.11 3.51
CA TYR A 34 -39.65 3.09 3.96
C TYR A 34 -39.45 4.47 3.29
N ILE A 35 -38.22 5.00 3.25
CA ILE A 35 -37.98 6.34 2.66
C ILE A 35 -38.34 6.38 1.14
N GLU A 36 -38.19 5.23 0.47
CA GLU A 36 -38.53 5.04 -0.94
C GLU A 36 -40.05 5.01 -1.16
N SER A 37 -40.82 4.41 -0.21
CA SER A 37 -42.27 4.38 -0.24
C SER A 37 -42.82 5.84 -0.15
N GLN A 38 -41.99 6.77 0.36
CA GLN A 38 -42.27 8.23 0.49
C GLN A 38 -41.76 9.04 -0.73
N GLY A 39 -41.11 8.35 -1.67
CA GLY A 39 -40.56 8.93 -2.89
C GLY A 39 -39.22 9.64 -2.76
N ALA A 40 -38.47 9.40 -1.66
CA ALA A 40 -37.17 10.04 -1.44
C ALA A 40 -36.20 9.84 -2.57
N HIS A 41 -36.21 8.62 -3.17
CA HIS A 41 -35.34 8.18 -4.27
C HIS A 41 -35.42 9.05 -5.54
N ARG A 42 -36.56 9.75 -5.73
CA ARG A 42 -36.81 10.61 -6.88
C ARG A 42 -35.92 11.83 -6.98
N ALA A 43 -35.43 12.33 -5.84
CA ALA A 43 -34.49 13.46 -5.78
C ALA A 43 -33.08 12.99 -6.13
N GLY A 44 -32.79 11.70 -5.88
CA GLY A 44 -31.47 11.09 -6.09
C GLY A 44 -30.60 11.16 -4.86
N LEU A 45 -31.10 11.86 -3.84
CA LEU A 45 -30.42 12.14 -2.59
C LEU A 45 -31.43 12.38 -1.48
N ALA A 46 -31.16 11.84 -0.27
CA ALA A 46 -31.98 12.04 0.93
C ALA A 46 -31.10 12.25 2.19
N LYS A 47 -31.60 13.05 3.14
CA LYS A 47 -30.95 13.27 4.43
C LYS A 47 -31.70 12.49 5.51
N VAL A 48 -30.97 11.79 6.40
CA VAL A 48 -31.53 11.06 7.54
C VAL A 48 -30.79 11.55 8.80
N VAL A 49 -31.52 12.23 9.67
CA VAL A 49 -31.03 12.74 10.93
C VAL A 49 -31.30 11.64 11.96
N PRO A 50 -30.26 11.04 12.56
CA PRO A 50 -30.49 9.94 13.49
C PRO A 50 -31.01 10.42 14.83
N PRO A 51 -31.63 9.52 15.66
CA PRO A 51 -32.06 9.95 17.02
C PRO A 51 -30.88 10.43 17.87
N LYS A 52 -31.13 11.47 18.69
CA LYS A 52 -30.14 12.12 19.56
C LYS A 52 -29.37 11.14 20.46
N GLU A 53 -30.02 10.01 20.85
CA GLU A 53 -29.47 8.94 21.70
C GLU A 53 -28.41 8.09 20.99
N TRP A 54 -28.38 8.14 19.64
CA TRP A 54 -27.44 7.37 18.86
C TRP A 54 -26.16 8.16 18.58
N LYS A 55 -25.01 7.52 18.83
CA LYS A 55 -23.67 8.04 18.57
C LYS A 55 -22.74 6.88 18.14
N PRO A 56 -22.09 6.95 16.96
CA PRO A 56 -21.25 5.81 16.51
C PRO A 56 -19.91 5.62 17.24
N ARG A 57 -19.46 6.65 17.96
CA ARG A 57 -18.18 6.68 18.69
C ARG A 57 -18.32 7.61 19.90
N ALA A 58 -17.73 7.23 21.05
CA ALA A 58 -17.81 8.03 22.28
C ALA A 58 -17.06 9.37 22.16
N SER A 59 -15.90 9.38 21.45
CA SER A 59 -15.08 10.57 21.21
C SER A 59 -14.14 10.36 20.01
N TYR A 60 -13.73 11.46 19.37
CA TYR A 60 -12.81 11.48 18.24
C TYR A 60 -11.46 12.07 18.68
N ASP A 61 -11.09 11.88 19.96
CA ASP A 61 -9.87 12.42 20.57
C ASP A 61 -8.58 11.65 20.28
N ASP A 62 -8.70 10.37 19.90
CA ASP A 62 -7.61 9.43 19.69
C ASP A 62 -7.28 9.15 18.23
N ILE A 63 -7.51 10.11 17.32
CA ILE A 63 -7.24 9.86 15.90
C ILE A 63 -6.18 10.80 15.31
N ASP A 64 -5.40 11.47 16.17
CA ASP A 64 -4.32 12.38 15.79
C ASP A 64 -3.28 11.71 14.87
N ASP A 65 -2.90 10.46 15.21
CA ASP A 65 -1.89 9.66 14.52
C ASP A 65 -2.45 8.71 13.49
N LEU A 66 -3.71 8.92 13.08
CA LEU A 66 -4.34 8.13 12.03
C LEU A 66 -3.70 8.61 10.71
N VAL A 67 -3.24 7.67 9.89
CA VAL A 67 -2.56 8.00 8.65
C VAL A 67 -3.52 8.13 7.48
N ILE A 68 -3.38 9.20 6.70
CA ILE A 68 -4.08 9.48 5.44
C ILE A 68 -3.04 9.06 4.38
N PRO A 69 -3.13 7.81 3.85
CA PRO A 69 -2.07 7.30 2.97
C PRO A 69 -1.80 8.08 1.70
N ALA A 70 -2.82 8.75 1.14
CA ALA A 70 -2.65 9.43 -0.12
C ALA A 70 -3.43 10.74 -0.19
N PRO A 71 -3.01 11.80 0.54
CA PRO A 71 -3.75 13.08 0.44
C PRO A 71 -3.66 13.58 -0.99
N ILE A 72 -4.68 14.27 -1.47
CA ILE A 72 -4.64 14.72 -2.87
C ILE A 72 -4.84 16.22 -2.96
N GLN A 73 -3.90 16.92 -3.59
CA GLN A 73 -4.06 18.33 -3.84
C GLN A 73 -4.97 18.46 -5.11
N GLN A 74 -6.08 19.19 -4.98
CA GLN A 74 -7.08 19.37 -6.03
C GLN A 74 -6.85 20.60 -6.90
N LEU A 75 -6.30 20.37 -8.09
CA LEU A 75 -6.02 21.45 -9.03
C LEU A 75 -7.19 21.58 -9.96
N VAL A 76 -7.82 22.76 -9.99
CA VAL A 76 -9.00 23.00 -10.78
C VAL A 76 -8.71 24.00 -11.87
N THR A 77 -9.17 23.69 -13.08
CA THR A 77 -9.02 24.53 -14.27
C THR A 77 -10.38 24.76 -14.90
N GLY A 78 -10.67 25.99 -15.32
CA GLY A 78 -11.92 26.29 -15.98
C GLY A 78 -12.39 27.72 -15.88
N GLN A 79 -13.56 27.98 -16.50
CA GLN A 79 -14.22 29.29 -16.56
C GLN A 79 -15.70 29.09 -16.86
N SER A 80 -16.53 30.14 -16.67
CA SER A 80 -17.96 30.15 -17.00
C SER A 80 -18.76 28.92 -16.45
N GLY A 81 -18.52 28.53 -15.20
CA GLY A 81 -19.23 27.43 -14.58
C GLY A 81 -18.83 26.02 -15.00
N LEU A 82 -17.80 25.89 -15.86
CA LEU A 82 -17.31 24.60 -16.36
C LEU A 82 -15.85 24.40 -15.97
N PHE A 83 -15.57 23.36 -15.19
CA PHE A 83 -14.23 23.10 -14.66
C PHE A 83 -13.82 21.64 -14.70
N THR A 84 -12.51 21.40 -14.81
CA THR A 84 -11.89 20.07 -14.69
C THR A 84 -10.94 20.09 -13.47
N GLN A 85 -11.10 19.11 -12.58
CA GLN A 85 -10.29 18.94 -11.38
C GLN A 85 -9.28 17.81 -11.59
N TYR A 86 -8.00 18.11 -11.35
CA TYR A 86 -6.85 17.21 -11.47
C TYR A 86 -6.29 16.93 -10.09
N ASN A 87 -5.98 15.67 -9.83
CA ASN A 87 -5.42 15.23 -8.55
C ASN A 87 -3.90 15.16 -8.63
N ILE A 88 -3.26 15.54 -7.53
CA ILE A 88 -1.82 15.43 -7.33
C ILE A 88 -1.70 14.70 -6.00
N GLN A 89 -1.28 13.44 -6.06
CA GLN A 89 -1.09 12.63 -4.87
C GLN A 89 0.13 13.14 -4.12
N LYS A 90 -0.04 13.43 -2.84
CA LYS A 90 1.00 13.90 -1.94
C LYS A 90 1.41 12.74 -1.08
N LYS A 91 2.56 12.86 -0.36
CA LYS A 91 2.98 11.76 0.54
C LYS A 91 2.03 11.62 1.77
N ALA A 92 2.01 10.42 2.41
CA ALA A 92 1.19 10.13 3.58
C ALA A 92 1.29 11.19 4.68
N MET A 93 0.15 11.65 5.21
CA MET A 93 0.14 12.61 6.32
C MET A 93 -0.79 12.13 7.44
N THR A 94 -0.61 12.64 8.65
CA THR A 94 -1.46 12.24 9.77
C THR A 94 -2.65 13.20 9.89
N VAL A 95 -3.70 12.81 10.65
CA VAL A 95 -4.86 13.68 10.88
C VAL A 95 -4.40 15.02 11.52
N ARG A 96 -3.49 14.95 12.48
CA ARG A 96 -2.92 16.09 13.20
C ARG A 96 -2.35 17.12 12.22
N GLU A 97 -1.52 16.66 11.25
CA GLU A 97 -0.87 17.50 10.21
C GLU A 97 -1.88 18.08 9.22
N PHE A 98 -2.84 17.26 8.79
CA PHE A 98 -3.92 17.66 7.89
C PHE A 98 -4.77 18.76 8.57
N ARG A 99 -5.06 18.60 9.90
CA ARG A 99 -5.87 19.53 10.70
C ARG A 99 -5.23 20.91 10.82
N LYS A 100 -3.89 20.95 11.09
CA LYS A 100 -3.07 22.17 11.19
C LYS A 100 -3.12 22.95 9.84
N ILE A 101 -2.95 22.23 8.73
CA ILE A 101 -3.02 22.79 7.35
C ILE A 101 -4.43 23.34 7.03
N ALA A 102 -5.47 22.55 7.31
CA ALA A 102 -6.88 22.88 7.05
C ALA A 102 -7.32 24.13 7.82
N ASN A 103 -6.85 24.28 9.06
CA ASN A 103 -7.21 25.38 9.95
C ASN A 103 -6.29 26.60 9.88
N SER A 104 -5.18 26.51 9.14
CA SER A 104 -4.22 27.60 9.00
C SER A 104 -4.84 28.75 8.18
N ASP A 105 -4.35 30.00 8.37
CA ASP A 105 -4.83 31.17 7.63
C ASP A 105 -4.91 30.98 6.09
N LYS A 106 -3.98 30.23 5.51
CA LYS A 106 -3.93 30.00 4.05
C LYS A 106 -5.11 29.18 3.56
N TYR A 107 -5.49 28.13 4.32
CA TYR A 107 -6.51 27.21 3.90
C TYR A 107 -7.85 27.28 4.62
N CYS A 108 -7.98 28.05 5.70
CA CYS A 108 -9.24 28.09 6.46
C CYS A 108 -10.45 28.66 5.67
N THR A 109 -11.66 28.40 6.22
CA THR A 109 -12.92 28.86 5.66
C THR A 109 -12.96 30.38 5.73
N PRO A 110 -13.35 31.05 4.61
CA PRO A 110 -13.47 32.51 4.67
C PRO A 110 -14.64 32.95 5.57
N ARG A 111 -14.62 34.20 6.00
CA ARG A 111 -15.70 34.75 6.79
C ARG A 111 -16.91 34.96 5.84
N TYR A 112 -18.11 34.63 6.33
CA TYR A 112 -19.36 34.79 5.59
C TYR A 112 -20.55 34.86 6.58
N SER A 113 -21.72 35.28 6.09
CA SER A 113 -22.92 35.37 6.92
C SER A 113 -23.84 34.17 6.65
N GLU A 114 -24.46 34.12 5.46
CA GLU A 114 -25.36 33.04 5.03
C GLU A 114 -24.63 32.06 4.08
N PHE A 115 -25.14 30.81 3.91
CA PHE A 115 -24.54 29.80 3.02
C PHE A 115 -24.43 30.29 1.57
N GLU A 116 -25.41 31.07 1.07
CA GLU A 116 -25.43 31.59 -0.30
C GLU A 116 -24.16 32.42 -0.61
N GLU A 117 -23.63 33.13 0.41
CA GLU A 117 -22.40 33.91 0.33
C GLU A 117 -21.20 32.96 0.23
N LEU A 118 -21.17 31.90 1.06
CA LEU A 118 -20.09 30.90 1.05
C LEU A 118 -20.07 30.13 -0.26
N GLU A 119 -21.25 29.78 -0.79
CA GLU A 119 -21.43 29.04 -2.05
C GLU A 119 -20.90 29.91 -3.22
N ARG A 120 -21.12 31.25 -3.16
CA ARG A 120 -20.59 32.16 -4.18
C ARG A 120 -19.06 32.20 -4.09
N LYS A 121 -18.53 32.22 -2.85
CA LYS A 121 -17.09 32.23 -2.59
C LYS A 121 -16.44 30.97 -3.15
N TYR A 122 -17.12 29.83 -3.04
CA TYR A 122 -16.64 28.57 -3.58
C TYR A 122 -16.55 28.59 -5.12
N TRP A 123 -17.63 29.00 -5.84
CA TRP A 123 -17.61 29.07 -7.29
C TRP A 123 -16.67 30.18 -7.86
N LYS A 124 -16.46 31.29 -7.11
CA LYS A 124 -15.56 32.35 -7.51
C LYS A 124 -14.09 31.95 -7.30
N ASN A 125 -13.79 31.12 -6.26
CA ASN A 125 -12.40 30.82 -5.96
C ASN A 125 -11.93 29.37 -6.10
N LEU A 126 -12.69 28.44 -6.75
CA LEU A 126 -12.26 27.03 -6.79
C LEU A 126 -10.99 26.76 -7.60
N THR A 127 -10.64 27.64 -8.56
CA THR A 127 -9.42 27.48 -9.35
C THR A 127 -8.17 28.07 -8.67
N PHE A 128 -8.35 28.79 -7.56
CA PHE A 128 -7.24 29.41 -6.83
C PHE A 128 -6.91 28.62 -5.57
N ASN A 129 -5.71 28.84 -5.02
CA ASN A 129 -5.18 28.21 -3.80
C ASN A 129 -5.59 26.73 -3.64
N PRO A 130 -5.12 25.81 -4.55
CA PRO A 130 -5.52 24.41 -4.48
C PRO A 130 -5.46 23.74 -3.09
N PRO A 131 -6.62 23.23 -2.58
CA PRO A 131 -6.61 22.57 -1.28
C PRO A 131 -6.20 21.09 -1.36
N ILE A 132 -6.04 20.47 -0.19
CA ILE A 132 -5.64 19.07 -0.02
C ILE A 132 -6.87 18.33 0.54
N TYR A 133 -7.24 17.24 -0.12
CA TYR A 133 -8.34 16.41 0.29
C TYR A 133 -7.75 15.10 0.79
N GLY A 134 -8.03 14.77 2.05
CA GLY A 134 -7.57 13.52 2.63
C GLY A 134 -8.58 12.44 2.33
N ALA A 135 -8.75 12.14 1.04
CA ALA A 135 -9.76 11.21 0.48
C ALA A 135 -9.34 9.75 0.43
N ASP A 136 -10.36 8.86 0.35
CA ASP A 136 -10.25 7.41 0.16
C ASP A 136 -9.41 6.69 1.20
N VAL A 137 -9.60 7.04 2.46
CA VAL A 137 -8.83 6.41 3.52
C VAL A 137 -9.54 5.14 3.89
N ASN A 138 -8.90 3.99 3.69
CA ASN A 138 -9.50 2.70 4.07
C ASN A 138 -9.63 2.66 5.59
N GLY A 139 -10.85 2.56 6.07
CA GLY A 139 -11.12 2.51 7.50
C GLY A 139 -12.48 2.97 7.93
N THR A 140 -12.71 2.91 9.25
CA THR A 140 -13.96 3.28 9.90
C THR A 140 -13.69 3.99 11.22
N LEU A 141 -14.65 4.85 11.63
CA LEU A 141 -14.57 5.49 12.94
C LEU A 141 -15.63 4.94 13.90
N TYR A 142 -16.46 3.99 13.42
CA TYR A 142 -17.50 3.33 14.22
C TYR A 142 -16.89 2.38 15.24
N GLU A 143 -17.43 2.38 16.46
CA GLU A 143 -17.02 1.45 17.51
C GLU A 143 -17.66 0.09 17.19
N LYS A 144 -17.00 -1.02 17.56
CA LYS A 144 -17.44 -2.40 17.30
C LYS A 144 -18.89 -2.73 17.73
N HIS A 145 -19.25 -2.40 18.99
CA HIS A 145 -20.56 -2.68 19.61
C HIS A 145 -21.79 -1.98 18.94
N VAL A 146 -21.55 -1.00 18.03
CA VAL A 146 -22.62 -0.26 17.34
C VAL A 146 -23.21 -1.12 16.20
N ASP A 147 -24.49 -1.48 16.33
CA ASP A 147 -25.14 -2.37 15.36
C ASP A 147 -26.05 -1.67 14.36
N GLU A 148 -26.54 -0.47 14.72
CA GLU A 148 -27.42 0.34 13.89
C GLU A 148 -26.63 1.22 12.91
N TRP A 149 -26.93 1.12 11.60
CA TRP A 149 -26.35 1.92 10.54
C TRP A 149 -24.82 1.96 10.57
N ASN A 150 -24.20 0.80 10.82
CA ASN A 150 -22.76 0.67 10.87
C ASN A 150 -22.28 0.49 9.44
N ILE A 151 -21.71 1.55 8.86
CA ILE A 151 -21.22 1.63 7.47
C ILE A 151 -20.25 0.47 7.13
N GLY A 152 -19.55 -0.05 8.15
CA GLY A 152 -18.64 -1.18 8.00
C GLY A 152 -19.33 -2.54 7.89
N ARG A 153 -20.65 -2.62 8.18
CA ARG A 153 -21.46 -3.86 8.13
C ARG A 153 -22.97 -3.59 8.06
N LEU A 154 -23.41 -2.99 6.94
CA LEU A 154 -24.80 -2.58 6.71
C LEU A 154 -25.83 -3.70 6.54
N ARG A 155 -25.38 -4.92 6.18
CA ARG A 155 -26.24 -6.07 5.90
C ARG A 155 -27.28 -5.73 4.81
N THR A 156 -26.80 -5.71 3.56
CA THR A 156 -27.57 -5.42 2.35
C THR A 156 -27.34 -6.59 1.38
N ILE A 157 -28.07 -6.64 0.27
CA ILE A 157 -27.89 -7.73 -0.70
C ILE A 157 -26.51 -7.61 -1.43
N LEU A 158 -25.79 -6.48 -1.25
CA LEU A 158 -24.46 -6.27 -1.82
C LEU A 158 -23.37 -7.20 -1.21
N ASP A 159 -23.69 -7.84 -0.08
CA ASP A 159 -22.78 -8.78 0.60
C ASP A 159 -22.52 -10.06 -0.22
N LEU A 160 -23.41 -10.33 -1.21
CA LEU A 160 -23.31 -11.46 -2.15
C LEU A 160 -22.02 -11.42 -2.97
N VAL A 161 -21.46 -10.22 -3.19
CA VAL A 161 -20.22 -9.99 -3.94
C VAL A 161 -19.02 -10.63 -3.21
N GLU A 162 -18.85 -10.33 -1.92
CA GLU A 162 -17.74 -10.87 -1.12
C GLU A 162 -18.05 -12.29 -0.61
N LYS A 163 -19.33 -12.57 -0.29
CA LYS A 163 -19.78 -13.86 0.25
C LYS A 163 -19.81 -14.98 -0.79
N GLU A 164 -20.25 -14.68 -2.02
CA GLU A 164 -20.33 -15.69 -3.09
C GLU A 164 -19.19 -15.59 -4.11
N SER A 165 -19.00 -14.38 -4.70
CA SER A 165 -17.97 -14.13 -5.72
C SER A 165 -16.55 -14.02 -5.16
N GLY A 166 -16.44 -13.58 -3.90
CA GLY A 166 -15.17 -13.41 -3.19
C GLY A 166 -14.40 -12.17 -3.56
N ILE A 167 -15.03 -11.22 -4.29
CA ILE A 167 -14.38 -9.99 -4.72
C ILE A 167 -14.60 -8.83 -3.73
N THR A 168 -13.49 -8.20 -3.32
CA THR A 168 -13.47 -7.06 -2.41
C THR A 168 -13.07 -5.79 -3.16
N ILE A 169 -14.03 -4.88 -3.37
CA ILE A 169 -13.78 -3.59 -4.01
C ILE A 169 -13.76 -2.53 -2.91
N GLU A 170 -12.52 -2.09 -2.53
CA GLU A 170 -12.26 -1.08 -1.49
C GLU A 170 -13.13 0.17 -1.74
N GLY A 171 -13.88 0.57 -0.71
CA GLY A 171 -14.80 1.71 -0.78
C GLY A 171 -16.21 1.37 -1.25
N VAL A 172 -16.36 0.26 -2.01
CA VAL A 172 -17.65 -0.24 -2.53
C VAL A 172 -18.29 -1.16 -1.47
N ASN A 173 -17.60 -2.24 -1.09
CA ASN A 173 -18.06 -3.18 -0.05
C ASN A 173 -17.33 -2.98 1.29
N THR A 174 -16.40 -1.99 1.38
CA THR A 174 -15.65 -1.69 2.60
C THR A 174 -15.81 -0.18 2.92
N PRO A 175 -15.64 0.30 4.19
CA PRO A 175 -15.81 1.73 4.44
C PRO A 175 -14.58 2.56 4.04
N TYR A 176 -14.83 3.82 3.68
CA TYR A 176 -13.81 4.81 3.31
C TYR A 176 -14.03 6.03 4.16
N LEU A 177 -12.92 6.66 4.55
CA LEU A 177 -12.92 7.89 5.33
C LEU A 177 -12.46 9.06 4.44
N TYR A 178 -13.03 10.26 4.66
CA TYR A 178 -12.71 11.46 3.89
C TYR A 178 -12.46 12.61 4.83
N PHE A 179 -11.21 13.10 4.87
CA PHE A 179 -10.86 14.27 5.68
C PHE A 179 -10.88 15.49 4.77
N GLY A 180 -11.81 16.39 5.02
CA GLY A 180 -11.97 17.56 4.17
C GLY A 180 -11.43 18.84 4.74
N MET A 181 -11.27 19.82 3.86
CA MET A 181 -10.88 21.18 4.20
C MET A 181 -11.67 22.11 3.29
N TRP A 182 -11.77 23.38 3.62
CA TRP A 182 -12.54 24.33 2.83
C TRP A 182 -12.22 24.21 1.36
N LYS A 183 -13.26 24.20 0.50
CA LYS A 183 -13.12 24.23 -0.96
C LYS A 183 -12.71 22.88 -1.58
N THR A 184 -12.58 21.82 -0.77
CA THR A 184 -12.29 20.49 -1.32
C THR A 184 -13.58 20.06 -1.97
N SER A 185 -13.50 19.41 -3.12
CA SER A 185 -14.70 19.10 -3.89
C SER A 185 -14.82 17.65 -4.30
N PHE A 186 -16.05 17.25 -4.61
CA PHE A 186 -16.36 15.97 -5.24
C PHE A 186 -17.19 16.34 -6.45
N ALA A 187 -16.68 15.96 -7.61
CA ALA A 187 -17.23 16.27 -8.93
C ALA A 187 -18.50 15.47 -9.21
N TRP A 188 -19.23 15.82 -10.30
CA TRP A 188 -20.47 15.16 -10.74
C TRP A 188 -20.27 13.70 -11.10
N HIS A 189 -21.03 12.79 -10.45
CA HIS A 189 -20.94 11.34 -10.71
C HIS A 189 -22.11 10.63 -10.05
N THR A 190 -22.35 9.38 -10.47
CA THR A 190 -23.25 8.40 -9.89
C THR A 190 -22.28 7.41 -9.21
N GLU A 191 -22.78 6.46 -8.42
CA GLU A 191 -21.87 5.52 -7.77
C GLU A 191 -21.36 4.47 -8.74
N ASP A 192 -20.30 3.74 -8.36
CA ASP A 192 -19.77 2.65 -9.21
C ASP A 192 -20.92 1.64 -9.38
N MET A 193 -21.17 1.19 -10.63
CA MET A 193 -22.24 0.25 -10.99
C MET A 193 -23.65 0.87 -10.75
N ASP A 194 -23.71 2.20 -10.59
CA ASP A 194 -24.93 2.99 -10.27
C ASP A 194 -25.60 2.46 -8.98
N LEU A 195 -24.77 2.14 -7.96
CA LEU A 195 -25.21 1.63 -6.67
C LEU A 195 -25.72 2.78 -5.81
N TYR A 196 -26.17 2.45 -4.60
CA TYR A 196 -26.56 3.46 -3.61
C TYR A 196 -25.29 3.79 -2.83
N SER A 197 -25.32 4.86 -2.04
CA SER A 197 -24.28 5.17 -1.08
C SER A 197 -24.83 5.75 0.18
N ILE A 198 -24.07 5.55 1.24
CA ILE A 198 -24.36 6.06 2.57
C ILE A 198 -23.16 6.92 2.97
N ASN A 199 -23.43 8.11 3.50
CA ASN A 199 -22.36 9.02 3.90
C ASN A 199 -22.66 9.59 5.29
N TYR A 200 -21.75 9.34 6.24
CA TYR A 200 -21.92 9.85 7.60
C TYR A 200 -20.91 10.93 7.88
N LEU A 201 -21.39 12.09 8.31
CA LEU A 201 -20.50 13.18 8.69
C LEU A 201 -20.17 13.07 10.18
N HIS A 202 -19.00 12.49 10.49
CA HIS A 202 -18.52 12.24 11.86
C HIS A 202 -18.34 13.49 12.71
N PHE A 203 -17.65 14.51 12.17
CA PHE A 203 -17.41 15.76 12.90
C PHE A 203 -17.00 16.85 11.97
N GLY A 204 -16.95 18.07 12.50
CA GLY A 204 -16.48 19.23 11.78
C GLY A 204 -17.50 20.02 11.00
N GLU A 205 -16.97 20.87 10.12
CA GLU A 205 -17.73 21.78 9.29
C GLU A 205 -18.64 21.07 8.28
N PRO A 206 -19.75 21.72 7.86
CA PRO A 206 -20.64 21.05 6.88
C PRO A 206 -20.01 20.64 5.54
N LYS A 207 -20.81 19.82 4.80
CA LYS A 207 -20.59 19.36 3.46
C LYS A 207 -21.89 19.69 2.69
N SER A 208 -21.79 20.49 1.60
CA SER A 208 -22.90 20.84 0.73
C SER A 208 -22.93 19.93 -0.50
N TRP A 209 -24.13 19.59 -0.91
CA TRP A 209 -24.40 18.65 -1.97
C TRP A 209 -25.31 19.29 -3.02
N TYR A 210 -25.16 18.84 -4.27
CA TYR A 210 -26.04 19.19 -5.39
C TYR A 210 -26.47 17.85 -5.92
N SER A 211 -27.76 17.68 -6.26
CA SER A 211 -28.20 16.41 -6.88
C SER A 211 -29.09 16.66 -8.08
N VAL A 212 -29.01 15.76 -9.07
CA VAL A 212 -29.88 15.79 -10.26
C VAL A 212 -30.76 14.55 -10.11
N PRO A 213 -32.12 14.68 -10.18
CA PRO A 213 -32.97 13.49 -10.07
C PRO A 213 -32.59 12.41 -11.08
N PRO A 214 -32.57 11.12 -10.68
CA PRO A 214 -32.29 10.03 -11.66
C PRO A 214 -33.08 10.09 -12.97
N GLU A 215 -34.33 10.62 -12.94
CA GLU A 215 -35.16 10.75 -14.13
C GLU A 215 -34.65 11.83 -15.10
N HIS A 216 -33.74 12.72 -14.64
CA HIS A 216 -33.14 13.77 -15.46
C HIS A 216 -31.61 13.55 -15.71
N GLY A 217 -31.07 12.51 -15.09
CA GLY A 217 -29.66 12.10 -15.21
C GLY A 217 -29.10 12.07 -16.62
N LYS A 218 -29.90 11.56 -17.60
CA LYS A 218 -29.51 11.50 -19.03
C LYS A 218 -29.33 12.89 -19.64
N ARG A 219 -30.13 13.87 -19.15
CA ARG A 219 -30.07 15.28 -19.55
C ARG A 219 -28.74 15.90 -19.14
N LEU A 220 -28.24 15.61 -17.91
CA LEU A 220 -26.93 16.07 -17.45
C LEU A 220 -25.82 15.44 -18.28
N GLU A 221 -25.89 14.13 -18.56
CA GLU A 221 -24.92 13.43 -19.41
C GLU A 221 -24.80 14.06 -20.81
N ARG A 222 -25.97 14.38 -21.46
CA ARG A 222 -26.01 15.01 -22.79
C ARG A 222 -25.36 16.39 -22.72
N LEU A 223 -25.58 17.13 -21.62
CA LEU A 223 -24.98 18.44 -21.39
C LEU A 223 -23.47 18.35 -21.25
N ALA A 224 -23.01 17.46 -20.36
CA ALA A 224 -21.60 17.21 -20.08
C ALA A 224 -20.87 16.69 -21.35
N LYS A 225 -21.51 15.83 -22.17
CA LYS A 225 -20.93 15.30 -23.43
C LYS A 225 -20.71 16.44 -24.43
N GLY A 226 -21.65 17.40 -24.47
CA GLY A 226 -21.60 18.56 -25.35
C GLY A 226 -20.49 19.53 -25.00
N PHE A 227 -20.21 19.71 -23.69
CA PHE A 227 -19.15 20.63 -23.21
C PHE A 227 -17.74 20.06 -23.19
N PHE A 228 -17.60 18.73 -23.17
CA PHE A 228 -16.31 18.05 -23.17
C PHE A 228 -16.32 16.97 -24.25
N PRO A 229 -16.27 17.35 -25.56
CA PRO A 229 -16.35 16.34 -26.65
C PRO A 229 -15.18 15.37 -26.73
N GLY A 230 -13.98 15.85 -26.39
CA GLY A 230 -12.76 15.04 -26.38
C GLY A 230 -12.87 13.93 -25.36
N SER A 231 -13.35 14.28 -24.15
CA SER A 231 -13.56 13.34 -23.05
C SER A 231 -14.63 12.28 -23.40
N ALA A 232 -15.68 12.69 -24.16
CA ALA A 232 -16.77 11.81 -24.58
C ALA A 232 -16.32 10.77 -25.60
N GLN A 233 -15.34 11.11 -26.46
CA GLN A 233 -14.82 10.18 -27.46
C GLN A 233 -13.87 9.18 -26.80
N SER A 234 -12.94 9.68 -25.94
CA SER A 234 -11.96 8.86 -25.22
C SER A 234 -12.59 7.83 -24.27
N CYS A 235 -13.76 8.16 -23.67
CA CYS A 235 -14.49 7.30 -22.74
C CYS A 235 -16.02 7.47 -22.83
N GLU A 236 -16.74 6.33 -22.85
CA GLU A 236 -18.19 6.22 -22.95
C GLU A 236 -18.92 6.53 -21.65
N ALA A 237 -18.16 6.83 -20.58
CA ALA A 237 -18.68 7.15 -19.25
C ALA A 237 -17.64 8.02 -18.50
N PHE A 238 -17.18 9.11 -19.14
CA PHE A 238 -16.12 9.99 -18.59
C PHE A 238 -16.47 10.65 -17.24
N LEU A 239 -17.77 10.78 -16.89
CA LEU A 239 -18.14 11.37 -15.59
C LEU A 239 -17.74 10.46 -14.42
N ARG A 240 -17.44 9.14 -14.69
CA ARG A 240 -16.99 8.18 -13.67
C ARG A 240 -15.53 8.44 -13.27
N HIS A 241 -14.81 9.28 -14.07
CA HIS A 241 -13.43 9.71 -13.77
C HIS A 241 -13.42 10.69 -12.60
N LYS A 242 -14.60 11.28 -12.27
CA LYS A 242 -14.84 12.22 -11.16
C LYS A 242 -13.96 13.47 -11.27
N MET A 243 -13.88 14.04 -12.49
CA MET A 243 -13.07 15.23 -12.76
C MET A 243 -13.89 16.47 -13.12
N THR A 244 -15.15 16.27 -13.51
CA THR A 244 -16.02 17.30 -14.09
C THR A 244 -16.85 18.06 -13.06
N LEU A 245 -16.57 19.37 -12.92
CA LEU A 245 -17.31 20.30 -12.06
C LEU A 245 -18.16 21.23 -12.92
N ILE A 246 -19.46 21.28 -12.63
CA ILE A 246 -20.44 22.12 -13.36
C ILE A 246 -21.22 22.92 -12.29
N SER A 247 -21.26 24.26 -12.40
CA SER A 247 -21.96 25.10 -11.41
C SER A 247 -23.51 25.04 -11.49
N PRO A 248 -24.24 25.25 -10.36
CA PRO A 248 -25.71 25.31 -10.44
C PRO A 248 -26.24 26.29 -11.49
N LEU A 249 -25.58 27.47 -11.67
CA LEU A 249 -25.97 28.49 -12.65
C LEU A 249 -25.89 27.95 -14.08
N MET A 250 -24.87 27.12 -14.37
CA MET A 250 -24.73 26.44 -15.65
C MET A 250 -25.87 25.43 -15.85
N LEU A 251 -26.23 24.67 -14.78
CA LEU A 251 -27.35 23.70 -14.77
C LEU A 251 -28.66 24.43 -15.07
N LYS A 252 -28.89 25.60 -14.41
CA LYS A 252 -30.07 26.45 -14.61
C LYS A 252 -30.18 26.94 -16.05
N LYS A 253 -29.05 27.41 -16.63
CA LYS A 253 -28.94 27.95 -17.98
C LYS A 253 -29.36 26.92 -19.04
N TYR A 254 -29.11 25.63 -18.78
CA TYR A 254 -29.42 24.59 -19.74
C TYR A 254 -30.60 23.70 -19.31
N GLY A 255 -31.42 24.23 -18.40
CA GLY A 255 -32.65 23.61 -17.93
C GLY A 255 -32.52 22.27 -17.24
N ILE A 256 -31.36 21.97 -16.65
CA ILE A 256 -31.19 20.71 -15.92
C ILE A 256 -31.80 20.88 -14.52
N PRO A 257 -32.86 20.12 -14.16
CA PRO A 257 -33.43 20.25 -12.80
C PRO A 257 -32.48 19.70 -11.76
N PHE A 258 -32.35 20.39 -10.62
CA PHE A 258 -31.45 19.97 -9.54
C PHE A 258 -31.94 20.51 -8.22
N ASP A 259 -31.35 20.08 -7.13
CA ASP A 259 -31.66 20.57 -5.80
C ASP A 259 -30.36 20.59 -5.00
N LYS A 260 -30.30 21.42 -3.95
CA LYS A 260 -29.14 21.55 -3.09
C LYS A 260 -29.52 21.27 -1.64
N VAL A 261 -28.56 20.76 -0.86
CA VAL A 261 -28.76 20.47 0.57
C VAL A 261 -27.41 20.58 1.26
N THR A 262 -27.41 21.04 2.54
CA THR A 262 -26.21 21.11 3.39
C THR A 262 -26.32 20.05 4.48
N GLN A 263 -25.33 19.15 4.53
CA GLN A 263 -25.19 18.09 5.52
C GLN A 263 -24.37 18.61 6.72
N GLU A 264 -24.85 18.35 7.92
CA GLU A 264 -24.12 18.81 9.11
C GLU A 264 -23.58 17.65 9.87
N ALA A 265 -22.67 17.91 10.83
CA ALA A 265 -22.07 16.84 11.64
C ALA A 265 -23.16 16.05 12.33
N GLY A 266 -23.07 14.73 12.27
CA GLY A 266 -24.03 13.83 12.88
C GLY A 266 -25.20 13.46 11.99
N GLU A 267 -25.18 13.85 10.70
CA GLU A 267 -26.24 13.52 9.74
C GLU A 267 -25.73 12.60 8.65
N PHE A 268 -26.67 11.80 8.12
CA PHE A 268 -26.47 10.84 7.06
C PHE A 268 -26.99 11.38 5.73
N MET A 269 -26.30 11.06 4.64
CA MET A 269 -26.78 11.34 3.28
C MET A 269 -26.88 10.02 2.57
N ILE A 270 -28.00 9.80 1.85
CA ILE A 270 -28.25 8.59 1.06
C ILE A 270 -28.33 9.02 -0.40
N THR A 271 -27.54 8.38 -1.25
CA THR A 271 -27.56 8.59 -2.70
C THR A 271 -28.24 7.35 -3.28
N PHE A 272 -29.04 7.58 -4.31
CA PHE A 272 -29.86 6.56 -4.94
C PHE A 272 -29.33 6.15 -6.29
N PRO A 273 -29.60 4.91 -6.73
CA PRO A 273 -29.10 4.47 -8.04
C PRO A 273 -29.36 5.47 -9.16
N TYR A 274 -28.29 5.82 -9.90
CA TYR A 274 -28.30 6.74 -11.04
C TYR A 274 -28.63 8.21 -10.61
N GLY A 275 -28.37 8.51 -9.34
CA GLY A 275 -28.52 9.84 -8.78
C GLY A 275 -27.20 10.57 -8.90
N TYR A 276 -27.10 11.50 -9.85
CA TYR A 276 -25.87 12.29 -10.04
C TYR A 276 -25.71 13.28 -8.93
N HIS A 277 -24.49 13.36 -8.35
CA HIS A 277 -24.25 14.30 -7.25
C HIS A 277 -22.83 14.91 -7.28
N ALA A 278 -22.72 16.13 -6.76
CA ALA A 278 -21.48 16.89 -6.66
C ALA A 278 -21.55 17.73 -5.39
N GLY A 279 -20.44 18.31 -4.98
CA GLY A 279 -20.46 19.14 -3.80
C GLY A 279 -19.10 19.52 -3.26
N PHE A 280 -19.10 20.17 -2.11
CA PHE A 280 -17.89 20.69 -1.50
C PHE A 280 -17.94 20.73 0.03
N ASN A 281 -16.76 20.81 0.67
CA ASN A 281 -16.61 20.89 2.13
C ASN A 281 -16.45 22.30 2.56
N HIS A 282 -17.16 22.70 3.64
CA HIS A 282 -17.08 24.07 4.17
C HIS A 282 -15.78 24.30 4.97
N GLY A 283 -15.19 23.23 5.49
CA GLY A 283 -13.99 23.35 6.30
C GLY A 283 -13.54 21.99 6.75
N PHE A 284 -12.64 21.94 7.78
CA PHE A 284 -12.11 20.71 8.38
C PHE A 284 -13.23 19.82 8.87
N ASN A 285 -13.28 18.61 8.35
CA ASN A 285 -14.32 17.64 8.69
C ASN A 285 -13.87 16.22 8.38
N CYS A 286 -14.72 15.25 8.73
CA CYS A 286 -14.51 13.82 8.50
C CYS A 286 -15.84 13.13 8.20
N ALA A 287 -15.93 12.45 7.05
CA ALA A 287 -17.11 11.68 6.61
C ALA A 287 -16.69 10.23 6.36
N GLU A 288 -17.60 9.29 6.61
CA GLU A 288 -17.41 7.87 6.34
C GLU A 288 -18.44 7.47 5.28
N SER A 289 -18.01 6.67 4.33
CA SER A 289 -18.80 6.28 3.17
C SER A 289 -18.60 4.80 2.76
N THR A 290 -19.65 4.22 2.18
CA THR A 290 -19.69 2.90 1.57
C THR A 290 -20.87 2.84 0.60
N ASN A 291 -20.91 1.78 -0.23
CA ASN A 291 -22.00 1.52 -1.16
C ASN A 291 -22.84 0.42 -0.57
N PHE A 292 -24.09 0.35 -1.02
CA PHE A 292 -25.02 -0.69 -0.63
C PHE A 292 -26.04 -0.88 -1.73
N ALA A 293 -26.87 -1.91 -1.61
CA ALA A 293 -27.89 -2.25 -2.60
C ALA A 293 -29.20 -2.69 -1.95
N THR A 294 -30.27 -2.65 -2.74
CA THR A 294 -31.63 -3.15 -2.47
C THR A 294 -31.96 -3.99 -3.72
N ARG A 295 -33.14 -4.66 -3.74
CA ARG A 295 -33.57 -5.45 -4.90
C ARG A 295 -33.76 -4.58 -6.17
N ARG A 296 -34.07 -3.29 -5.99
CA ARG A 296 -34.28 -2.33 -7.07
C ARG A 296 -33.00 -2.03 -7.84
N TRP A 297 -31.85 -2.02 -7.15
CA TRP A 297 -30.57 -1.71 -7.78
C TRP A 297 -30.19 -2.75 -8.85
N ILE A 298 -30.50 -4.04 -8.63
CA ILE A 298 -30.15 -5.15 -9.53
C ILE A 298 -30.29 -4.74 -11.01
N GLU A 299 -31.44 -4.14 -11.40
CA GLU A 299 -31.69 -3.71 -12.76
C GLU A 299 -30.77 -2.59 -13.22
N TYR A 300 -30.49 -1.59 -12.34
CA TYR A 300 -29.58 -0.48 -12.61
C TYR A 300 -28.18 -1.07 -12.84
N GLY A 301 -27.80 -2.04 -12.02
CA GLY A 301 -26.52 -2.75 -12.12
C GLY A 301 -26.29 -3.41 -13.47
N LYS A 302 -27.31 -4.10 -14.01
CA LYS A 302 -27.29 -4.79 -15.33
C LYS A 302 -27.17 -3.80 -16.48
N GLN A 303 -27.72 -2.59 -16.33
CA GLN A 303 -27.74 -1.58 -17.38
C GLN A 303 -26.74 -0.42 -17.24
N ALA A 304 -25.79 -0.53 -16.29
CA ALA A 304 -24.82 0.52 -16.02
C ALA A 304 -23.78 0.69 -17.14
N VAL A 305 -23.61 1.95 -17.62
CA VAL A 305 -22.64 2.31 -18.66
C VAL A 305 -21.34 2.61 -17.90
N LEU A 306 -20.35 1.72 -18.07
CA LEU A 306 -19.09 1.75 -17.34
C LEU A 306 -17.94 2.40 -18.10
N CYS A 307 -16.93 2.86 -17.32
CA CYS A 307 -15.71 3.44 -17.87
C CYS A 307 -14.96 2.35 -18.61
N SER A 308 -14.67 2.62 -19.89
CA SER A 308 -14.00 1.73 -20.84
C SER A 308 -12.50 2.01 -20.97
N CYS A 309 -12.09 3.28 -20.78
CA CYS A 309 -10.72 3.75 -20.95
C CYS A 309 -9.73 3.33 -19.83
N ARG A 310 -10.22 2.77 -18.70
CA ARG A 310 -9.38 2.39 -17.56
C ARG A 310 -9.57 0.91 -17.18
N LYS A 311 -8.44 0.20 -16.97
CA LYS A 311 -8.39 -1.22 -16.64
C LYS A 311 -8.81 -1.56 -15.19
N ASP A 312 -8.42 -0.71 -14.22
CA ASP A 312 -8.66 -0.88 -12.79
C ASP A 312 -10.10 -0.55 -12.29
N MET A 313 -11.00 -0.07 -13.19
CA MET A 313 -12.38 0.36 -12.87
C MET A 313 -13.24 -0.72 -12.18
N VAL A 314 -14.20 -0.24 -11.34
CA VAL A 314 -15.10 -1.10 -10.56
C VAL A 314 -16.19 -1.73 -11.46
N LYS A 315 -16.15 -3.06 -11.55
CA LYS A 315 -17.07 -3.89 -12.33
C LYS A 315 -17.55 -5.07 -11.47
N ILE A 316 -18.87 -5.16 -11.25
CA ILE A 316 -19.46 -6.26 -10.50
C ILE A 316 -20.12 -7.21 -11.50
N SER A 317 -19.90 -8.55 -11.34
CA SER A 317 -20.54 -9.57 -12.18
C SER A 317 -21.99 -9.62 -11.70
N MET A 318 -22.94 -9.38 -12.59
CA MET A 318 -24.36 -9.32 -12.21
C MET A 318 -25.05 -10.68 -12.15
N ASP A 319 -24.46 -11.73 -12.78
CA ASP A 319 -25.01 -13.09 -12.84
C ASP A 319 -25.64 -13.56 -11.54
N VAL A 320 -24.87 -13.56 -10.44
CA VAL A 320 -25.28 -13.98 -9.08
C VAL A 320 -26.57 -13.24 -8.59
N PHE A 321 -26.71 -11.93 -8.92
CA PHE A 321 -27.90 -11.15 -8.53
C PHE A 321 -29.10 -11.53 -9.38
N VAL A 322 -28.87 -11.87 -10.66
CA VAL A 322 -29.92 -12.27 -11.60
C VAL A 322 -30.37 -13.70 -11.30
N ARG A 323 -29.45 -14.59 -10.88
CA ARG A 323 -29.78 -15.99 -10.56
C ARG A 323 -30.58 -16.13 -9.25
N LYS A 324 -30.30 -15.27 -8.26
CA LYS A 324 -30.95 -15.31 -6.94
C LYS A 324 -32.26 -14.50 -6.86
N PHE A 325 -32.29 -13.30 -7.47
CA PHE A 325 -33.45 -12.40 -7.36
C PHE A 325 -34.29 -12.23 -8.65
N GLN A 326 -33.77 -12.68 -9.81
CA GLN A 326 -34.51 -12.64 -11.09
C GLN A 326 -34.39 -14.03 -11.83
N PRO A 327 -34.70 -15.20 -11.17
CA PRO A 327 -34.50 -16.50 -11.86
C PRO A 327 -35.18 -16.66 -13.22
N GLU A 328 -36.37 -16.07 -13.39
CA GLU A 328 -37.16 -16.10 -14.62
C GLU A 328 -36.48 -15.40 -15.81
N ARG A 329 -35.83 -14.24 -15.54
CA ARG A 329 -35.17 -13.40 -16.54
C ARG A 329 -33.70 -13.77 -16.89
N TYR A 330 -33.04 -14.64 -16.09
CA TYR A 330 -31.64 -15.04 -16.29
C TYR A 330 -31.32 -15.48 -17.73
N LYS A 331 -32.13 -16.42 -18.28
CA LYS A 331 -31.96 -16.95 -19.63
C LYS A 331 -32.15 -15.90 -20.70
N LEU A 332 -33.20 -15.06 -20.58
CA LEU A 332 -33.54 -13.97 -21.51
C LEU A 332 -32.41 -12.91 -21.50
N TRP A 333 -31.93 -12.50 -20.29
CA TRP A 333 -30.84 -11.54 -20.08
C TRP A 333 -29.50 -12.06 -20.66
N LYS A 334 -29.18 -13.34 -20.44
CA LYS A 334 -27.96 -13.96 -20.99
C LYS A 334 -27.94 -14.02 -22.52
N ALA A 335 -29.12 -14.20 -23.15
CA ALA A 335 -29.29 -14.24 -24.61
C ALA A 335 -29.29 -12.82 -25.21
N GLY A 336 -29.41 -11.81 -24.34
CA GLY A 336 -29.44 -10.40 -24.72
C GLY A 336 -30.80 -9.98 -25.24
N LYS A 337 -31.87 -10.59 -24.70
CA LYS A 337 -33.26 -10.31 -25.08
C LYS A 337 -34.05 -9.54 -23.98
N ASP A 338 -33.45 -9.30 -22.81
CA ASP A 338 -34.08 -8.58 -21.68
C ASP A 338 -34.18 -7.08 -21.97
N ASN A 339 -35.27 -6.67 -22.62
CA ASN A 339 -35.51 -5.27 -22.98
C ASN A 339 -36.21 -4.45 -21.86
N THR A 340 -35.90 -4.74 -20.57
CA THR A 340 -36.45 -4.06 -19.38
C THR A 340 -36.08 -2.56 -19.39
N VAL A 341 -37.11 -1.71 -19.31
CA VAL A 341 -36.97 -0.26 -19.27
C VAL A 341 -37.24 0.19 -17.83
N ILE A 342 -36.18 0.68 -17.14
CA ILE A 342 -36.23 1.16 -15.74
C ILE A 342 -37.15 2.36 -15.57
N ASP A 343 -38.15 2.24 -14.67
CA ASP A 343 -39.03 3.36 -14.26
C ASP A 343 -38.35 3.89 -12.98
N HIS A 344 -37.77 5.09 -13.05
CA HIS A 344 -37.03 5.70 -11.93
C HIS A 344 -37.91 6.11 -10.74
N THR A 345 -39.21 6.37 -10.98
CA THR A 345 -40.18 6.78 -9.95
C THR A 345 -40.67 5.62 -9.06
N LEU A 346 -40.42 4.37 -9.46
CA LEU A 346 -40.87 3.19 -8.74
C LEU A 346 -40.05 2.84 -7.49
N PRO A 347 -40.68 2.60 -6.31
CA PRO A 347 -39.90 2.22 -5.11
C PRO A 347 -39.43 0.77 -5.17
N THR A 348 -38.50 0.42 -4.27
CA THR A 348 -37.94 -0.92 -4.19
C THR A 348 -39.04 -1.95 -3.79
N PRO A 349 -39.05 -3.20 -4.34
CA PRO A 349 -40.09 -4.18 -3.95
C PRO A 349 -40.36 -4.32 -2.44
N GLU A 350 -39.32 -4.17 -1.60
CA GLU A 350 -39.35 -4.21 -0.13
C GLU A 350 -40.21 -3.07 0.51
N ALA A 351 -40.54 -2.03 -0.28
CA ALA A 351 -41.33 -0.88 0.18
C ALA A 351 -42.85 -1.16 0.27
N ALA A 352 -43.27 -2.36 -0.17
CA ALA A 352 -44.66 -2.84 -0.22
C ALA A 352 -45.42 -2.82 1.11
N GLU A 353 -44.76 -3.22 2.23
CA GLU A 353 -45.35 -3.25 3.58
C GLU A 353 -45.75 -1.83 4.06
N PHE A 354 -45.23 -0.79 3.38
CA PHE A 354 -45.52 0.64 3.62
C PHE A 354 -46.48 1.20 2.54
N LEU A 355 -46.99 0.31 1.64
CA LEU A 355 -47.90 0.68 0.54
C LEU A 355 -49.06 -0.31 0.45
N GLU B 5 9.58 -23.83 7.71
CA GLU B 5 9.11 -23.37 6.40
C GLU B 5 10.16 -22.49 5.71
N SER B 6 10.50 -21.34 6.34
CA SER B 6 11.53 -20.41 5.88
C SER B 6 12.91 -20.96 6.27
N GLU B 7 12.93 -21.81 7.34
CA GLU B 7 14.10 -22.48 7.91
C GLU B 7 14.58 -23.70 7.06
N THR B 8 13.80 -24.07 6.03
CA THR B 8 14.09 -25.17 5.10
C THR B 8 15.08 -24.74 4.01
N LEU B 9 15.05 -23.44 3.61
CA LEU B 9 15.93 -22.87 2.57
C LEU B 9 17.26 -22.40 3.18
N ASN B 10 18.38 -22.91 2.61
CA ASN B 10 19.75 -22.63 3.06
C ASN B 10 19.85 -22.85 4.60
N PRO B 11 19.53 -24.07 5.12
CA PRO B 11 19.52 -24.27 6.58
C PRO B 11 20.88 -24.15 7.28
N SER B 12 21.98 -24.32 6.52
CA SER B 12 23.35 -24.21 7.03
C SER B 12 23.85 -22.73 7.01
N ALA B 13 23.04 -21.82 6.43
CA ALA B 13 23.30 -20.37 6.32
C ALA B 13 24.66 -20.05 5.65
N ARG B 14 25.07 -20.84 4.63
CA ARG B 14 26.35 -20.62 3.97
C ARG B 14 26.23 -19.60 2.87
N ILE B 15 27.33 -18.94 2.50
CA ILE B 15 27.37 -17.96 1.42
C ILE B 15 27.05 -18.64 0.12
N MET B 16 26.01 -18.14 -0.55
CA MET B 16 25.55 -18.63 -1.87
C MET B 16 26.02 -17.73 -3.01
N THR B 17 26.25 -18.33 -4.20
CA THR B 17 26.74 -17.63 -5.39
C THR B 17 25.69 -17.74 -6.49
N PHE B 18 25.42 -16.64 -7.18
CA PHE B 18 24.40 -16.60 -8.23
C PHE B 18 24.97 -16.16 -9.55
N TYR B 19 24.54 -16.85 -10.62
CA TYR B 19 24.97 -16.59 -11.98
C TYR B 19 23.72 -16.21 -12.83
N PRO B 20 23.11 -15.01 -12.64
CA PRO B 20 21.94 -14.65 -13.48
C PRO B 20 22.24 -14.49 -14.97
N THR B 21 21.23 -14.83 -15.80
CA THR B 21 21.27 -14.63 -17.26
C THR B 21 21.07 -13.12 -17.45
N MET B 22 21.15 -12.61 -18.71
CA MET B 22 20.93 -11.18 -18.95
C MET B 22 19.49 -10.77 -18.61
N GLU B 23 18.48 -11.61 -18.96
CA GLU B 23 17.07 -11.37 -18.65
C GLU B 23 16.82 -11.31 -17.13
N GLU B 24 17.38 -12.27 -16.36
CA GLU B 24 17.28 -12.33 -14.89
C GLU B 24 18.00 -11.12 -14.23
N PHE B 25 19.11 -10.65 -14.85
CA PHE B 25 19.95 -9.57 -14.35
C PHE B 25 19.32 -8.18 -14.41
N ARG B 26 18.58 -7.89 -15.47
CA ARG B 26 17.94 -6.60 -15.76
C ARG B 26 17.15 -5.96 -14.61
N ASN B 27 16.40 -6.76 -13.82
CA ASN B 27 15.62 -6.22 -12.71
C ASN B 27 16.33 -6.47 -11.37
N PHE B 28 17.06 -5.42 -10.87
CA PHE B 28 17.84 -5.47 -9.63
C PHE B 28 17.02 -5.95 -8.44
N SER B 29 15.90 -5.24 -8.13
CA SER B 29 14.98 -5.48 -7.02
C SER B 29 14.32 -6.86 -7.09
N ARG B 30 13.84 -7.25 -8.28
CA ARG B 30 13.27 -8.57 -8.48
C ARG B 30 14.38 -9.60 -8.27
N TYR B 31 15.63 -9.33 -8.71
CA TYR B 31 16.70 -10.31 -8.45
C TYR B 31 17.06 -10.45 -6.98
N ILE B 32 16.97 -9.35 -6.20
CA ILE B 32 17.21 -9.40 -4.76
C ILE B 32 16.17 -10.28 -4.10
N ALA B 33 14.89 -10.15 -4.54
CA ALA B 33 13.76 -10.92 -4.04
C ALA B 33 13.92 -12.41 -4.37
N TYR B 34 14.45 -12.73 -5.56
CA TYR B 34 14.70 -14.12 -5.95
C TYR B 34 15.82 -14.75 -5.11
N ILE B 35 16.93 -14.03 -4.84
CA ILE B 35 18.02 -14.63 -4.05
C ILE B 35 17.57 -14.92 -2.59
N GLU B 36 16.65 -14.09 -2.04
CA GLU B 36 16.09 -14.28 -0.71
C GLU B 36 15.18 -15.49 -0.64
N SER B 37 14.36 -15.71 -1.70
CA SER B 37 13.50 -16.90 -1.86
C SER B 37 14.34 -18.22 -1.89
N GLN B 38 15.63 -18.12 -2.19
CA GLN B 38 16.60 -19.22 -2.20
C GLN B 38 17.34 -19.36 -0.87
N GLY B 39 17.07 -18.45 0.08
CA GLY B 39 17.67 -18.44 1.42
C GLY B 39 19.03 -17.77 1.54
N ALA B 40 19.45 -16.99 0.50
CA ALA B 40 20.77 -16.32 0.50
C ALA B 40 21.00 -15.35 1.66
N HIS B 41 19.91 -14.68 2.11
CA HIS B 41 19.97 -13.69 3.19
C HIS B 41 20.42 -14.28 4.53
N ARG B 42 20.25 -15.60 4.71
CA ARG B 42 20.59 -16.30 5.97
C ARG B 42 22.08 -16.28 6.31
N ALA B 43 22.96 -16.24 5.28
CA ALA B 43 24.42 -16.14 5.45
C ALA B 43 24.86 -14.70 5.79
N GLY B 44 24.02 -13.72 5.43
CA GLY B 44 24.25 -12.30 5.66
C GLY B 44 25.04 -11.68 4.53
N LEU B 45 25.52 -12.53 3.62
CA LEU B 45 26.37 -12.13 2.50
C LEU B 45 26.14 -13.07 1.32
N ALA B 46 26.02 -12.53 0.08
CA ALA B 46 25.86 -13.30 -1.17
C ALA B 46 26.73 -12.74 -2.30
N LYS B 47 27.16 -13.62 -3.20
CA LYS B 47 27.94 -13.22 -4.36
C LYS B 47 27.04 -13.28 -5.58
N VAL B 48 27.13 -12.28 -6.48
CA VAL B 48 26.38 -12.28 -7.73
C VAL B 48 27.37 -12.04 -8.83
N VAL B 49 27.51 -13.05 -9.73
CA VAL B 49 28.39 -13.00 -10.88
C VAL B 49 27.50 -12.55 -12.03
N PRO B 50 27.74 -11.35 -12.59
CA PRO B 50 26.88 -10.87 -13.68
C PRO B 50 27.10 -11.62 -14.99
N PRO B 51 26.16 -11.57 -15.96
CA PRO B 51 26.42 -12.18 -17.27
C PRO B 51 27.64 -11.54 -17.96
N LYS B 52 28.48 -12.37 -18.65
CA LYS B 52 29.73 -11.98 -19.29
C LYS B 52 29.62 -10.85 -20.33
N GLU B 53 28.43 -10.70 -20.94
CA GLU B 53 28.15 -9.66 -21.93
C GLU B 53 27.97 -8.28 -21.28
N TRP B 54 27.77 -8.25 -19.94
CA TRP B 54 27.56 -7.00 -19.19
C TRP B 54 28.85 -6.37 -18.67
N LYS B 55 28.99 -5.06 -18.89
CA LYS B 55 30.14 -4.24 -18.49
C LYS B 55 29.63 -2.88 -17.97
N PRO B 56 30.01 -2.43 -16.76
CA PRO B 56 29.52 -1.11 -16.28
C PRO B 56 30.24 0.08 -16.93
N ARG B 57 31.45 -0.18 -17.50
CA ARG B 57 32.36 0.79 -18.11
C ARG B 57 33.20 0.03 -19.16
N ALA B 58 33.45 0.66 -20.35
CA ALA B 58 34.22 0.00 -21.40
C ALA B 58 35.71 -0.15 -21.08
N SER B 59 36.28 0.82 -20.34
CA SER B 59 37.72 0.84 -20.02
C SER B 59 38.03 1.52 -18.69
N TYR B 60 39.09 1.08 -17.99
CA TYR B 60 39.53 1.76 -16.76
C TYR B 60 40.86 2.55 -16.97
N ASP B 61 41.12 2.98 -18.23
CA ASP B 61 42.36 3.67 -18.61
C ASP B 61 42.28 5.20 -18.52
N ASP B 62 41.17 5.73 -18.00
CA ASP B 62 40.87 7.17 -17.94
C ASP B 62 40.56 7.71 -16.51
N ILE B 63 40.95 6.98 -15.46
CA ILE B 63 40.64 7.42 -14.09
C ILE B 63 41.87 7.85 -13.27
N ASP B 64 43.06 7.95 -13.91
CA ASP B 64 44.31 8.33 -13.23
C ASP B 64 44.30 9.72 -12.60
N ASP B 65 43.52 10.65 -13.17
CA ASP B 65 43.36 12.02 -12.68
C ASP B 65 42.32 12.15 -11.56
N LEU B 66 41.58 11.06 -11.25
CA LEU B 66 40.58 11.06 -10.20
C LEU B 66 41.26 11.29 -8.85
N VAL B 67 40.67 12.20 -8.06
CA VAL B 67 41.17 12.57 -6.74
C VAL B 67 40.49 11.76 -5.65
N ILE B 68 41.32 11.31 -4.70
CA ILE B 68 40.97 10.66 -3.43
C ILE B 68 41.27 11.83 -2.46
N PRO B 69 40.23 12.58 -2.00
CA PRO B 69 40.50 13.74 -1.14
C PRO B 69 40.98 13.43 0.27
N ALA B 70 40.59 12.29 0.84
CA ALA B 70 40.94 11.94 2.23
C ALA B 70 41.47 10.52 2.36
N PRO B 71 42.69 10.24 1.84
CA PRO B 71 43.25 8.88 1.97
C PRO B 71 43.49 8.58 3.45
N ILE B 72 43.32 7.32 3.87
CA ILE B 72 43.50 7.00 5.30
C ILE B 72 44.61 5.95 5.51
N GLN B 73 45.59 6.27 6.38
CA GLN B 73 46.62 5.33 6.76
C GLN B 73 46.01 4.48 7.90
N GLN B 74 45.96 3.14 7.73
CA GLN B 74 45.34 2.31 8.78
C GLN B 74 46.33 1.77 9.78
N LEU B 75 46.34 2.35 10.98
CA LEU B 75 47.18 1.88 12.07
C LEU B 75 46.43 0.85 12.90
N VAL B 76 46.95 -0.36 13.02
CA VAL B 76 46.31 -1.45 13.74
C VAL B 76 47.15 -1.77 14.99
N THR B 77 46.47 -1.95 16.12
CA THR B 77 47.06 -2.33 17.41
C THR B 77 46.34 -3.57 17.96
N GLY B 78 47.09 -4.48 18.52
CA GLY B 78 46.54 -5.69 19.13
C GLY B 78 47.44 -6.91 19.06
N GLN B 79 46.87 -8.04 19.45
CA GLN B 79 47.53 -9.35 19.52
C GLN B 79 46.44 -10.40 19.77
N SER B 80 46.81 -11.68 19.63
CA SER B 80 45.97 -12.86 19.87
C SER B 80 44.63 -12.80 19.11
N GLY B 81 44.67 -12.36 17.86
CA GLY B 81 43.48 -12.22 17.00
C GLY B 81 42.53 -11.11 17.34
N LEU B 82 42.89 -10.19 18.26
CA LEU B 82 42.05 -9.06 18.68
C LEU B 82 42.74 -7.73 18.43
N PHE B 83 42.18 -6.89 17.54
CA PHE B 83 42.81 -5.63 17.13
C PHE B 83 41.88 -4.45 17.05
N THR B 84 42.45 -3.24 17.24
CA THR B 84 41.78 -1.95 17.08
C THR B 84 42.48 -1.22 15.94
N GLN B 85 41.71 -0.72 14.98
CA GLN B 85 42.24 0.00 13.80
C GLN B 85 41.97 1.49 13.97
N TYR B 86 43.00 2.32 13.85
CA TYR B 86 42.92 3.78 13.99
C TYR B 86 43.21 4.42 12.63
N ASN B 87 42.44 5.43 12.26
CA ASN B 87 42.64 6.11 10.98
C ASN B 87 43.43 7.37 11.12
N ILE B 88 44.36 7.57 10.21
CA ILE B 88 45.16 8.78 10.13
C ILE B 88 44.91 9.34 8.74
N GLN B 89 44.21 10.48 8.64
CA GLN B 89 43.93 11.13 7.36
C GLN B 89 45.22 11.73 6.77
N LYS B 90 45.53 11.38 5.52
CA LYS B 90 46.70 11.89 4.81
C LYS B 90 46.22 12.89 3.76
N LYS B 91 47.14 13.60 3.08
CA LYS B 91 46.77 14.60 2.09
C LYS B 91 46.20 13.98 0.81
N ALA B 92 45.30 14.72 0.12
CA ALA B 92 44.67 14.32 -1.14
C ALA B 92 45.71 13.83 -2.16
N MET B 93 45.33 12.83 -2.95
CA MET B 93 46.22 12.29 -3.98
C MET B 93 45.41 11.74 -5.11
N THR B 94 45.98 11.65 -6.30
CA THR B 94 45.28 11.11 -7.46
C THR B 94 45.34 9.57 -7.42
N VAL B 95 44.52 8.90 -8.23
CA VAL B 95 44.55 7.45 -8.40
C VAL B 95 45.92 7.01 -8.95
N ARG B 96 46.57 7.88 -9.76
N ARG B 96 46.58 7.87 -9.77
CA ARG B 96 47.89 7.70 -10.37
CA ARG B 96 47.91 7.61 -10.34
C ARG B 96 48.97 7.50 -9.28
C ARG B 96 48.97 7.45 -9.24
N GLU B 97 48.98 8.39 -8.27
CA GLU B 97 49.90 8.41 -7.12
C GLU B 97 49.57 7.27 -6.16
N PHE B 98 48.27 7.00 -5.97
CA PHE B 98 47.82 5.92 -5.12
C PHE B 98 48.33 4.56 -5.69
N ARG B 99 48.13 4.31 -6.99
CA ARG B 99 48.54 3.11 -7.70
C ARG B 99 50.06 2.88 -7.59
N LYS B 100 50.87 3.95 -7.79
CA LYS B 100 52.34 3.93 -7.70
C LYS B 100 52.80 3.47 -6.30
N ILE B 101 52.20 4.03 -5.24
CA ILE B 101 52.45 3.67 -3.82
C ILE B 101 51.96 2.22 -3.56
N ALA B 102 50.76 1.87 -4.08
CA ALA B 102 50.20 0.51 -3.90
C ALA B 102 51.08 -0.62 -4.50
N ASN B 103 51.74 -0.35 -5.64
CA ASN B 103 52.56 -1.35 -6.37
C ASN B 103 54.06 -1.29 -6.00
N SER B 104 54.45 -0.27 -5.22
CA SER B 104 55.82 -0.07 -4.72
C SER B 104 56.26 -1.24 -3.87
N ASP B 105 57.58 -1.43 -3.75
CA ASP B 105 58.21 -2.51 -2.98
C ASP B 105 57.75 -2.52 -1.52
N LYS B 106 57.69 -1.32 -0.91
CA LYS B 106 57.23 -1.13 0.46
C LYS B 106 55.78 -1.66 0.69
N TYR B 107 54.85 -1.43 -0.27
CA TYR B 107 53.44 -1.80 -0.04
C TYR B 107 52.81 -2.95 -0.85
N CYS B 108 53.48 -3.48 -1.88
N CYS B 108 53.44 -3.45 -1.93
CA CYS B 108 52.92 -4.54 -2.74
CA CYS B 108 52.81 -4.48 -2.77
C CYS B 108 52.59 -5.85 -1.99
C CYS B 108 52.59 -5.83 -2.03
N THR B 109 51.68 -6.66 -2.57
CA THR B 109 51.27 -7.97 -2.05
C THR B 109 52.45 -8.93 -1.92
N PRO B 110 52.55 -9.74 -0.84
CA PRO B 110 53.65 -10.72 -0.77
C PRO B 110 53.39 -11.89 -1.73
N ARG B 111 54.46 -12.58 -2.16
CA ARG B 111 54.40 -13.75 -3.02
C ARG B 111 53.65 -14.85 -2.27
N TYR B 112 52.72 -15.54 -2.96
CA TYR B 112 51.91 -16.60 -2.35
C TYR B 112 51.39 -17.58 -3.38
N SER B 113 51.14 -18.84 -2.95
CA SER B 113 50.59 -19.88 -3.81
C SER B 113 49.08 -20.01 -3.56
N GLU B 114 48.70 -20.45 -2.35
CA GLU B 114 47.30 -20.64 -1.95
C GLU B 114 46.78 -19.41 -1.19
N PHE B 115 45.45 -19.21 -1.17
CA PHE B 115 44.81 -18.12 -0.44
C PHE B 115 45.03 -18.21 1.09
N GLU B 116 45.01 -19.41 1.66
CA GLU B 116 45.23 -19.68 3.08
C GLU B 116 46.56 -19.08 3.56
N GLU B 117 47.57 -19.06 2.65
CA GLU B 117 48.91 -18.51 2.88
C GLU B 117 48.82 -16.98 2.97
N LEU B 118 48.07 -16.35 2.06
CA LEU B 118 47.92 -14.89 2.05
C LEU B 118 47.16 -14.42 3.29
N GLU B 119 46.11 -15.16 3.66
CA GLU B 119 45.27 -14.96 4.84
C GLU B 119 46.16 -15.04 6.10
N ARG B 120 47.02 -16.05 6.19
CA ARG B 120 47.98 -16.18 7.29
C ARG B 120 48.88 -14.95 7.35
N LYS B 121 49.45 -14.52 6.18
CA LYS B 121 50.32 -13.35 6.07
C LYS B 121 49.62 -12.07 6.53
N TYR B 122 48.32 -11.94 6.23
CA TYR B 122 47.52 -10.81 6.63
C TYR B 122 47.37 -10.75 8.17
N TRP B 123 46.88 -11.84 8.82
CA TRP B 123 46.66 -11.91 10.26
C TRP B 123 47.98 -11.83 11.06
N LYS B 124 49.10 -12.15 10.43
CA LYS B 124 50.41 -12.05 11.08
C LYS B 124 50.98 -10.63 10.97
N ASN B 125 50.78 -9.97 9.82
CA ASN B 125 51.41 -8.68 9.56
C ASN B 125 50.52 -7.48 9.60
N LEU B 126 49.23 -7.64 10.01
CA LEU B 126 48.30 -6.49 9.95
C LEU B 126 48.71 -5.28 10.81
N THR B 127 49.52 -5.48 11.90
CA THR B 127 49.98 -4.38 12.75
C THR B 127 51.30 -3.74 12.26
N PHE B 128 51.97 -4.33 11.24
CA PHE B 128 53.21 -3.75 10.73
C PHE B 128 52.97 -2.98 9.44
N ASN B 129 53.87 -2.05 9.11
CA ASN B 129 53.86 -1.24 7.89
C ASN B 129 52.46 -0.75 7.53
N PRO B 130 51.88 0.20 8.31
CA PRO B 130 50.52 0.71 8.02
C PRO B 130 50.21 1.07 6.55
N PRO B 131 49.24 0.40 5.91
CA PRO B 131 48.92 0.72 4.51
C PRO B 131 48.03 1.95 4.38
N ILE B 132 47.82 2.43 3.14
CA ILE B 132 46.95 3.59 2.88
C ILE B 132 45.71 3.10 2.11
N TYR B 133 44.53 3.49 2.59
CA TYR B 133 43.26 3.11 2.00
C TYR B 133 42.61 4.35 1.41
N GLY B 134 42.36 4.32 0.10
CA GLY B 134 41.68 5.38 -0.65
C GLY B 134 40.19 5.19 -0.54
N ALA B 135 39.65 5.22 0.70
CA ALA B 135 38.27 4.94 1.10
C ALA B 135 37.29 6.11 1.04
N ASP B 136 35.98 5.80 0.90
CA ASP B 136 34.85 6.71 0.92
C ASP B 136 34.95 7.89 -0.05
N VAL B 137 35.35 7.64 -1.29
CA VAL B 137 35.42 8.73 -2.28
C VAL B 137 34.01 8.84 -2.87
N ASN B 138 33.41 10.02 -2.86
CA ASN B 138 32.10 10.24 -3.48
C ASN B 138 32.32 10.16 -4.99
N GLY B 139 31.70 9.17 -5.61
CA GLY B 139 31.80 8.98 -7.05
C GLY B 139 31.37 7.62 -7.53
N THR B 140 31.34 7.46 -8.85
CA THR B 140 30.94 6.24 -9.55
C THR B 140 31.87 6.02 -10.72
N LEU B 141 32.04 4.76 -11.12
CA LEU B 141 32.82 4.41 -12.31
C LEU B 141 31.90 3.88 -13.42
N TYR B 142 30.59 3.87 -13.19
CA TYR B 142 29.63 3.45 -14.20
C TYR B 142 29.48 4.54 -15.23
N GLU B 143 29.31 4.13 -16.50
CA GLU B 143 29.01 5.07 -17.56
C GLU B 143 27.50 5.41 -17.43
N LYS B 144 27.09 6.66 -17.82
CA LYS B 144 25.70 7.17 -17.67
C LYS B 144 24.59 6.30 -18.31
N HIS B 145 24.89 5.60 -19.42
CA HIS B 145 23.90 4.78 -20.14
C HIS B 145 23.61 3.40 -19.48
N VAL B 146 24.38 3.01 -18.44
CA VAL B 146 24.22 1.70 -17.79
C VAL B 146 22.97 1.71 -16.89
N ASP B 147 21.98 0.91 -17.27
CA ASP B 147 20.70 0.80 -16.55
C ASP B 147 20.61 -0.37 -15.62
N GLU B 148 21.43 -1.40 -15.81
CA GLU B 148 21.37 -2.61 -14.99
C GLU B 148 22.38 -2.54 -13.85
N TRP B 149 21.88 -2.79 -12.63
CA TRP B 149 22.66 -2.82 -11.40
C TRP B 149 23.50 -1.56 -11.22
N ASN B 150 22.96 -0.41 -11.66
CA ASN B 150 23.66 0.87 -11.55
C ASN B 150 23.60 1.35 -10.12
N ILE B 151 24.73 1.16 -9.39
CA ILE B 151 24.96 1.48 -7.98
C ILE B 151 24.62 2.96 -7.64
N GLY B 152 24.77 3.85 -8.61
CA GLY B 152 24.48 5.28 -8.42
C GLY B 152 23.01 5.63 -8.40
N ARG B 153 22.16 4.69 -8.89
CA ARG B 153 20.69 4.85 -9.00
C ARG B 153 19.96 3.49 -9.04
N LEU B 154 19.93 2.78 -7.88
CA LEU B 154 19.23 1.48 -7.82
C LEU B 154 17.70 1.60 -7.76
N ARG B 155 17.17 2.78 -7.36
CA ARG B 155 15.75 3.13 -7.25
C ARG B 155 14.97 2.13 -6.38
N THR B 156 15.50 1.83 -5.18
CA THR B 156 14.82 0.97 -4.20
C THR B 156 13.99 1.91 -3.31
N ILE B 157 13.27 1.36 -2.30
CA ILE B 157 12.47 2.20 -1.38
C ILE B 157 13.36 3.09 -0.48
N LEU B 158 14.70 2.87 -0.46
CA LEU B 158 15.60 3.74 0.29
C LEU B 158 15.55 5.20 -0.18
N ASP B 159 15.13 5.41 -1.46
CA ASP B 159 14.94 6.73 -2.10
C ASP B 159 13.93 7.61 -1.37
N LEU B 160 13.07 7.00 -0.53
CA LEU B 160 12.05 7.71 0.24
C LEU B 160 12.59 8.58 1.36
N VAL B 161 13.86 8.36 1.80
CA VAL B 161 14.53 9.12 2.88
C VAL B 161 14.43 10.64 2.66
N GLU B 162 14.00 11.35 3.73
CA GLU B 162 13.78 12.80 3.79
C GLU B 162 14.81 13.47 4.69
N GLY B 171 25.18 10.98 2.47
CA GLY B 171 24.12 10.22 1.83
C GLY B 171 24.44 8.75 1.65
N VAL B 172 23.57 7.85 2.19
CA VAL B 172 23.71 6.38 2.11
C VAL B 172 23.00 5.82 0.87
N ASN B 173 22.44 6.70 0.06
CA ASN B 173 21.74 6.43 -1.18
C ASN B 173 22.66 6.79 -2.36
N THR B 174 23.84 7.41 -2.07
CA THR B 174 24.82 7.85 -3.07
C THR B 174 26.01 6.86 -3.20
N PRO B 175 26.70 6.79 -4.36
CA PRO B 175 27.81 5.82 -4.51
C PRO B 175 29.15 6.22 -3.90
N TYR B 176 29.92 5.23 -3.43
CA TYR B 176 31.26 5.47 -2.89
C TYR B 176 32.27 4.55 -3.53
N LEU B 177 33.46 5.08 -3.77
CA LEU B 177 34.60 4.33 -4.35
C LEU B 177 35.65 4.04 -3.29
N TYR B 178 36.26 2.85 -3.34
CA TYR B 178 37.32 2.40 -2.45
C TYR B 178 38.49 1.88 -3.26
N PHE B 179 39.61 2.58 -3.17
CA PHE B 179 40.89 2.22 -3.77
C PHE B 179 41.70 1.49 -2.70
N GLY B 180 41.83 0.19 -2.83
CA GLY B 180 42.57 -0.57 -1.83
C GLY B 180 43.98 -0.90 -2.25
N MET B 181 44.76 -1.34 -1.26
CA MET B 181 46.09 -1.86 -1.44
C MET B 181 46.20 -3.03 -0.53
N TRP B 182 47.27 -3.78 -0.67
CA TRP B 182 47.48 -4.94 0.16
C TRP B 182 47.34 -4.60 1.64
N LYS B 183 46.58 -5.43 2.36
CA LYS B 183 46.44 -5.39 3.80
C LYS B 183 45.50 -4.24 4.30
N THR B 184 44.77 -3.55 3.37
CA THR B 184 43.79 -2.53 3.78
C THR B 184 42.60 -3.31 4.24
N SER B 185 41.96 -2.87 5.30
CA SER B 185 40.86 -3.64 5.87
C SER B 185 39.60 -2.91 6.28
N PHE B 186 38.53 -3.68 6.37
CA PHE B 186 37.29 -3.18 6.91
C PHE B 186 36.95 -4.07 8.11
N ALA B 187 36.71 -3.40 9.23
CA ALA B 187 36.41 -4.02 10.49
C ALA B 187 35.01 -4.59 10.60
N TRP B 188 34.80 -5.46 11.58
CA TRP B 188 33.47 -6.04 11.81
C TRP B 188 32.37 -4.97 11.98
N HIS B 189 31.29 -5.09 11.19
CA HIS B 189 30.19 -4.13 11.30
C HIS B 189 29.02 -4.61 10.48
N THR B 190 27.84 -4.11 10.82
CA THR B 190 26.63 -4.21 9.99
C THR B 190 26.54 -2.83 9.30
N GLU B 191 25.65 -2.69 8.32
CA GLU B 191 25.48 -1.40 7.65
C GLU B 191 24.77 -0.39 8.57
N ASP B 192 24.87 0.91 8.22
CA ASP B 192 24.19 1.95 8.99
C ASP B 192 22.72 1.66 8.87
N MET B 193 21.98 1.75 10.01
CA MET B 193 20.54 1.48 10.09
C MET B 193 20.22 0.01 9.76
N ASP B 194 21.25 -0.86 9.79
CA ASP B 194 21.17 -2.29 9.43
C ASP B 194 20.56 -2.46 8.01
N LEU B 195 20.97 -1.57 7.08
CA LEU B 195 20.53 -1.65 5.69
C LEU B 195 21.28 -2.77 4.95
N TYR B 196 20.90 -2.94 3.72
CA TYR B 196 21.57 -3.82 2.78
C TYR B 196 22.67 -2.98 2.17
N SER B 197 23.64 -3.64 1.55
CA SER B 197 24.68 -2.97 0.78
C SER B 197 24.99 -3.80 -0.46
N ILE B 198 25.56 -3.11 -1.44
CA ILE B 198 25.95 -3.70 -2.68
C ILE B 198 27.38 -3.22 -2.91
N ASN B 199 28.24 -4.14 -3.35
CA ASN B 199 29.64 -3.84 -3.59
C ASN B 199 30.05 -4.48 -4.86
N TYR B 200 30.51 -3.66 -5.80
CA TYR B 200 31.04 -4.14 -7.05
C TYR B 200 32.55 -3.92 -7.11
N LEU B 201 33.29 -4.98 -7.44
CA LEU B 201 34.74 -4.90 -7.60
C LEU B 201 35.02 -4.60 -9.10
N HIS B 202 35.37 -3.33 -9.41
CA HIS B 202 35.62 -2.82 -10.76
C HIS B 202 36.78 -3.47 -11.46
N PHE B 203 37.95 -3.48 -10.81
CA PHE B 203 39.17 -4.05 -11.40
C PHE B 203 40.13 -4.34 -10.27
N GLY B 204 41.23 -4.99 -10.58
CA GLY B 204 42.31 -5.19 -9.63
C GLY B 204 42.35 -6.49 -8.90
N GLU B 205 43.08 -6.49 -7.79
CA GLU B 205 43.27 -7.68 -6.99
C GLU B 205 42.05 -8.01 -6.14
N PRO B 206 41.88 -9.29 -5.71
CA PRO B 206 40.67 -9.63 -4.94
C PRO B 206 40.49 -8.90 -3.61
N LYS B 207 39.30 -9.13 -3.04
CA LYS B 207 38.87 -8.63 -1.76
C LYS B 207 38.24 -9.86 -1.04
N SER B 208 38.80 -10.27 0.12
CA SER B 208 38.29 -11.35 0.95
C SER B 208 37.38 -10.81 2.05
N TRP B 209 36.33 -11.56 2.34
CA TRP B 209 35.25 -11.22 3.26
C TRP B 209 35.02 -12.33 4.22
N TYR B 210 34.65 -11.97 5.44
CA TYR B 210 34.22 -12.85 6.51
C TYR B 210 32.85 -12.34 6.84
N SER B 211 31.94 -13.24 7.23
N SER B 211 31.96 -13.25 7.23
CA SER B 211 30.56 -12.90 7.55
CA SER B 211 30.55 -12.96 7.49
C SER B 211 30.01 -13.80 8.62
C SER B 211 30.02 -13.82 8.63
N VAL B 212 29.15 -13.26 9.48
CA VAL B 212 28.49 -13.98 10.56
C VAL B 212 26.97 -13.96 10.18
N PRO B 213 26.26 -15.13 10.15
CA PRO B 213 24.82 -15.09 9.82
C PRO B 213 24.00 -14.14 10.72
N PRO B 214 23.05 -13.32 10.18
CA PRO B 214 22.20 -12.45 11.05
C PRO B 214 21.58 -13.14 12.24
N GLU B 215 21.19 -14.42 12.11
CA GLU B 215 20.63 -15.21 13.20
C GLU B 215 21.65 -15.48 14.34
N HIS B 216 22.95 -15.22 14.09
CA HIS B 216 24.02 -15.40 15.07
C HIS B 216 24.73 -14.09 15.42
N GLY B 217 24.25 -12.98 14.87
CA GLY B 217 24.81 -11.66 15.09
C GLY B 217 25.01 -11.24 16.54
N LYS B 218 24.05 -11.60 17.42
CA LYS B 218 24.08 -11.23 18.84
C LYS B 218 25.22 -11.89 19.60
N ARG B 219 25.61 -13.07 19.15
CA ARG B 219 26.72 -13.86 19.67
C ARG B 219 28.02 -13.19 19.32
N LEU B 220 28.13 -12.62 18.11
CA LEU B 220 29.32 -11.86 17.77
C LEU B 220 29.45 -10.61 18.69
N GLU B 221 28.35 -9.85 18.89
CA GLU B 221 28.34 -8.64 19.74
C GLU B 221 28.69 -8.96 21.17
N ARG B 222 28.17 -10.08 21.70
CA ARG B 222 28.42 -10.50 23.06
C ARG B 222 29.89 -10.80 23.25
N LEU B 223 30.51 -11.52 22.29
CA LEU B 223 31.93 -11.79 22.30
C LEU B 223 32.76 -10.47 22.24
N ALA B 224 32.46 -9.56 21.29
CA ALA B 224 33.16 -8.26 21.17
C ALA B 224 33.03 -7.44 22.46
N LYS B 225 31.84 -7.43 23.07
CA LYS B 225 31.57 -6.71 24.32
C LYS B 225 32.46 -7.25 25.46
N GLY B 226 32.66 -8.56 25.48
CA GLY B 226 33.51 -9.21 26.49
C GLY B 226 34.97 -8.82 26.37
N PHE B 227 35.46 -8.64 25.13
CA PHE B 227 36.85 -8.26 24.83
C PHE B 227 37.14 -6.79 24.97
N PHE B 228 36.14 -5.95 24.73
CA PHE B 228 36.30 -4.49 24.80
C PHE B 228 35.26 -3.93 25.74
N PRO B 229 35.36 -4.23 27.08
CA PRO B 229 34.35 -3.73 28.03
C PRO B 229 34.31 -2.21 28.16
N GLY B 230 35.46 -1.56 28.03
CA GLY B 230 35.59 -0.10 28.08
C GLY B 230 34.88 0.57 26.93
N SER B 231 35.07 0.03 25.70
CA SER B 231 34.41 0.50 24.49
C SER B 231 32.89 0.34 24.62
N ALA B 232 32.44 -0.83 25.11
CA ALA B 232 31.04 -1.17 25.29
C ALA B 232 30.34 -0.27 26.29
N GLN B 233 31.02 0.11 27.39
CA GLN B 233 30.47 1.00 28.41
C GLN B 233 30.28 2.42 27.85
N SER B 234 31.25 2.92 27.06
CA SER B 234 31.21 4.26 26.45
C SER B 234 30.14 4.40 25.35
N CYS B 235 29.85 3.33 24.59
CA CYS B 235 28.90 3.31 23.46
C CYS B 235 28.27 1.94 23.37
N GLU B 236 26.93 1.86 23.26
CA GLU B 236 26.22 0.58 23.10
C GLU B 236 26.58 -0.09 21.77
N ALA B 237 26.58 0.71 20.69
CA ALA B 237 26.89 0.26 19.34
C ALA B 237 28.36 0.58 18.91
N PHE B 238 29.36 0.30 19.77
CA PHE B 238 30.77 0.57 19.45
C PHE B 238 31.27 -0.13 18.14
N LEU B 239 30.63 -1.26 17.70
CA LEU B 239 31.04 -1.90 16.45
C LEU B 239 30.74 -1.02 15.24
N ARG B 240 29.80 -0.03 15.44
CA ARG B 240 29.46 0.96 14.40
C ARG B 240 30.63 1.92 14.14
N HIS B 241 31.61 2.02 15.07
CA HIS B 241 32.82 2.87 14.87
C HIS B 241 33.72 2.27 13.80
N LYS B 242 33.50 0.99 13.43
CA LYS B 242 34.22 0.25 12.39
C LYS B 242 35.75 0.25 12.66
N MET B 243 36.12 -0.03 13.91
CA MET B 243 37.51 -0.08 14.36
C MET B 243 37.93 -1.48 14.85
N THR B 244 36.96 -2.37 15.10
CA THR B 244 37.18 -3.69 15.73
C THR B 244 37.47 -4.83 14.72
N LEU B 245 38.71 -5.40 14.79
CA LEU B 245 39.14 -6.52 13.95
C LEU B 245 39.24 -7.75 14.85
N ILE B 246 38.59 -8.86 14.44
CA ILE B 246 38.59 -10.13 15.17
C ILE B 246 38.88 -11.20 14.12
N SER B 247 39.99 -11.91 14.28
CA SER B 247 40.40 -12.95 13.34
C SER B 247 39.43 -14.16 13.31
N PRO B 248 39.34 -14.87 12.16
CA PRO B 248 38.49 -16.09 12.09
C PRO B 248 38.84 -17.17 13.10
N LEU B 249 40.12 -17.26 13.49
CA LEU B 249 40.61 -18.23 14.46
C LEU B 249 40.10 -17.90 15.89
N MET B 250 39.94 -16.62 16.17
CA MET B 250 39.39 -16.11 17.42
C MET B 250 37.88 -16.47 17.49
N LEU B 251 37.16 -16.30 16.38
CA LEU B 251 35.72 -16.68 16.26
C LEU B 251 35.54 -18.22 16.39
N LYS B 252 36.45 -19.01 15.73
CA LYS B 252 36.44 -20.46 15.80
C LYS B 252 36.70 -20.94 17.25
N LYS B 253 37.63 -20.26 17.97
CA LYS B 253 37.95 -20.58 19.38
C LYS B 253 36.71 -20.46 20.33
N TYR B 254 35.79 -19.52 20.01
CA TYR B 254 34.57 -19.28 20.77
C TYR B 254 33.30 -19.77 20.12
N GLY B 255 33.41 -20.66 19.12
CA GLY B 255 32.24 -21.27 18.51
C GLY B 255 31.25 -20.34 17.81
N ILE B 256 31.72 -19.17 17.35
CA ILE B 256 30.88 -18.23 16.62
C ILE B 256 30.83 -18.69 15.15
N PRO B 257 29.64 -18.99 14.58
CA PRO B 257 29.61 -19.42 13.17
C PRO B 257 29.90 -18.26 12.23
N PHE B 258 30.72 -18.53 11.24
CA PHE B 258 31.10 -17.55 10.25
C PHE B 258 31.39 -18.28 8.96
N ASP B 259 31.38 -17.55 7.87
CA ASP B 259 31.75 -18.09 6.58
C ASP B 259 32.75 -17.12 5.95
N LYS B 260 33.48 -17.59 4.95
CA LYS B 260 34.43 -16.75 4.25
C LYS B 260 34.22 -16.87 2.73
N VAL B 261 34.56 -15.81 2.00
CA VAL B 261 34.44 -15.78 0.54
C VAL B 261 35.42 -14.77 -0.02
N THR B 262 35.96 -15.06 -1.19
CA THR B 262 36.82 -14.12 -1.89
C THR B 262 36.08 -13.57 -3.13
N GLN B 263 36.04 -12.23 -3.26
CA GLN B 263 35.46 -11.52 -4.38
C GLN B 263 36.56 -11.13 -5.37
N GLU B 264 36.33 -11.45 -6.64
CA GLU B 264 37.28 -11.13 -7.71
C GLU B 264 36.72 -10.02 -8.57
N ALA B 265 37.59 -9.37 -9.38
CA ALA B 265 37.17 -8.26 -10.25
C ALA B 265 36.01 -8.71 -11.13
N GLY B 266 34.97 -7.90 -11.15
CA GLY B 266 33.82 -8.12 -11.99
C GLY B 266 32.66 -8.77 -11.33
N GLU B 267 32.73 -9.01 -10.02
CA GLU B 267 31.66 -9.64 -9.21
C GLU B 267 31.08 -8.65 -8.21
N PHE B 268 29.80 -8.87 -7.85
CA PHE B 268 29.03 -8.14 -6.85
C PHE B 268 28.96 -8.96 -5.55
N MET B 269 29.00 -8.24 -4.42
CA MET B 269 28.77 -8.81 -3.09
C MET B 269 27.57 -8.07 -2.53
N ILE B 270 26.60 -8.83 -1.98
CA ILE B 270 25.39 -8.28 -1.35
C ILE B 270 25.49 -8.64 0.14
N THR B 271 25.34 -7.63 1.00
CA THR B 271 25.28 -7.79 2.45
C THR B 271 23.82 -7.50 2.78
N PHE B 272 23.29 -8.31 3.67
CA PHE B 272 21.91 -8.28 4.08
C PHE B 272 21.73 -7.63 5.43
N PRO B 273 20.52 -7.14 5.72
CA PRO B 273 20.29 -6.51 7.03
C PRO B 273 20.76 -7.33 8.22
N TYR B 274 21.52 -6.68 9.12
CA TYR B 274 22.07 -7.26 10.36
C TYR B 274 23.16 -8.37 10.13
N GLY B 275 23.66 -8.46 8.89
CA GLY B 275 24.74 -9.36 8.54
C GLY B 275 26.09 -8.71 8.83
N TYR B 276 26.77 -9.11 9.93
CA TYR B 276 28.12 -8.61 10.25
C TYR B 276 29.16 -9.13 9.26
N HIS B 277 29.99 -8.23 8.73
CA HIS B 277 31.04 -8.60 7.79
C HIS B 277 32.31 -7.80 8.09
N ALA B 278 33.45 -8.33 7.63
CA ALA B 278 34.80 -7.80 7.78
C ALA B 278 35.67 -8.37 6.62
N GLY B 279 36.84 -7.81 6.41
CA GLY B 279 37.72 -8.31 5.36
C GLY B 279 38.88 -7.43 5.01
N PHE B 280 39.55 -7.79 3.93
CA PHE B 280 40.78 -7.15 3.49
C PHE B 280 40.98 -7.27 2.01
N ASN B 281 41.78 -6.34 1.45
CA ASN B 281 42.20 -6.27 0.05
C ASN B 281 43.52 -7.00 -0.18
N HIS B 282 43.62 -7.75 -1.31
CA HIS B 282 44.83 -8.52 -1.68
C HIS B 282 45.85 -7.62 -2.34
N GLY B 283 45.43 -6.48 -2.86
CA GLY B 283 46.32 -5.54 -3.53
C GLY B 283 45.52 -4.40 -4.09
N PHE B 284 46.12 -3.69 -5.04
CA PHE B 284 45.54 -2.56 -5.74
C PHE B 284 44.26 -2.98 -6.45
N ASN B 285 43.17 -2.29 -6.15
CA ASN B 285 41.85 -2.53 -6.70
C ASN B 285 41.00 -1.33 -6.45
N CYS B 286 39.81 -1.39 -7.01
CA CYS B 286 38.80 -0.38 -6.82
C CYS B 286 37.45 -1.04 -6.74
N ALA B 287 36.70 -0.69 -5.70
CA ALA B 287 35.34 -1.17 -5.43
C ALA B 287 34.37 -0.02 -5.33
N GLU B 288 33.13 -0.26 -5.72
CA GLU B 288 32.09 0.76 -5.65
C GLU B 288 30.96 0.21 -4.83
N SER B 289 30.43 1.03 -3.90
CA SER B 289 29.33 0.56 -3.05
C SER B 289 28.32 1.64 -2.68
N THR B 290 27.17 1.19 -2.13
CA THR B 290 26.05 1.97 -1.62
C THR B 290 25.14 1.07 -0.78
N ASN B 291 24.20 1.69 -0.08
CA ASN B 291 23.19 1.01 0.69
C ASN B 291 21.92 1.00 -0.12
N PHE B 292 21.01 0.07 0.19
CA PHE B 292 19.71 -0.03 -0.47
C PHE B 292 18.76 -0.70 0.49
N ALA B 293 17.46 -0.70 0.15
CA ALA B 293 16.48 -1.32 1.05
C ALA B 293 15.48 -2.19 0.31
N THR B 294 14.84 -3.11 1.05
CA THR B 294 13.68 -3.88 0.62
C THR B 294 12.58 -3.59 1.68
N ARG B 295 11.33 -4.07 1.47
CA ARG B 295 10.25 -3.90 2.46
C ARG B 295 10.60 -4.59 3.81
N ARG B 296 11.41 -5.67 3.74
CA ARG B 296 11.90 -6.45 4.90
C ARG B 296 12.82 -5.59 5.78
N TRP B 297 13.56 -4.63 5.16
CA TRP B 297 14.49 -3.81 5.93
C TRP B 297 13.78 -2.92 6.97
N ILE B 298 12.56 -2.41 6.67
CA ILE B 298 11.85 -1.45 7.53
C ILE B 298 11.88 -1.86 9.02
N GLU B 299 11.52 -3.11 9.34
CA GLU B 299 11.57 -3.62 10.71
C GLU B 299 12.96 -3.56 11.31
N TYR B 300 14.01 -3.90 10.50
CA TYR B 300 15.41 -3.81 10.91
C TYR B 300 15.78 -2.36 11.21
N GLY B 301 15.34 -1.43 10.36
CA GLY B 301 15.61 0.00 10.55
C GLY B 301 14.99 0.52 11.83
N LYS B 302 13.76 0.06 12.14
CA LYS B 302 13.05 0.44 13.35
C LYS B 302 13.73 -0.03 14.64
N GLN B 303 14.38 -1.20 14.59
CA GLN B 303 15.00 -1.85 15.76
C GLN B 303 16.51 -1.73 15.88
N ALA B 304 17.16 -1.02 14.94
CA ALA B 304 18.62 -0.91 14.92
C ALA B 304 19.17 -0.18 16.12
N VAL B 305 20.18 -0.75 16.80
CA VAL B 305 20.83 -0.12 17.96
C VAL B 305 21.87 0.80 17.37
N LEU B 306 21.80 2.06 17.72
CA LEU B 306 22.65 3.08 17.10
C LEU B 306 23.77 3.58 18.00
N CYS B 307 24.79 4.17 17.38
CA CYS B 307 25.92 4.73 18.08
C CYS B 307 25.43 5.97 18.88
N SER B 308 25.75 5.98 20.21
CA SER B 308 25.35 6.99 21.19
C SER B 308 26.39 8.10 21.49
N CYS B 309 27.68 7.72 21.48
CA CYS B 309 28.81 8.57 21.83
C CYS B 309 29.12 9.69 20.81
N ARG B 310 28.77 9.50 19.52
CA ARG B 310 29.05 10.49 18.48
C ARG B 310 27.81 11.25 18.05
N LYS B 311 27.97 12.54 17.67
CA LYS B 311 26.92 13.45 17.23
C LYS B 311 26.53 13.19 15.76
N MET B 313 27.15 10.56 13.60
CA MET B 313 26.71 9.20 13.24
C MET B 313 25.44 9.23 12.35
N VAL B 314 25.36 8.29 11.36
CA VAL B 314 24.26 8.19 10.39
C VAL B 314 22.95 7.68 11.04
N LYS B 315 21.96 8.60 11.14
CA LYS B 315 20.63 8.32 11.67
C LYS B 315 19.55 8.73 10.62
N ILE B 316 18.77 7.73 10.18
CA ILE B 316 17.65 7.86 9.26
C ILE B 316 16.41 7.76 10.12
N SER B 317 15.50 8.73 9.95
CA SER B 317 14.21 8.75 10.60
C SER B 317 13.35 7.70 9.87
N MET B 318 12.80 6.75 10.64
CA MET B 318 11.98 5.68 10.11
C MET B 318 10.53 6.08 9.90
N ASP B 319 10.11 7.22 10.45
CA ASP B 319 8.75 7.73 10.39
C ASP B 319 8.09 7.62 8.98
N VAL B 320 8.77 8.12 7.93
CA VAL B 320 8.27 8.10 6.53
C VAL B 320 8.01 6.66 6.05
N PHE B 321 8.85 5.69 6.48
CA PHE B 321 8.72 4.28 6.10
C PHE B 321 7.53 3.62 6.77
N VAL B 322 7.32 3.90 8.08
CA VAL B 322 6.21 3.40 8.92
C VAL B 322 4.85 3.95 8.42
N ARG B 323 4.75 5.21 8.07
CA ARG B 323 3.51 5.77 7.55
C ARG B 323 3.10 5.11 6.22
N LYS B 324 4.08 4.89 5.34
CA LYS B 324 3.81 4.33 4.03
C LYS B 324 3.54 2.83 4.02
N PHE B 325 4.43 2.04 4.65
CA PHE B 325 4.30 0.59 4.58
C PHE B 325 3.59 -0.02 5.79
N GLN B 326 3.53 0.68 6.92
CA GLN B 326 2.84 0.17 8.11
C GLN B 326 1.87 1.19 8.67
N PRO B 327 0.88 1.76 7.91
CA PRO B 327 0.00 2.78 8.52
C PRO B 327 -0.82 2.29 9.71
N GLU B 328 -1.16 0.98 9.73
CA GLU B 328 -1.92 0.34 10.82
C GLU B 328 -1.12 0.18 12.13
N ARG B 329 0.22 0.33 12.07
N ARG B 329 0.22 0.32 12.08
CA ARG B 329 1.13 0.21 13.21
CA ARG B 329 1.09 0.20 13.25
C ARG B 329 1.72 1.55 13.61
C ARG B 329 1.73 1.55 13.61
N TYR B 330 1.38 2.63 12.88
CA TYR B 330 1.94 3.96 13.09
C TYR B 330 1.77 4.51 14.53
N LYS B 331 0.52 4.55 15.07
CA LYS B 331 0.21 5.01 16.42
C LYS B 331 0.95 4.12 17.44
N LEU B 332 0.81 2.79 17.32
CA LEU B 332 1.44 1.80 18.19
C LEU B 332 2.97 2.00 18.25
N TRP B 333 3.62 2.16 17.08
CA TRP B 333 5.04 2.42 16.97
C TRP B 333 5.40 3.73 17.64
N LYS B 334 4.65 4.81 17.35
CA LYS B 334 4.89 6.12 17.97
C LYS B 334 4.83 6.07 19.52
N ALA B 335 3.90 5.26 20.09
CA ALA B 335 3.72 5.03 21.53
C ALA B 335 4.78 4.09 22.14
N GLY B 336 5.66 3.57 21.29
CA GLY B 336 6.72 2.65 21.70
C GLY B 336 6.22 1.25 22.01
N LYS B 337 4.93 0.96 21.68
CA LYS B 337 4.30 -0.32 21.95
C LYS B 337 4.36 -1.33 20.78
N ASP B 338 5.31 -1.13 19.82
CA ASP B 338 5.50 -2.05 18.71
C ASP B 338 6.61 -3.06 19.04
N ASN B 339 6.17 -4.18 19.63
CA ASN B 339 7.00 -5.28 20.14
C ASN B 339 7.25 -6.43 19.11
N THR B 340 7.34 -6.08 17.83
CA THR B 340 7.58 -7.02 16.73
C THR B 340 8.94 -7.74 16.87
N VAL B 341 8.92 -9.06 16.77
CA VAL B 341 10.13 -9.88 16.85
C VAL B 341 10.59 -10.17 15.41
N ILE B 342 11.84 -9.82 15.08
CA ILE B 342 12.41 -10.09 13.76
C ILE B 342 12.79 -11.57 13.64
N ASP B 343 12.26 -12.26 12.62
CA ASP B 343 12.65 -13.63 12.25
C ASP B 343 13.60 -13.47 11.04
N HIS B 344 14.90 -13.73 11.26
CA HIS B 344 15.99 -13.54 10.30
C HIS B 344 15.99 -14.52 9.09
N THR B 345 15.23 -15.63 9.19
CA THR B 345 15.15 -16.64 8.12
C THR B 345 14.12 -16.27 7.05
N LEU B 346 13.14 -15.41 7.39
CA LEU B 346 12.05 -15.01 6.51
C LEU B 346 12.51 -14.18 5.32
N PRO B 347 12.09 -14.56 4.07
CA PRO B 347 12.47 -13.74 2.91
C PRO B 347 11.62 -12.48 2.82
N THR B 348 12.07 -11.50 2.03
CA THR B 348 11.35 -10.23 1.84
C THR B 348 9.96 -10.51 1.24
N PRO B 349 8.87 -9.77 1.61
CA PRO B 349 7.54 -10.07 1.03
C PRO B 349 7.46 -10.04 -0.50
N GLU B 350 8.40 -9.32 -1.19
CA GLU B 350 8.48 -9.27 -2.66
C GLU B 350 8.92 -10.61 -3.29
N ALA B 351 9.45 -11.55 -2.46
CA ALA B 351 9.91 -12.88 -2.85
C ALA B 351 8.76 -13.88 -3.06
N ALA B 352 7.51 -13.43 -2.78
CA ALA B 352 6.26 -14.18 -2.89
C ALA B 352 6.14 -14.96 -4.19
N GLU B 353 6.32 -14.27 -5.35
CA GLU B 353 6.24 -14.86 -6.70
C GLU B 353 7.19 -16.06 -6.92
N PHE B 354 8.18 -16.22 -6.04
CA PHE B 354 9.16 -17.29 -6.09
C PHE B 354 8.95 -18.21 -4.88
N PRO C 11 19.18 50.01 -23.02
CA PRO C 11 20.58 50.43 -23.05
C PRO C 11 21.50 49.32 -23.59
N SER C 12 22.51 48.90 -22.79
CA SER C 12 23.45 47.83 -23.10
C SER C 12 22.96 46.49 -22.52
N ALA C 13 21.68 46.46 -22.05
CA ALA C 13 21.01 45.28 -21.46
C ALA C 13 19.90 44.71 -22.38
N ARG C 14 19.97 45.02 -23.69
CA ARG C 14 19.03 44.54 -24.72
C ARG C 14 19.62 43.25 -25.34
N ILE C 15 18.76 42.31 -25.67
CA ILE C 15 19.20 41.04 -26.24
C ILE C 15 19.85 41.23 -27.61
N MET C 16 20.98 40.56 -27.82
CA MET C 16 21.73 40.67 -29.05
C MET C 16 21.77 39.39 -29.87
N THR C 17 21.74 39.53 -31.20
CA THR C 17 21.77 38.43 -32.13
C THR C 17 23.09 38.42 -32.89
N PHE C 18 23.70 37.25 -33.00
CA PHE C 18 25.01 37.04 -33.65
C PHE C 18 24.91 36.07 -34.81
N TYR C 19 25.64 36.37 -35.88
CA TYR C 19 25.64 35.60 -37.12
C TYR C 19 27.07 35.12 -37.44
N PRO C 20 27.62 34.09 -36.72
CA PRO C 20 28.99 33.65 -37.03
C PRO C 20 29.14 33.06 -38.41
N THR C 21 30.35 33.14 -38.93
CA THR C 21 30.71 32.56 -40.22
C THR C 21 31.04 31.09 -39.92
N MET C 22 31.15 30.22 -40.95
CA MET C 22 31.50 28.83 -40.72
C MET C 22 32.85 28.70 -39.97
N GLU C 23 33.81 29.61 -40.24
CA GLU C 23 35.13 29.65 -39.58
C GLU C 23 35.01 30.04 -38.09
N GLU C 24 34.14 31.04 -37.79
CA GLU C 24 33.89 31.55 -36.44
C GLU C 24 33.15 30.52 -35.56
N PHE C 25 32.19 29.82 -36.17
CA PHE C 25 31.31 28.82 -35.56
C PHE C 25 32.01 27.54 -35.12
N ARG C 26 33.20 27.22 -35.66
CA ARG C 26 33.91 25.97 -35.35
C ARG C 26 34.45 25.90 -33.91
N ASN C 27 34.66 27.06 -33.25
CA ASN C 27 35.16 27.12 -31.87
C ASN C 27 34.08 27.70 -30.97
N PHE C 28 33.48 26.83 -30.14
CA PHE C 28 32.39 27.19 -29.25
C PHE C 28 32.80 28.19 -28.16
N SER C 29 33.79 27.81 -27.32
CA SER C 29 34.30 28.61 -26.19
C SER C 29 34.85 29.95 -26.61
N ARG C 30 35.49 29.99 -27.79
CA ARG C 30 36.06 31.21 -28.35
C ARG C 30 34.94 32.14 -28.80
N TYR C 31 33.82 31.58 -29.30
CA TYR C 31 32.71 32.42 -29.75
C TYR C 31 31.92 32.98 -28.58
N ILE C 32 31.82 32.22 -27.45
CA ILE C 32 31.15 32.68 -26.23
C ILE C 32 31.93 33.87 -25.64
N ALA C 33 33.28 33.78 -25.70
CA ALA C 33 34.21 34.81 -25.26
C ALA C 33 34.06 36.07 -26.16
N TYR C 34 33.86 35.86 -27.49
CA TYR C 34 33.62 36.95 -28.44
C TYR C 34 32.29 37.68 -28.19
N ILE C 35 31.19 36.93 -27.91
CA ILE C 35 29.90 37.58 -27.69
C ILE C 35 29.91 38.37 -26.35
N GLU C 36 30.73 37.96 -25.35
CA GLU C 36 30.86 38.66 -24.07
C GLU C 36 31.63 39.98 -24.24
N SER C 37 32.69 39.97 -25.07
CA SER C 37 33.46 41.18 -25.38
C SER C 37 32.59 42.21 -26.10
N GLN C 38 31.50 41.75 -26.77
CA GLN C 38 30.53 42.57 -27.48
C GLN C 38 29.43 43.09 -26.53
N GLY C 39 29.38 42.51 -25.33
CA GLY C 39 28.45 42.89 -24.26
C GLY C 39 27.19 42.04 -24.12
N ALA C 40 27.09 40.91 -24.85
CA ALA C 40 25.91 40.04 -24.88
C ALA C 40 25.43 39.53 -23.52
N HIS C 41 26.35 39.32 -22.57
CA HIS C 41 26.08 38.80 -21.23
C HIS C 41 25.23 39.76 -20.34
N ARG C 42 25.18 41.05 -20.69
CA ARG C 42 24.47 42.03 -19.88
C ARG C 42 22.97 41.91 -19.98
N ALA C 43 22.41 41.40 -21.10
CA ALA C 43 20.97 41.17 -21.24
C ALA C 43 20.55 39.87 -20.54
N GLY C 44 21.50 38.96 -20.31
CA GLY C 44 21.29 37.67 -19.66
C GLY C 44 20.94 36.54 -20.62
N LEU C 45 20.65 36.92 -21.88
CA LEU C 45 20.24 36.03 -22.95
C LEU C 45 20.74 36.61 -24.27
N ALA C 46 21.19 35.74 -25.21
CA ALA C 46 21.64 36.18 -26.54
C ALA C 46 21.25 35.12 -27.56
N LYS C 47 20.98 35.55 -28.82
CA LYS C 47 20.65 34.62 -29.90
C LYS C 47 21.86 34.46 -30.79
N VAL C 48 22.12 33.20 -31.21
CA VAL C 48 23.21 32.90 -32.14
C VAL C 48 22.60 32.14 -33.33
N VAL C 49 22.66 32.77 -34.50
CA VAL C 49 22.15 32.19 -35.75
C VAL C 49 23.31 31.45 -36.39
N PRO C 50 23.24 30.12 -36.55
CA PRO C 50 24.39 29.41 -37.17
C PRO C 50 24.54 29.66 -38.67
N PRO C 51 25.73 29.36 -39.26
CA PRO C 51 25.89 29.48 -40.72
C PRO C 51 24.88 28.62 -41.49
N LYS C 52 24.44 29.09 -42.67
CA LYS C 52 23.46 28.43 -43.55
C LYS C 52 23.80 26.97 -43.87
N GLU C 53 25.07 26.71 -44.22
CA GLU C 53 25.59 25.38 -44.58
C GLU C 53 25.51 24.33 -43.44
N TRP C 54 25.40 24.78 -42.18
CA TRP C 54 25.41 23.91 -41.00
C TRP C 54 24.08 23.21 -40.72
N LYS C 55 24.16 21.91 -40.40
CA LYS C 55 22.98 21.10 -40.08
C LYS C 55 23.36 20.01 -39.04
N PRO C 56 22.69 19.93 -37.86
CA PRO C 56 23.05 18.91 -36.86
C PRO C 56 22.48 17.50 -37.14
N ARG C 57 21.45 17.40 -38.00
CA ARG C 57 20.75 16.18 -38.40
C ARG C 57 20.13 16.42 -39.78
N ALA C 58 20.22 15.40 -40.66
CA ALA C 58 19.72 15.42 -42.05
C ALA C 58 18.19 15.47 -42.15
N SER C 59 17.50 14.63 -41.33
CA SER C 59 16.04 14.50 -41.29
C SER C 59 15.51 14.27 -39.86
N TYR C 60 14.28 14.75 -39.59
CA TYR C 60 13.56 14.58 -38.34
C TYR C 60 12.30 13.66 -38.49
N ASP C 61 12.16 12.99 -39.64
CA ASP C 61 11.05 12.08 -39.98
C ASP C 61 11.29 10.64 -39.50
N ASP C 62 12.30 10.44 -38.62
CA ASP C 62 12.71 9.13 -38.11
C ASP C 62 12.67 9.01 -36.59
N ILE C 63 12.04 9.97 -35.89
CA ILE C 63 11.97 9.96 -34.43
C ILE C 63 10.53 9.77 -33.90
N ASP C 64 9.58 9.31 -34.75
CA ASP C 64 8.17 9.14 -34.35
C ASP C 64 7.96 8.14 -33.21
N ASP C 65 8.84 7.12 -33.11
CA ASP C 65 8.74 6.10 -32.05
C ASP C 65 9.57 6.42 -30.84
N LEU C 66 10.23 7.59 -30.83
CA LEU C 66 11.04 8.06 -29.70
C LEU C 66 10.12 8.25 -28.48
N VAL C 67 10.54 7.66 -27.34
CA VAL C 67 9.80 7.65 -26.10
C VAL C 67 10.08 8.87 -25.24
N ILE C 68 8.99 9.51 -24.77
CA ILE C 68 8.97 10.61 -23.82
C ILE C 68 8.53 9.86 -22.55
N PRO C 69 9.49 9.44 -21.67
CA PRO C 69 9.11 8.62 -20.51
C PRO C 69 8.26 9.32 -19.46
N ALA C 70 8.56 10.57 -19.14
CA ALA C 70 7.80 11.30 -18.13
C ALA C 70 7.13 12.58 -18.70
N PRO C 71 6.07 12.48 -19.56
CA PRO C 71 5.41 13.71 -20.05
C PRO C 71 4.67 14.41 -18.92
N ILE C 72 4.69 15.75 -18.88
CA ILE C 72 4.03 16.45 -17.78
C ILE C 72 2.88 17.33 -18.28
N GLN C 73 1.73 17.28 -17.58
CA GLN C 73 0.61 18.14 -17.87
C GLN C 73 0.81 19.37 -16.98
N GLN C 74 0.87 20.55 -17.59
CA GLN C 74 1.14 21.80 -16.87
C GLN C 74 -0.13 22.46 -16.39
N LEU C 75 -0.40 22.34 -15.07
CA LEU C 75 -1.57 22.96 -14.46
C LEU C 75 -1.16 24.30 -13.93
N VAL C 76 -1.86 25.36 -14.31
CA VAL C 76 -1.51 26.70 -13.88
C VAL C 76 -2.62 27.31 -13.07
N THR C 77 -2.29 27.81 -11.88
CA THR C 77 -3.25 28.47 -11.02
C THR C 77 -2.78 29.89 -10.75
N GLY C 78 -3.73 30.81 -10.66
CA GLY C 78 -3.44 32.20 -10.34
C GLY C 78 -4.30 33.22 -11.04
N GLN C 79 -3.95 34.50 -10.83
CA GLN C 79 -4.64 35.67 -11.37
C GLN C 79 -3.79 36.93 -11.31
N SER C 80 -4.23 37.98 -12.05
CA SER C 80 -3.61 39.31 -12.13
C SER C 80 -2.09 39.24 -12.42
N GLY C 81 -1.74 38.41 -13.42
CA GLY C 81 -0.39 38.18 -13.91
C GLY C 81 0.57 37.45 -13.00
N LEU C 82 0.06 36.80 -11.90
CA LEU C 82 0.89 36.01 -10.97
C LEU C 82 0.35 34.60 -10.89
N PHE C 83 1.18 33.62 -11.32
CA PHE C 83 0.75 32.22 -11.44
C PHE C 83 1.72 31.24 -10.90
N THR C 84 1.21 30.05 -10.51
CA THR C 84 1.97 28.90 -10.05
C THR C 84 1.66 27.74 -10.96
N GLN C 85 2.71 27.11 -11.51
CA GLN C 85 2.62 25.96 -12.40
C GLN C 85 2.85 24.67 -11.60
N TYR C 86 1.91 23.72 -11.69
CA TYR C 86 1.94 22.41 -11.07
C TYR C 86 2.13 21.34 -12.17
N ASN C 87 3.14 20.51 -12.01
CA ASN C 87 3.48 19.45 -12.94
C ASN C 87 2.78 18.17 -12.56
N ILE C 88 2.02 17.63 -13.49
CA ILE C 88 1.28 16.38 -13.31
C ILE C 88 1.86 15.38 -14.28
N GLN C 89 2.59 14.39 -13.76
CA GLN C 89 3.21 13.38 -14.62
C GLN C 89 2.18 12.46 -15.25
N LYS C 90 2.28 12.32 -16.56
CA LYS C 90 1.42 11.47 -17.34
C LYS C 90 2.22 10.22 -17.71
N LYS C 91 1.55 9.18 -18.23
CA LYS C 91 2.22 7.95 -18.65
C LYS C 91 3.04 8.21 -19.95
N ALA C 92 4.12 7.41 -20.15
CA ALA C 92 5.02 7.49 -21.31
C ALA C 92 4.27 7.41 -22.63
N MET C 93 4.73 8.19 -23.58
CA MET C 93 4.16 8.26 -24.90
C MET C 93 5.27 8.48 -25.93
N THR C 94 4.96 8.32 -27.20
CA THR C 94 5.94 8.50 -28.27
C THR C 94 5.87 9.91 -28.82
N VAL C 95 6.82 10.27 -29.69
CA VAL C 95 6.78 11.56 -30.36
C VAL C 95 5.51 11.66 -31.25
N ARG C 96 5.11 10.52 -31.88
CA ARG C 96 3.93 10.38 -32.74
C ARG C 96 2.63 10.75 -32.00
N GLU C 97 2.41 10.16 -30.80
CA GLU C 97 1.24 10.38 -29.96
C GLU C 97 1.20 11.82 -29.44
N PHE C 98 2.37 12.37 -29.04
CA PHE C 98 2.51 13.76 -28.58
C PHE C 98 2.10 14.76 -29.69
N ARG C 99 2.58 14.53 -30.92
CA ARG C 99 2.28 15.38 -32.08
C ARG C 99 0.77 15.37 -32.44
N LYS C 100 0.06 14.21 -32.28
CA LYS C 100 -1.38 14.06 -32.55
C LYS C 100 -2.17 14.96 -31.58
N ILE C 101 -1.71 15.01 -30.30
CA ILE C 101 -2.30 15.85 -29.26
C ILE C 101 -1.98 17.33 -29.54
N ALA C 102 -0.70 17.66 -29.83
CA ALA C 102 -0.25 19.04 -30.09
C ALA C 102 -0.99 19.73 -31.26
N ASN C 103 -1.29 18.95 -32.33
CA ASN C 103 -1.91 19.46 -33.56
C ASN C 103 -3.44 19.30 -33.61
N SER C 104 -4.05 18.69 -32.56
CA SER C 104 -5.49 18.53 -32.43
C SER C 104 -6.18 19.90 -32.26
N ASP C 105 -7.46 20.02 -32.66
CA ASP C 105 -8.23 21.27 -32.54
C ASP C 105 -8.28 21.79 -31.09
N LYS C 106 -8.33 20.87 -30.09
CA LYS C 106 -8.34 21.23 -28.67
C LYS C 106 -7.05 21.95 -28.24
N TYR C 107 -5.87 21.40 -28.59
CA TYR C 107 -4.57 21.92 -28.16
C TYR C 107 -3.76 22.77 -29.15
N CYS C 108 -4.12 22.84 -30.45
CA CYS C 108 -3.30 23.58 -31.43
C CYS C 108 -3.27 25.10 -31.18
N THR C 109 -2.28 25.76 -31.80
CA THR C 109 -2.03 27.21 -31.76
C THR C 109 -3.24 28.00 -32.32
N PRO C 110 -3.66 29.12 -31.66
CA PRO C 110 -4.74 29.94 -32.24
C PRO C 110 -4.27 30.76 -33.45
N ARG C 111 -5.23 31.35 -34.22
CA ARG C 111 -4.89 32.22 -35.34
C ARG C 111 -4.29 33.51 -34.78
N TYR C 112 -3.16 33.97 -35.37
CA TYR C 112 -2.48 35.19 -34.95
C TYR C 112 -1.82 35.95 -36.10
N SER C 113 -1.97 37.28 -36.11
CA SER C 113 -1.38 38.14 -37.13
C SER C 113 0.06 38.49 -36.74
N GLU C 114 0.26 38.92 -35.50
CA GLU C 114 1.58 39.29 -34.99
C GLU C 114 1.85 38.69 -33.61
N PHE C 115 3.13 38.70 -33.16
CA PHE C 115 3.55 38.15 -31.87
C PHE C 115 2.78 38.73 -30.68
N GLU C 116 2.59 40.07 -30.64
CA GLU C 116 1.85 40.79 -29.59
C GLU C 116 0.48 40.12 -29.33
N GLU C 117 -0.24 39.75 -30.43
CA GLU C 117 -1.53 39.07 -30.40
C GLU C 117 -1.45 37.70 -29.71
N LEU C 118 -0.53 36.82 -30.16
CA LEU C 118 -0.37 35.47 -29.64
C LEU C 118 0.10 35.51 -28.18
N GLU C 119 0.96 36.49 -27.85
CA GLU C 119 1.46 36.75 -26.51
C GLU C 119 0.27 37.10 -25.59
N ARG C 120 -0.69 37.94 -26.08
CA ARG C 120 -1.90 38.30 -25.34
C ARG C 120 -2.76 37.09 -25.01
N LYS C 121 -2.96 36.19 -26.01
CA LYS C 121 -3.71 34.94 -25.90
C LYS C 121 -3.05 34.00 -24.90
N TYR C 122 -1.71 33.95 -24.88
CA TYR C 122 -0.97 33.09 -23.93
C TYR C 122 -1.24 33.55 -22.51
N TRP C 123 -1.04 34.86 -22.22
CA TRP C 123 -1.27 35.42 -20.89
C TRP C 123 -2.77 35.39 -20.47
N LYS C 124 -3.68 35.44 -21.43
CA LYS C 124 -5.10 35.35 -21.13
C LYS C 124 -5.56 33.90 -20.89
N ASN C 125 -4.95 32.91 -21.57
CA ASN C 125 -5.39 31.51 -21.50
C ASN C 125 -4.47 30.46 -20.82
N LEU C 126 -3.31 30.83 -20.26
CA LEU C 126 -2.37 29.86 -19.66
C LEU C 126 -2.97 28.98 -18.53
N THR C 127 -4.04 29.44 -17.87
CA THR C 127 -4.68 28.64 -16.81
C THR C 127 -5.76 27.71 -17.38
N PHE C 128 -6.04 27.83 -18.71
CA PHE C 128 -7.08 27.01 -19.34
C PHE C 128 -6.49 25.91 -20.17
N ASN C 129 -7.28 24.84 -20.44
N ASN C 129 -7.27 24.84 -20.43
CA ASN C 129 -6.91 23.66 -21.24
CA ASN C 129 -6.91 23.68 -21.27
C ASN C 129 -5.43 23.28 -21.04
C ASN C 129 -5.43 23.29 -21.04
N PRO C 130 -5.07 22.72 -19.85
CA PRO C 130 -3.64 22.41 -19.58
C PRO C 130 -2.95 21.52 -20.61
N PRO C 131 -1.90 22.07 -21.24
CA PRO C 131 -1.19 21.28 -22.27
C PRO C 131 -0.21 20.28 -21.65
N ILE C 132 0.38 19.41 -22.48
CA ILE C 132 1.35 18.42 -22.08
C ILE C 132 2.67 18.84 -22.67
N TYR C 133 3.68 18.80 -21.83
CA TYR C 133 5.04 19.17 -22.18
C TYR C 133 5.91 17.92 -22.13
N GLY C 134 6.56 17.58 -23.24
CA GLY C 134 7.45 16.42 -23.32
C GLY C 134 8.86 16.83 -22.93
N ALA C 135 9.00 17.28 -21.69
CA ALA C 135 10.22 17.85 -21.13
C ALA C 135 11.16 16.87 -20.49
N ASP C 136 12.45 17.28 -20.41
CA ASP C 136 13.57 16.59 -19.77
C ASP C 136 13.80 15.17 -20.28
N VAL C 137 13.68 14.97 -21.59
CA VAL C 137 13.93 13.65 -22.17
C VAL C 137 15.44 13.53 -22.37
N ASN C 138 16.07 12.57 -21.70
CA ASN C 138 17.52 12.36 -21.86
C ASN C 138 17.81 11.95 -23.28
N GLY C 139 18.56 12.77 -23.99
CA GLY C 139 18.92 12.42 -25.35
C GLY C 139 19.34 13.58 -26.20
N THR C 140 19.83 13.20 -27.38
CA THR C 140 20.31 14.10 -28.41
C THR C 140 19.69 13.81 -29.78
N LEU C 141 19.49 14.87 -30.58
CA LEU C 141 19.03 14.72 -31.94
C LEU C 141 20.18 14.96 -32.93
N TYR C 142 21.39 15.28 -32.44
CA TYR C 142 22.57 15.50 -33.26
C TYR C 142 23.08 14.15 -33.80
N GLU C 143 23.63 14.14 -35.04
CA GLU C 143 24.29 12.95 -35.60
C GLU C 143 25.72 12.94 -35.01
N LYS C 144 26.28 11.76 -34.79
CA LYS C 144 27.59 11.53 -34.16
C LYS C 144 28.77 12.34 -34.74
N HIS C 145 28.73 12.63 -36.04
CA HIS C 145 29.78 13.32 -36.77
C HIS C 145 29.75 14.85 -36.69
N VAL C 146 28.77 15.43 -35.98
CA VAL C 146 28.65 16.90 -35.89
C VAL C 146 29.65 17.45 -34.86
N ASP C 147 30.67 18.18 -35.33
CA ASP C 147 31.74 18.71 -34.48
C ASP C 147 31.52 20.12 -33.94
N GLU C 148 30.66 20.91 -34.60
CA GLU C 148 30.41 22.30 -34.23
C GLU C 148 29.13 22.44 -33.39
N TRP C 149 29.26 23.12 -32.23
CA TRP C 149 28.21 23.45 -31.26
C TRP C 149 27.36 22.22 -30.87
N ASN C 150 28.01 21.08 -30.70
CA ASN C 150 27.40 19.83 -30.30
C ASN C 150 27.09 19.88 -28.80
N ILE C 151 25.79 20.12 -28.45
CA ILE C 151 25.26 20.22 -27.09
C ILE C 151 25.67 18.99 -26.22
N GLY C 152 25.85 17.85 -26.86
CA GLY C 152 26.28 16.61 -26.22
C GLY C 152 27.71 16.63 -25.71
N ARG C 153 28.58 17.49 -26.31
CA ARG C 153 30.00 17.61 -25.98
C ARG C 153 30.59 18.98 -26.36
N LEU C 154 30.31 20.03 -25.55
CA LEU C 154 30.81 21.39 -25.79
C LEU C 154 32.27 21.58 -25.32
N ARG C 155 32.74 20.65 -24.46
CA ARG C 155 34.10 20.56 -23.90
C ARG C 155 34.59 21.89 -23.29
N THR C 156 33.80 22.43 -22.34
CA THR C 156 34.12 23.67 -21.61
C THR C 156 34.79 23.28 -20.28
N ILE C 157 35.01 24.25 -19.36
CA ILE C 157 35.65 23.98 -18.07
C ILE C 157 34.66 23.28 -17.09
N LEU C 158 33.34 23.22 -17.42
CA LEU C 158 32.35 22.53 -16.57
C LEU C 158 32.71 21.03 -16.40
N ASP C 159 33.43 20.45 -17.39
CA ASP C 159 33.89 19.07 -17.42
C ASP C 159 34.77 18.62 -16.22
N LEU C 160 35.35 19.58 -15.46
CA LEU C 160 36.22 19.32 -14.30
C LEU C 160 35.56 18.50 -13.18
N VAL C 161 34.22 18.64 -12.99
CA VAL C 161 33.46 17.91 -11.96
C VAL C 161 33.47 16.39 -12.20
N GLU C 162 33.25 15.99 -13.47
CA GLU C 162 33.25 14.60 -13.93
C GLU C 162 34.68 14.03 -13.95
N LYS C 163 35.67 14.83 -14.37
CA LYS C 163 37.09 14.46 -14.46
C LYS C 163 37.68 14.03 -13.10
N GLU C 164 37.34 14.78 -12.04
CA GLU C 164 37.79 14.54 -10.66
C GLU C 164 37.02 13.39 -10.00
N SER C 165 35.70 13.30 -10.23
CA SER C 165 34.81 12.26 -9.68
C SER C 165 34.12 11.48 -10.81
N GLU C 170 27.71 12.75 -13.23
CA GLU C 170 26.26 12.82 -13.40
C GLU C 170 25.78 14.25 -13.42
N GLY C 171 24.51 14.45 -13.09
CA GLY C 171 23.89 15.77 -13.07
C GLY C 171 23.40 16.21 -14.43
N VAL C 172 23.77 17.45 -14.80
CA VAL C 172 23.40 18.11 -16.06
C VAL C 172 24.68 18.56 -16.83
N ASN C 173 25.46 17.54 -17.12
CA ASN C 173 26.65 17.54 -17.94
C ASN C 173 26.25 16.60 -19.08
N THR C 174 24.91 16.51 -19.31
CA THR C 174 24.24 15.66 -20.29
C THR C 174 23.19 16.48 -21.08
N PRO C 175 22.85 16.08 -22.34
CA PRO C 175 21.82 16.84 -23.08
C PRO C 175 20.37 16.43 -22.78
N TYR C 176 19.43 17.39 -22.90
CA TYR C 176 17.99 17.15 -22.66
C TYR C 176 17.13 17.64 -23.81
N LEU C 177 16.06 16.88 -24.14
CA LEU C 177 15.14 17.22 -25.22
C LEU C 177 13.81 17.73 -24.70
N TYR C 178 13.22 18.73 -25.36
CA TYR C 178 11.95 19.30 -24.95
C TYR C 178 11.02 19.29 -26.13
N PHE C 179 9.96 18.48 -26.05
CA PHE C 179 8.94 18.45 -27.09
C PHE C 179 7.82 19.35 -26.58
N GLY C 180 7.59 20.47 -27.25
CA GLY C 180 6.57 21.40 -26.82
C GLY C 180 5.33 21.37 -27.67
N MET C 181 4.32 22.05 -27.19
CA MET C 181 3.06 22.30 -27.91
C MET C 181 2.63 23.69 -27.45
N TRP C 182 1.67 24.29 -28.12
CA TRP C 182 1.16 25.61 -27.76
C TRP C 182 0.87 25.72 -26.27
N LYS C 183 1.34 26.82 -25.66
CA LYS C 183 1.08 27.24 -24.30
C LYS C 183 1.92 26.49 -23.23
N THR C 184 2.85 25.57 -23.63
CA THR C 184 3.78 24.94 -22.68
C THR C 184 4.79 26.01 -22.32
N SER C 185 5.14 26.06 -21.04
CA SER C 185 6.00 27.12 -20.54
C SER C 185 7.14 26.73 -19.64
N PHE C 186 8.12 27.61 -19.55
CA PHE C 186 9.20 27.47 -18.61
C PHE C 186 9.12 28.72 -17.73
N ALA C 187 9.04 28.49 -16.42
CA ALA C 187 8.89 29.55 -15.43
C ALA C 187 10.16 30.34 -15.14
N TRP C 188 10.01 31.48 -14.46
CA TRP C 188 11.17 32.31 -14.09
C TRP C 188 12.23 31.56 -13.26
N HIS C 189 13.46 31.52 -13.76
CA HIS C 189 14.56 30.84 -13.10
C HIS C 189 15.87 31.25 -13.72
N THR C 190 16.96 31.04 -12.98
CA THR C 190 18.34 31.11 -13.46
C THR C 190 18.71 29.61 -13.60
N GLU C 191 19.88 29.29 -14.17
CA GLU C 191 20.33 27.91 -14.31
C GLU C 191 20.75 27.35 -12.97
N ASP C 192 20.83 26.00 -12.83
CA ASP C 192 21.31 25.37 -11.59
C ASP C 192 22.78 25.78 -11.44
N MET C 193 23.20 26.15 -10.19
CA MET C 193 24.53 26.68 -9.83
C MET C 193 24.81 28.03 -10.51
N ASP C 194 23.75 28.68 -11.07
CA ASP C 194 23.81 29.92 -11.84
C ASP C 194 24.76 29.78 -13.04
N LEU C 195 24.76 28.58 -13.65
CA LEU C 195 25.58 28.23 -14.81
C LEU C 195 25.07 28.93 -16.08
N TYR C 196 25.75 28.70 -17.20
CA TYR C 196 25.28 29.19 -18.50
C TYR C 196 24.41 28.06 -19.05
N SER C 197 23.63 28.32 -20.11
CA SER C 197 22.90 27.30 -20.82
C SER C 197 22.87 27.60 -22.34
N ILE C 198 22.73 26.53 -23.12
CA ILE C 198 22.68 26.58 -24.58
C ILE C 198 21.36 25.88 -24.93
N ASN C 199 20.64 26.39 -25.93
CA ASN C 199 19.34 25.82 -26.32
C ASN C 199 19.22 25.97 -27.81
N TYR C 200 19.01 24.84 -28.51
CA TYR C 200 18.86 24.78 -29.95
C TYR C 200 17.49 24.29 -30.27
N LEU C 201 16.77 25.03 -31.14
CA LEU C 201 15.43 24.66 -31.58
C LEU C 201 15.58 23.84 -32.84
N HIS C 202 15.50 22.50 -32.71
CA HIS C 202 15.67 21.57 -33.84
C HIS C 202 14.64 21.78 -34.97
N PHE C 203 13.35 21.89 -34.63
CA PHE C 203 12.28 22.05 -35.62
C PHE C 203 10.99 22.56 -34.97
N GLY C 204 10.05 22.95 -35.81
CA GLY C 204 8.70 23.31 -35.42
C GLY C 204 8.43 24.79 -35.22
N GLU C 205 7.41 25.03 -34.40
CA GLU C 205 6.91 26.35 -34.11
C GLU C 205 7.84 27.11 -33.14
N PRO C 206 7.84 28.46 -33.18
CA PRO C 206 8.76 29.22 -32.31
C PRO C 206 8.64 29.03 -30.79
N LYS C 207 9.70 29.50 -30.11
CA LYS C 207 9.79 29.52 -28.66
C LYS C 207 10.07 30.96 -28.26
N SER C 208 9.17 31.59 -27.50
CA SER C 208 9.39 32.99 -27.09
C SER C 208 9.98 33.02 -25.69
N TRP C 209 10.88 33.98 -25.45
CA TRP C 209 11.68 34.12 -24.26
C TRP C 209 11.57 35.50 -23.64
N TYR C 210 11.59 35.55 -22.31
CA TYR C 210 11.67 36.81 -21.57
C TYR C 210 12.96 36.71 -20.81
N SER C 211 13.62 37.86 -20.62
CA SER C 211 14.89 37.93 -19.93
C SER C 211 14.95 39.13 -19.00
N VAL C 212 15.63 38.98 -17.85
CA VAL C 212 15.87 40.04 -16.89
C VAL C 212 17.41 40.10 -16.76
N PRO C 213 18.04 41.28 -17.01
CA PRO C 213 19.52 41.33 -16.95
C PRO C 213 20.06 40.94 -15.57
N PRO C 214 21.20 40.18 -15.49
CA PRO C 214 21.76 39.79 -14.18
C PRO C 214 21.91 40.93 -13.17
N GLU C 215 22.31 42.15 -13.60
CA GLU C 215 22.42 43.33 -12.73
C GLU C 215 21.07 43.75 -12.07
N HIS C 216 19.93 43.22 -12.57
CA HIS C 216 18.61 43.52 -12.00
C HIS C 216 17.91 42.27 -11.43
N GLY C 217 18.59 41.13 -11.44
CA GLY C 217 18.08 39.85 -10.94
C GLY C 217 17.59 39.84 -9.51
N LYS C 218 18.32 40.56 -8.58
CA LYS C 218 17.94 40.66 -7.16
C LYS C 218 16.60 41.38 -6.97
N ARG C 219 16.23 42.26 -7.94
CA ARG C 219 14.96 43.01 -7.94
C ARG C 219 13.80 42.10 -8.25
N LEU C 220 13.98 41.18 -9.22
CA LEU C 220 12.98 40.17 -9.57
C LEU C 220 12.76 39.28 -8.32
N GLU C 221 13.84 38.74 -7.74
CA GLU C 221 13.80 37.95 -6.49
C GLU C 221 13.04 38.70 -5.36
N ARG C 222 13.32 40.00 -5.16
CA ARG C 222 12.60 40.80 -4.15
C ARG C 222 11.10 40.85 -4.47
N LEU C 223 10.74 41.09 -5.74
CA LEU C 223 9.34 41.08 -6.19
C LEU C 223 8.64 39.73 -5.92
N ALA C 224 9.21 38.61 -6.42
CA ALA C 224 8.69 37.24 -6.24
C ALA C 224 8.51 36.92 -4.75
N LYS C 225 9.43 37.41 -3.89
CA LYS C 225 9.37 37.23 -2.43
C LYS C 225 8.14 37.98 -1.88
N GLY C 226 7.94 39.23 -2.31
CA GLY C 226 6.82 40.06 -1.91
C GLY C 226 5.47 39.49 -2.29
N PHE C 227 5.41 38.82 -3.48
CA PHE C 227 4.21 38.19 -4.07
C PHE C 227 3.89 36.80 -3.54
N PHE C 228 4.91 36.01 -3.19
CA PHE C 228 4.74 34.64 -2.69
C PHE C 228 5.49 34.52 -1.35
N PRO C 229 4.99 35.15 -0.26
CA PRO C 229 5.70 35.11 1.03
C PRO C 229 5.77 33.73 1.69
N GLY C 230 4.72 32.94 1.57
CA GLY C 230 4.67 31.58 2.09
C GLY C 230 5.71 30.68 1.45
N SER C 231 5.94 30.88 0.13
CA SER C 231 6.89 30.13 -0.70
C SER C 231 8.33 30.49 -0.34
N ALA C 232 8.57 31.80 -0.14
CA ALA C 232 9.86 32.38 0.24
C ALA C 232 10.25 32.01 1.68
N GLN C 233 9.28 31.90 2.60
CA GLN C 233 9.50 31.51 4.01
C GLN C 233 10.00 30.07 4.13
N SER C 234 9.47 29.17 3.29
CA SER C 234 9.76 27.74 3.22
C SER C 234 11.08 27.42 2.52
N CYS C 235 11.50 28.29 1.58
CA CYS C 235 12.70 28.12 0.76
C CYS C 235 13.15 29.49 0.25
N GLU C 236 14.40 29.90 0.59
CA GLU C 236 14.97 31.17 0.14
C GLU C 236 15.11 31.19 -1.39
N ALA C 237 15.47 30.04 -1.98
CA ALA C 237 15.62 29.91 -3.42
C ALA C 237 14.42 29.17 -4.11
N PHE C 238 13.17 29.56 -3.76
CA PHE C 238 11.96 28.92 -4.30
C PHE C 238 11.82 29.09 -5.82
N LEU C 239 12.46 30.11 -6.43
CA LEU C 239 12.41 30.28 -7.88
C LEU C 239 13.09 29.12 -8.61
N ARG C 240 14.04 28.43 -7.94
CA ARG C 240 14.74 27.25 -8.49
C ARG C 240 13.80 26.06 -8.74
N HIS C 241 12.59 26.04 -8.11
CA HIS C 241 11.55 25.01 -8.28
C HIS C 241 10.92 25.15 -9.68
N LYS C 242 11.19 26.28 -10.38
CA LYS C 242 10.72 26.62 -11.74
C LYS C 242 9.18 26.43 -11.87
N MET C 243 8.43 27.07 -10.95
CA MET C 243 6.97 27.01 -10.83
C MET C 243 6.32 28.40 -10.90
N THR C 244 7.11 29.45 -10.75
CA THR C 244 6.59 30.81 -10.69
C THR C 244 6.55 31.50 -12.05
N LEU C 245 5.33 31.85 -12.49
CA LEU C 245 5.03 32.59 -13.73
C LEU C 245 4.59 34.01 -13.36
N ILE C 246 5.24 35.02 -13.95
CA ILE C 246 4.99 36.46 -13.76
C ILE C 246 4.93 37.11 -15.16
N SER C 247 3.77 37.73 -15.47
CA SER C 247 3.54 38.37 -16.77
C SER C 247 4.41 39.61 -17.00
N PRO C 248 4.75 39.92 -18.28
CA PRO C 248 5.53 41.15 -18.57
C PRO C 248 4.87 42.44 -18.06
N LEU C 249 3.52 42.46 -17.95
CA LEU C 249 2.75 43.61 -17.42
C LEU C 249 3.09 43.86 -15.94
N MET C 250 3.24 42.77 -15.17
CA MET C 250 3.63 42.85 -13.76
C MET C 250 5.06 43.35 -13.64
N LEU C 251 6.00 42.82 -14.46
CA LEU C 251 7.39 43.29 -14.47
C LEU C 251 7.43 44.78 -14.76
N LYS C 252 6.67 45.23 -15.77
CA LYS C 252 6.61 46.62 -16.22
C LYS C 252 6.08 47.51 -15.10
N LYS C 253 4.95 47.11 -14.48
CA LYS C 253 4.28 47.83 -13.38
C LYS C 253 5.20 48.01 -12.17
N TYR C 254 6.04 47.00 -11.87
CA TYR C 254 6.92 47.09 -10.70
C TYR C 254 8.33 47.53 -11.04
N GLY C 255 8.49 48.10 -12.24
CA GLY C 255 9.75 48.65 -12.74
C GLY C 255 10.90 47.68 -12.90
N ILE C 256 10.61 46.41 -13.18
CA ILE C 256 11.65 45.40 -13.42
C ILE C 256 12.08 45.51 -14.89
N PRO C 257 13.34 45.84 -15.22
CA PRO C 257 13.71 45.90 -16.64
C PRO C 257 13.78 44.48 -17.20
N PHE C 258 13.32 44.33 -18.45
CA PHE C 258 13.28 43.01 -19.12
C PHE C 258 13.25 43.20 -20.62
N ASP C 259 13.59 42.12 -21.35
CA ASP C 259 13.52 42.08 -22.79
C ASP C 259 12.86 40.79 -23.25
N LYS C 260 12.41 40.78 -24.53
CA LYS C 260 11.79 39.61 -25.13
C LYS C 260 12.36 39.30 -26.51
N VAL C 261 12.45 38.01 -26.81
CA VAL C 261 12.94 37.53 -28.11
C VAL C 261 12.21 36.23 -28.49
N THR C 262 11.92 36.08 -29.78
CA THR C 262 11.33 34.85 -30.32
C THR C 262 12.45 34.07 -31.02
N GLN C 263 12.59 32.79 -30.66
CA GLN C 263 13.55 31.85 -31.23
C GLN C 263 12.80 31.00 -32.24
N GLU C 264 13.26 31.00 -33.51
CA GLU C 264 12.68 30.25 -34.62
C GLU C 264 13.44 28.93 -34.75
N ALA C 265 12.85 27.92 -35.45
CA ALA C 265 13.54 26.63 -35.65
C ALA C 265 14.86 26.87 -36.40
N GLY C 266 15.91 26.25 -35.90
CA GLY C 266 17.26 26.36 -36.47
C GLY C 266 18.18 27.36 -35.80
N GLU C 267 17.75 28.01 -34.68
CA GLU C 267 18.59 29.01 -33.98
C GLU C 267 18.96 28.54 -32.58
N PHE C 268 20.04 29.09 -32.02
CA PHE C 268 20.54 28.84 -30.65
C PHE C 268 20.22 30.03 -29.76
N MET C 269 19.99 29.75 -28.45
CA MET C 269 19.82 30.76 -27.40
C MET C 269 20.86 30.45 -26.31
N ILE C 270 21.61 31.48 -25.89
CA ILE C 270 22.60 31.32 -24.81
C ILE C 270 22.11 32.09 -23.58
N THR C 271 22.02 31.41 -22.41
CA THR C 271 21.69 32.08 -21.16
C THR C 271 23.01 32.27 -20.37
N PHE C 272 23.17 33.44 -19.72
CA PHE C 272 24.37 33.78 -18.99
C PHE C 272 24.18 33.63 -17.48
N PRO C 273 25.28 33.40 -16.70
CA PRO C 273 25.15 33.27 -15.25
C PRO C 273 24.30 34.35 -14.59
N TYR C 274 23.33 33.90 -13.78
CA TYR C 274 22.41 34.77 -13.03
C TYR C 274 21.43 35.55 -13.97
N GLY C 275 21.20 34.99 -15.16
CA GLY C 275 20.25 35.55 -16.10
C GLY C 275 18.88 34.93 -15.91
N TYR C 276 17.93 35.69 -15.34
CA TYR C 276 16.56 35.17 -15.16
C TYR C 276 15.81 35.11 -16.49
N HIS C 277 15.19 33.96 -16.80
CA HIS C 277 14.44 33.81 -18.05
C HIS C 277 13.21 32.95 -17.83
N ALA C 278 12.22 33.11 -18.72
CA ALA C 278 10.93 32.45 -18.78
C ALA C 278 10.43 32.53 -20.24
N GLY C 279 9.41 31.76 -20.55
CA GLY C 279 8.86 31.83 -21.89
C GLY C 279 7.88 30.72 -22.16
N PHE C 280 7.50 30.60 -23.41
CA PHE C 280 6.50 29.65 -23.85
C PHE C 280 6.72 29.22 -25.29
N ASN C 281 6.13 28.06 -25.63
CA ASN C 281 6.15 27.47 -26.96
C ASN C 281 4.92 27.91 -27.74
N HIS C 282 5.11 28.20 -29.04
CA HIS C 282 4.01 28.66 -29.92
C HIS C 282 3.19 27.52 -30.41
N GLY C 283 3.82 26.35 -30.52
CA GLY C 283 3.16 25.14 -30.97
C GLY C 283 4.11 23.97 -30.99
N PHE C 284 3.74 22.90 -31.70
CA PHE C 284 4.56 21.70 -31.77
C PHE C 284 6.00 22.00 -32.21
N ASN C 285 6.96 21.58 -31.37
CA ASN C 285 8.38 21.78 -31.65
C ASN C 285 9.27 20.89 -30.80
N CYS C 286 10.59 20.92 -31.07
CA CYS C 286 11.58 20.19 -30.30
C CYS C 286 12.85 21.03 -30.14
N ALA C 287 13.33 21.15 -28.92
CA ALA C 287 14.52 21.89 -28.50
C ALA C 287 15.47 20.96 -27.72
N GLU C 288 16.78 21.21 -27.79
CA GLU C 288 17.84 20.48 -27.08
C GLU C 288 18.66 21.47 -26.25
N SER C 289 19.00 21.09 -25.00
CA SER C 289 19.78 21.94 -24.11
C SER C 289 20.67 21.20 -23.14
N THR C 290 21.65 21.95 -22.61
CA THR C 290 22.60 21.57 -21.57
C THR C 290 23.19 22.83 -20.96
N ASN C 291 23.96 22.65 -19.88
CA ASN C 291 24.67 23.70 -19.17
C ASN C 291 26.13 23.61 -19.57
N PHE C 292 26.86 24.74 -19.45
CA PHE C 292 28.28 24.87 -19.71
C PHE C 292 28.80 25.98 -18.80
N ALA C 293 30.12 26.18 -18.78
CA ALA C 293 30.77 27.17 -17.94
C ALA C 293 31.93 27.86 -18.64
N THR C 294 32.39 28.98 -18.03
CA THR C 294 33.57 29.75 -18.39
C THR C 294 34.27 30.04 -17.06
N ARG C 295 35.46 30.68 -17.11
CA ARG C 295 36.21 31.06 -15.90
C ARG C 295 35.37 32.06 -15.06
N ARG C 296 34.57 32.92 -15.74
CA ARG C 296 33.67 33.90 -15.15
C ARG C 296 32.63 33.28 -14.19
N TRP C 297 32.08 32.09 -14.52
CA TRP C 297 31.07 31.39 -13.72
C TRP C 297 31.53 30.97 -12.31
N ILE C 298 32.82 30.65 -12.11
CA ILE C 298 33.29 30.17 -10.80
C ILE C 298 32.79 31.05 -9.62
N GLU C 299 32.91 32.39 -9.74
CA GLU C 299 32.42 33.28 -8.68
C GLU C 299 30.92 33.19 -8.46
N TYR C 300 30.12 32.98 -9.56
CA TYR C 300 28.67 32.79 -9.51
C TYR C 300 28.31 31.46 -8.79
N GLY C 301 28.98 30.37 -9.15
CA GLY C 301 28.79 29.07 -8.50
C GLY C 301 29.07 29.05 -7.02
N LYS C 302 30.10 29.82 -6.56
CA LYS C 302 30.49 29.93 -5.15
C LYS C 302 29.45 30.73 -4.35
N GLN C 303 28.88 31.78 -4.97
CA GLN C 303 27.91 32.70 -4.36
C GLN C 303 26.44 32.37 -4.60
N ALA C 304 26.17 31.31 -5.39
CA ALA C 304 24.82 30.86 -5.75
C ALA C 304 24.00 30.42 -4.53
N VAL C 305 22.78 30.96 -4.40
CA VAL C 305 21.81 30.65 -3.33
C VAL C 305 20.99 29.45 -3.80
N LEU C 306 21.14 28.33 -3.11
CA LEU C 306 20.52 27.04 -3.48
C LEU C 306 19.23 26.74 -2.74
N CYS C 307 18.38 25.89 -3.36
CA CYS C 307 17.11 25.46 -2.80
C CYS C 307 17.32 24.72 -1.46
N SER C 308 16.76 25.28 -0.38
CA SER C 308 16.87 24.80 1.00
C SER C 308 15.67 23.95 1.48
N CYS C 309 14.75 23.57 0.56
CA CYS C 309 13.59 22.76 0.92
C CYS C 309 13.52 21.39 0.20
N ARG C 310 14.23 21.23 -0.92
CA ARG C 310 14.23 19.98 -1.70
C ARG C 310 15.62 19.34 -1.71
N MET C 313 17.49 18.83 -5.12
CA MET C 313 17.98 19.98 -5.88
C MET C 313 19.45 19.81 -6.27
N VAL C 314 19.84 20.34 -7.45
CA VAL C 314 21.21 20.27 -8.01
C VAL C 314 22.22 21.11 -7.22
N LYS C 315 23.28 20.45 -6.73
CA LYS C 315 24.37 21.09 -6.01
C LYS C 315 25.70 20.63 -6.58
N ILE C 316 26.64 21.57 -6.79
CA ILE C 316 28.00 21.28 -7.29
C ILE C 316 29.05 21.85 -6.32
N SER C 317 29.97 20.99 -5.84
CA SER C 317 31.07 21.38 -4.94
C SER C 317 32.04 22.28 -5.70
N MET C 318 32.25 23.50 -5.19
CA MET C 318 33.13 24.46 -5.84
C MET C 318 34.61 24.25 -5.47
N ASP C 319 34.86 23.37 -4.46
CA ASP C 319 36.20 23.04 -3.97
C ASP C 319 37.17 22.56 -5.06
N VAL C 320 36.65 21.91 -6.13
CA VAL C 320 37.49 21.48 -7.25
C VAL C 320 37.84 22.69 -8.13
N PHE C 321 36.84 23.55 -8.45
CA PHE C 321 36.99 24.75 -9.28
C PHE C 321 37.83 25.84 -8.64
N VAL C 322 37.58 26.11 -7.35
CA VAL C 322 38.30 27.11 -6.57
C VAL C 322 39.78 26.78 -6.50
N ARG C 323 40.13 25.49 -6.31
CA ARG C 323 41.52 25.00 -6.24
C ARG C 323 42.34 25.29 -7.51
N LYS C 324 41.79 24.95 -8.70
CA LYS C 324 42.46 25.09 -10.00
C LYS C 324 42.59 26.53 -10.51
N PHE C 325 41.54 27.35 -10.33
CA PHE C 325 41.50 28.71 -10.89
C PHE C 325 41.71 29.87 -9.91
N GLN C 326 41.47 29.65 -8.61
CA GLN C 326 41.65 30.67 -7.56
C GLN C 326 42.41 30.05 -6.34
N PRO C 327 43.68 29.60 -6.50
CA PRO C 327 44.38 28.96 -5.35
C PRO C 327 44.75 29.91 -4.22
N GLU C 328 45.05 31.18 -4.54
CA GLU C 328 45.41 32.22 -3.58
C GLU C 328 44.23 32.62 -2.67
N ARG C 329 43.00 32.44 -3.19
CA ARG C 329 41.75 32.75 -2.50
C ARG C 329 41.14 31.54 -1.79
N TYR C 330 41.67 30.31 -2.03
CA TYR C 330 41.16 29.05 -1.45
C TYR C 330 41.06 29.07 0.08
N LYS C 331 42.17 29.41 0.79
CA LYS C 331 42.23 29.46 2.25
C LYS C 331 41.26 30.52 2.80
N LEU C 332 41.17 31.67 2.09
CA LEU C 332 40.26 32.78 2.43
C LEU C 332 38.79 32.36 2.21
N TRP C 333 38.52 31.50 1.21
CA TRP C 333 37.19 31.00 0.85
C TRP C 333 36.74 29.84 1.76
N LYS C 334 37.66 28.92 2.11
CA LYS C 334 37.39 27.79 2.99
C LYS C 334 37.06 28.26 4.42
N ALA C 335 37.70 29.36 4.87
CA ALA C 335 37.48 29.97 6.19
C ALA C 335 36.22 30.86 6.25
N GLY C 336 35.73 31.30 5.09
CA GLY C 336 34.55 32.16 4.97
C GLY C 336 34.83 33.65 4.97
N LYS C 337 36.07 34.04 4.62
CA LYS C 337 36.55 35.43 4.58
C LYS C 337 36.61 35.99 3.15
N ASP C 338 36.24 35.18 2.13
CA ASP C 338 36.23 35.59 0.71
C ASP C 338 35.00 36.47 0.41
N ASN C 339 35.15 37.79 0.67
CA ASN C 339 34.09 38.78 0.47
C ASN C 339 34.13 39.42 -0.94
N THR C 340 34.37 38.60 -1.99
CA THR C 340 34.40 39.04 -3.40
C THR C 340 32.99 39.42 -3.85
N VAL C 341 32.84 40.59 -4.50
CA VAL C 341 31.56 41.10 -4.98
C VAL C 341 31.51 40.98 -6.52
N ILE C 342 30.47 40.28 -7.04
CA ILE C 342 30.30 40.07 -8.48
C ILE C 342 29.86 41.34 -9.23
N ASP C 343 30.63 41.72 -10.25
CA ASP C 343 30.30 42.78 -11.18
C ASP C 343 29.81 42.05 -12.41
N HIS C 344 28.51 42.21 -12.72
CA HIS C 344 27.80 41.55 -13.81
C HIS C 344 28.07 42.14 -15.21
N THR C 345 28.72 43.31 -15.27
CA THR C 345 29.01 43.99 -16.53
C THR C 345 30.34 43.49 -17.14
N LEU C 346 31.21 42.89 -16.30
CA LEU C 346 32.51 42.39 -16.70
C LEU C 346 32.43 41.17 -17.60
N PRO C 347 33.16 41.16 -18.74
CA PRO C 347 33.17 39.93 -19.57
C PRO C 347 34.10 38.87 -18.97
N THR C 348 34.05 37.64 -19.51
CA THR C 348 34.87 36.52 -19.06
C THR C 348 36.36 36.80 -19.36
N PRO C 349 37.31 36.46 -18.45
CA PRO C 349 38.74 36.74 -18.75
C PRO C 349 39.24 36.25 -20.11
N GLU C 350 38.61 35.22 -20.69
CA GLU C 350 38.88 34.64 -22.03
C GLU C 350 38.59 35.62 -23.18
N ALA C 351 37.83 36.69 -22.92
CA ALA C 351 37.46 37.71 -23.91
C ALA C 351 38.56 38.76 -24.15
N ALA C 352 39.65 38.73 -23.33
CA ALA C 352 40.79 39.65 -23.39
C ALA C 352 41.30 39.93 -24.81
N GLU C 353 41.54 38.87 -25.60
CA GLU C 353 42.02 38.91 -27.00
C GLU C 353 41.13 39.71 -27.97
N PHE C 354 39.82 39.88 -27.63
CA PHE C 354 38.84 40.63 -28.43
C PHE C 354 38.67 42.08 -27.90
N LEU C 355 39.36 42.42 -26.79
CA LEU C 355 39.31 43.72 -26.14
C LEU C 355 40.72 44.34 -26.06
N PRO D 11 -6.29 -44.48 23.91
CA PRO D 11 -6.16 -44.33 25.37
C PRO D 11 -6.22 -42.87 25.79
N SER D 12 -5.72 -41.96 24.93
CA SER D 12 -5.77 -40.50 25.13
C SER D 12 -7.08 -40.00 24.51
N ALA D 13 -7.79 -40.93 23.80
CA ALA D 13 -9.06 -40.74 23.10
C ALA D 13 -10.26 -41.32 23.88
N ARG D 14 -10.07 -41.61 25.19
CA ARG D 14 -11.17 -42.06 26.04
C ARG D 14 -11.91 -40.85 26.55
N ILE D 15 -13.24 -40.98 26.71
CA ILE D 15 -14.12 -39.92 27.21
C ILE D 15 -13.78 -39.57 28.68
N MET D 16 -13.48 -38.29 28.93
CA MET D 16 -13.21 -37.79 30.26
C MET D 16 -14.48 -37.14 30.87
N THR D 17 -14.51 -37.15 32.21
CA THR D 17 -15.56 -36.54 33.04
C THR D 17 -14.89 -35.48 33.92
N PHE D 18 -15.55 -34.34 34.07
CA PHE D 18 -15.04 -33.20 34.83
C PHE D 18 -16.04 -32.78 35.89
N TYR D 19 -15.52 -32.41 37.08
CA TYR D 19 -16.30 -32.02 38.23
C TYR D 19 -15.91 -30.59 38.67
N PRO D 20 -16.21 -29.52 37.89
CA PRO D 20 -15.77 -28.17 38.32
C PRO D 20 -16.42 -27.72 39.60
N THR D 21 -15.70 -26.90 40.37
CA THR D 21 -16.23 -26.24 41.58
C THR D 21 -17.07 -25.04 41.08
N MET D 22 -17.77 -24.33 41.97
CA MET D 22 -18.58 -23.17 41.58
C MET D 22 -17.71 -22.04 40.94
N GLU D 23 -16.49 -21.80 41.46
CA GLU D 23 -15.56 -20.78 40.95
C GLU D 23 -14.95 -21.11 39.56
N GLU D 24 -14.78 -22.40 39.23
CA GLU D 24 -14.25 -22.83 37.93
C GLU D 24 -15.37 -22.81 36.87
N PHE D 25 -16.59 -23.16 37.31
CA PHE D 25 -17.82 -23.27 36.52
C PHE D 25 -18.34 -21.92 36.01
N ARG D 26 -18.04 -20.80 36.69
CA ARG D 26 -18.51 -19.46 36.33
C ARG D 26 -18.10 -18.99 34.93
N ASN D 27 -16.84 -19.26 34.50
CA ASN D 27 -16.39 -18.85 33.18
C ASN D 27 -16.40 -20.04 32.21
N PHE D 28 -17.43 -20.09 31.33
CA PHE D 28 -17.64 -21.16 30.36
C PHE D 28 -16.49 -21.35 29.38
N SER D 29 -16.09 -20.28 28.70
CA SER D 29 -15.02 -20.29 27.70
C SER D 29 -13.68 -20.69 28.26
N ARG D 30 -13.35 -20.22 29.48
CA ARG D 30 -12.12 -20.51 30.20
C ARG D 30 -12.12 -21.96 30.60
N TYR D 31 -13.28 -22.47 31.00
CA TYR D 31 -13.39 -23.88 31.38
C TYR D 31 -13.18 -24.80 30.20
N ILE D 32 -13.70 -24.42 29.04
CA ILE D 32 -13.51 -25.22 27.85
C ILE D 32 -12.03 -25.32 27.52
N ALA D 33 -11.31 -24.20 27.65
CA ALA D 33 -9.88 -24.18 27.41
C ALA D 33 -9.16 -25.07 28.41
N TYR D 34 -9.57 -25.03 29.67
CA TYR D 34 -8.96 -25.90 30.67
C TYR D 34 -9.17 -27.41 30.32
N ILE D 35 -10.39 -27.83 29.97
CA ILE D 35 -10.64 -29.25 29.70
C ILE D 35 -9.84 -29.73 28.42
N GLU D 36 -9.56 -28.84 27.44
CA GLU D 36 -8.73 -29.16 26.27
C GLU D 36 -7.25 -29.30 26.65
N SER D 37 -6.79 -28.50 27.63
CA SER D 37 -5.44 -28.55 28.17
C SER D 37 -5.25 -29.91 28.87
N GLN D 38 -6.37 -30.49 29.36
CA GLN D 38 -6.44 -31.81 29.99
C GLN D 38 -6.51 -32.92 28.94
N GLY D 39 -6.74 -32.55 27.67
CA GLY D 39 -6.83 -33.50 26.58
C GLY D 39 -8.23 -34.02 26.24
N ALA D 40 -9.30 -33.40 26.81
CA ALA D 40 -10.71 -33.81 26.56
C ALA D 40 -11.14 -33.91 25.08
N HIS D 41 -10.67 -32.97 24.23
CA HIS D 41 -11.02 -32.85 22.81
C HIS D 41 -10.62 -34.08 21.94
N ARG D 42 -9.64 -34.86 22.41
CA ARG D 42 -9.16 -36.04 21.72
C ARG D 42 -10.17 -37.17 21.62
N ALA D 43 -11.09 -37.28 22.58
CA ALA D 43 -12.14 -38.28 22.53
C ALA D 43 -13.26 -37.81 21.58
N GLY D 44 -13.40 -36.48 21.41
CA GLY D 44 -14.44 -35.85 20.59
C GLY D 44 -15.70 -35.57 21.37
N LEU D 45 -15.74 -36.04 22.65
CA LEU D 45 -16.85 -35.91 23.56
C LEU D 45 -16.33 -35.90 25.01
N ALA D 46 -16.90 -34.99 25.84
CA ALA D 46 -16.54 -34.93 27.26
C ALA D 46 -17.79 -34.66 28.09
N LYS D 47 -17.87 -35.23 29.30
CA LYS D 47 -18.95 -35.03 30.24
C LYS D 47 -18.53 -33.98 31.31
N VAL D 48 -19.41 -33.02 31.61
CA VAL D 48 -19.13 -32.03 32.64
C VAL D 48 -20.28 -32.10 33.66
N VAL D 49 -19.95 -32.46 34.93
CA VAL D 49 -20.91 -32.55 36.02
C VAL D 49 -20.88 -31.21 36.74
N PRO D 50 -22.00 -30.42 36.71
CA PRO D 50 -22.00 -29.12 37.39
C PRO D 50 -22.02 -29.22 38.90
N PRO D 51 -21.53 -28.16 39.63
CA PRO D 51 -21.58 -28.21 41.11
C PRO D 51 -23.03 -28.38 41.57
N LYS D 52 -23.21 -29.14 42.65
CA LYS D 52 -24.50 -29.51 43.21
C LYS D 52 -25.38 -28.32 43.63
N GLU D 53 -24.78 -27.13 43.84
CA GLU D 53 -25.48 -25.89 44.25
C GLU D 53 -25.97 -25.05 43.06
N TRP D 54 -25.67 -25.49 41.82
CA TRP D 54 -26.06 -24.80 40.58
C TRP D 54 -27.34 -25.43 40.03
N LYS D 55 -28.27 -24.59 39.55
CA LYS D 55 -29.55 -25.03 38.98
C LYS D 55 -30.01 -24.07 37.87
N PRO D 56 -30.37 -24.56 36.67
CA PRO D 56 -30.83 -23.64 35.61
C PRO D 56 -32.31 -23.23 35.71
N ARG D 57 -33.11 -23.97 36.50
CA ARG D 57 -34.54 -23.75 36.68
C ARG D 57 -34.95 -24.28 38.06
N ALA D 58 -35.86 -23.58 38.74
CA ALA D 58 -36.35 -23.95 40.07
C ALA D 58 -37.09 -25.28 40.11
N SER D 59 -37.85 -25.59 39.04
CA SER D 59 -38.65 -26.82 38.86
C SER D 59 -39.14 -26.94 37.42
N TYR D 60 -39.56 -28.15 37.03
CA TYR D 60 -40.10 -28.41 35.69
C TYR D 60 -41.62 -28.69 35.74
N ASP D 61 -42.27 -28.24 36.84
CA ASP D 61 -43.69 -28.42 37.09
C ASP D 61 -44.62 -27.68 36.13
N ASP D 62 -44.13 -26.62 35.46
CA ASP D 62 -44.94 -25.77 34.60
C ASP D 62 -44.62 -25.87 33.10
N ILE D 63 -44.33 -27.08 32.59
CA ILE D 63 -43.97 -27.21 31.18
C ILE D 63 -44.84 -28.27 30.42
N ASP D 64 -45.90 -28.84 31.06
CA ASP D 64 -46.79 -29.82 30.41
C ASP D 64 -47.62 -29.20 29.29
N ASP D 65 -47.77 -27.86 29.30
CA ASP D 65 -48.51 -27.13 28.29
C ASP D 65 -47.65 -26.64 27.14
N LEU D 66 -46.30 -26.85 27.20
CA LEU D 66 -45.38 -26.46 26.13
C LEU D 66 -45.71 -27.28 24.89
N VAL D 67 -45.74 -26.61 23.72
CA VAL D 67 -46.06 -27.19 22.43
C VAL D 67 -44.77 -27.63 21.73
N ILE D 68 -44.74 -28.88 21.21
CA ILE D 68 -43.68 -29.46 20.36
C ILE D 68 -44.28 -29.26 18.94
N PRO D 69 -43.83 -28.25 18.18
CA PRO D 69 -44.51 -27.95 16.90
C PRO D 69 -44.42 -29.01 15.80
N ALA D 70 -43.36 -29.84 15.77
CA ALA D 70 -43.19 -30.85 14.72
C ALA D 70 -42.56 -32.14 15.22
N PRO D 71 -43.27 -32.96 16.04
CA PRO D 71 -42.63 -34.23 16.49
C PRO D 71 -42.41 -35.20 15.33
N ILE D 72 -41.35 -36.01 15.38
CA ILE D 72 -41.06 -36.91 14.27
C ILE D 72 -41.06 -38.37 14.70
N GLN D 73 -41.71 -39.21 13.89
CA GLN D 73 -41.73 -40.65 14.07
C GLN D 73 -40.50 -41.15 13.31
N GLN D 74 -39.65 -41.87 14.02
CA GLN D 74 -38.37 -42.39 13.52
C GLN D 74 -38.48 -43.79 13.00
N LEU D 75 -38.70 -43.94 11.68
CA LEU D 75 -38.77 -45.25 11.04
C LEU D 75 -37.35 -45.67 10.71
N VAL D 76 -36.96 -46.84 11.13
CA VAL D 76 -35.60 -47.34 10.92
C VAL D 76 -35.66 -48.58 10.05
N THR D 77 -34.80 -48.62 9.03
CA THR D 77 -34.68 -49.76 8.13
C THR D 77 -33.22 -50.23 8.12
N GLY D 78 -33.03 -51.53 8.11
CA GLY D 78 -31.69 -52.11 8.05
C GLY D 78 -31.52 -53.47 8.66
N GLN D 79 -30.27 -53.95 8.62
CA GLN D 79 -29.87 -55.24 9.16
C GLN D 79 -28.36 -55.27 9.37
N SER D 80 -27.87 -56.29 10.09
CA SER D 80 -26.47 -56.53 10.42
C SER D 80 -25.73 -55.27 10.92
N GLY D 81 -26.36 -54.51 11.81
CA GLY D 81 -25.71 -53.34 12.38
C GLY D 81 -25.63 -52.08 11.52
N LEU D 82 -26.26 -52.07 10.32
CA LEU D 82 -26.30 -50.94 9.39
C LEU D 82 -27.72 -50.55 9.12
N PHE D 83 -28.07 -49.29 9.47
CA PHE D 83 -29.43 -48.82 9.38
C PHE D 83 -29.59 -47.42 8.82
N THR D 84 -30.78 -47.15 8.26
CA THR D 84 -31.19 -45.85 7.75
C THR D 84 -32.45 -45.43 8.52
N GLN D 85 -32.41 -44.23 9.10
CA GLN D 85 -33.52 -43.66 9.83
C GLN D 85 -34.30 -42.64 8.95
N TYR D 86 -35.63 -42.80 8.88
CA TYR D 86 -36.52 -41.92 8.13
C TYR D 86 -37.38 -41.18 9.09
N ASN D 87 -37.38 -39.86 8.98
CA ASN D 87 -38.21 -38.99 9.83
C ASN D 87 -39.58 -38.79 9.18
N ILE D 88 -40.63 -38.93 9.98
CA ILE D 88 -42.02 -38.74 9.54
C ILE D 88 -42.60 -37.70 10.45
N GLN D 89 -42.85 -36.50 9.93
CA GLN D 89 -43.37 -35.41 10.74
C GLN D 89 -44.83 -35.64 11.08
N LYS D 90 -45.13 -35.69 12.39
CA LYS D 90 -46.47 -35.88 12.92
C LYS D 90 -47.03 -34.51 13.28
N LYS D 91 -48.34 -34.42 13.55
CA LYS D 91 -48.96 -33.15 13.93
C LYS D 91 -48.47 -32.68 15.33
N ALA D 92 -48.57 -31.37 15.58
CA ALA D 92 -48.19 -30.72 16.84
C ALA D 92 -48.84 -31.38 18.06
N MET D 93 -48.09 -31.43 19.16
CA MET D 93 -48.58 -31.97 20.42
C MET D 93 -47.96 -31.23 21.62
N THR D 94 -48.54 -31.40 22.80
CA THR D 94 -48.01 -30.78 24.02
C THR D 94 -47.00 -31.75 24.69
N VAL D 95 -46.27 -31.27 25.72
CA VAL D 95 -45.35 -32.10 26.50
C VAL D 95 -46.18 -33.14 27.31
N ARG D 96 -47.42 -32.79 27.69
CA ARG D 96 -48.37 -33.67 28.36
C ARG D 96 -48.80 -34.86 27.47
N GLU D 97 -49.12 -34.59 26.17
CA GLU D 97 -49.52 -35.64 25.23
C GLU D 97 -48.32 -36.52 24.87
N PHE D 98 -47.14 -35.90 24.76
CA PHE D 98 -45.88 -36.58 24.45
C PHE D 98 -45.52 -37.54 25.61
N ARG D 99 -45.62 -37.06 26.88
CA ARG D 99 -45.32 -37.81 28.10
C ARG D 99 -46.20 -39.06 28.24
N LYS D 100 -47.51 -38.94 27.93
CA LYS D 100 -48.46 -40.04 28.00
C LYS D 100 -48.05 -41.21 27.09
N ILE D 101 -47.66 -40.90 25.84
CA ILE D 101 -47.18 -41.87 24.85
C ILE D 101 -45.84 -42.50 25.31
N ALA D 102 -44.87 -41.69 25.75
CA ALA D 102 -43.56 -42.13 26.23
C ALA D 102 -43.67 -43.15 27.38
N ASN D 103 -44.66 -42.93 28.28
CA ASN D 103 -44.87 -43.78 29.45
C ASN D 103 -45.87 -44.90 29.21
N SER D 104 -46.54 -44.92 28.05
CA SER D 104 -47.52 -45.97 27.75
C SER D 104 -46.82 -47.31 27.53
N ASP D 105 -47.55 -48.42 27.72
CA ASP D 105 -47.00 -49.77 27.61
C ASP D 105 -46.26 -50.05 26.30
N LYS D 106 -46.81 -49.57 25.18
CA LYS D 106 -46.26 -49.71 23.83
C LYS D 106 -44.89 -49.06 23.64
N TYR D 107 -44.66 -47.91 24.29
CA TYR D 107 -43.44 -47.16 24.10
C TYR D 107 -42.52 -47.03 25.30
N CYS D 108 -42.92 -47.51 26.50
CA CYS D 108 -42.10 -47.37 27.70
C CYS D 108 -40.75 -48.12 27.62
N THR D 109 -39.80 -47.72 28.48
CA THR D 109 -38.49 -48.35 28.62
C THR D 109 -38.69 -49.80 29.09
N PRO D 110 -38.01 -50.81 28.46
CA PRO D 110 -38.14 -52.20 28.95
C PRO D 110 -37.54 -52.38 30.35
N ARG D 111 -37.87 -53.50 31.00
CA ARG D 111 -37.27 -53.83 32.29
C ARG D 111 -35.81 -54.22 32.00
N TYR D 112 -34.87 -53.82 32.89
CA TYR D 112 -33.43 -54.11 32.75
C TYR D 112 -32.67 -53.95 34.06
N SER D 113 -31.57 -54.70 34.21
CA SER D 113 -30.70 -54.63 35.38
C SER D 113 -29.52 -53.69 35.11
N GLU D 114 -28.68 -53.99 34.09
CA GLU D 114 -27.49 -53.19 33.72
C GLU D 114 -27.64 -52.55 32.34
N PHE D 115 -26.80 -51.52 32.02
CA PHE D 115 -26.81 -50.81 30.74
C PHE D 115 -26.63 -51.73 29.54
N GLU D 116 -25.65 -52.65 29.61
CA GLU D 116 -25.33 -53.62 28.56
C GLU D 116 -26.59 -54.32 28.02
N GLU D 117 -27.55 -54.63 28.94
CA GLU D 117 -28.85 -55.24 28.66
C GLU D 117 -29.74 -54.26 27.86
N LEU D 118 -29.82 -52.99 28.30
CA LEU D 118 -30.62 -51.98 27.61
C LEU D 118 -29.99 -51.59 26.24
N GLU D 119 -28.65 -51.58 26.16
CA GLU D 119 -27.93 -51.30 24.91
C GLU D 119 -28.19 -52.47 23.92
N ARG D 120 -28.23 -53.74 24.42
CA ARG D 120 -28.53 -54.89 23.54
C ARG D 120 -29.96 -54.81 23.00
N LYS D 121 -30.90 -54.42 23.86
CA LYS D 121 -32.31 -54.27 23.52
C LYS D 121 -32.49 -53.18 22.49
N TYR D 122 -31.75 -52.07 22.62
CA TYR D 122 -31.83 -50.99 21.66
C TYR D 122 -31.43 -51.47 20.27
N TRP D 123 -30.21 -52.04 20.15
CA TRP D 123 -29.66 -52.52 18.89
C TRP D 123 -30.45 -53.67 18.26
N LYS D 124 -31.16 -54.47 19.07
CA LYS D 124 -31.99 -55.58 18.60
C LYS D 124 -33.39 -55.11 18.19
N ASN D 125 -33.88 -54.00 18.79
CA ASN D 125 -35.25 -53.58 18.56
C ASN D 125 -35.44 -52.25 17.87
N LEU D 126 -34.37 -51.55 17.46
CA LEU D 126 -34.50 -50.19 16.90
C LEU D 126 -35.32 -50.10 15.60
N THR D 127 -35.59 -51.22 14.92
CA THR D 127 -36.43 -51.20 13.71
C THR D 127 -37.90 -51.51 14.02
N PHE D 128 -38.21 -51.90 15.27
CA PHE D 128 -39.59 -52.20 15.65
C PHE D 128 -40.23 -51.02 16.39
N ASN D 129 -41.58 -50.99 16.48
CA ASN D 129 -42.34 -49.95 17.20
C ASN D 129 -41.77 -48.50 17.03
N PRO D 130 -41.78 -47.93 15.79
CA PRO D 130 -41.18 -46.59 15.58
C PRO D 130 -41.56 -45.52 16.62
N PRO D 131 -40.60 -45.01 17.42
CA PRO D 131 -40.97 -44.03 18.46
C PRO D 131 -41.11 -42.60 17.92
N ILE D 132 -41.67 -41.70 18.74
CA ILE D 132 -41.84 -40.28 18.40
C ILE D 132 -40.79 -39.47 19.17
N TYR D 133 -40.06 -38.59 18.48
CA TYR D 133 -39.01 -37.73 19.04
C TYR D 133 -39.50 -36.28 18.94
N GLY D 134 -39.66 -35.59 20.07
CA GLY D 134 -40.06 -34.19 20.13
C GLY D 134 -38.83 -33.31 19.98
N ALA D 135 -38.16 -33.43 18.83
CA ALA D 135 -36.89 -32.77 18.51
C ALA D 135 -37.04 -31.39 17.89
N ASP D 136 -35.93 -30.62 17.91
CA ASP D 136 -35.80 -29.29 17.30
C ASP D 136 -36.86 -28.27 17.74
N VAL D 137 -37.19 -28.24 19.04
CA VAL D 137 -38.15 -27.28 19.56
C VAL D 137 -37.38 -26.00 19.89
N ASN D 138 -37.70 -24.88 19.24
CA ASN D 138 -37.05 -23.60 19.51
C ASN D 138 -37.37 -23.14 20.91
N GLY D 139 -36.35 -23.01 21.73
CA GLY D 139 -36.55 -22.54 23.09
C GLY D 139 -35.53 -22.96 24.12
N THR D 140 -35.71 -22.45 25.32
CA THR D 140 -34.88 -22.70 26.49
C THR D 140 -35.70 -23.04 27.71
N LEU D 141 -35.09 -23.75 28.66
CA LEU D 141 -35.72 -24.07 29.95
C LEU D 141 -34.95 -23.40 31.08
N TYR D 142 -33.89 -22.65 30.73
CA TYR D 142 -33.10 -21.89 31.68
C TYR D 142 -33.93 -20.68 32.15
N GLU D 143 -33.71 -20.23 33.38
CA GLU D 143 -34.31 -19.02 33.86
C GLU D 143 -33.42 -17.93 33.25
N LYS D 144 -33.96 -16.72 33.05
CA LYS D 144 -33.25 -15.62 32.40
C LYS D 144 -31.99 -15.17 33.16
N HIS D 145 -32.08 -15.09 34.49
CA HIS D 145 -31.01 -14.65 35.39
C HIS D 145 -29.79 -15.59 35.49
N VAL D 146 -29.95 -16.90 35.21
CA VAL D 146 -28.84 -17.88 35.28
C VAL D 146 -27.65 -17.42 34.39
N ASP D 147 -26.52 -17.04 35.02
CA ASP D 147 -25.31 -16.57 34.32
C ASP D 147 -24.38 -17.70 33.94
N GLU D 148 -24.40 -18.78 34.72
CA GLU D 148 -23.50 -19.90 34.47
C GLU D 148 -24.05 -20.87 33.44
N TRP D 149 -23.23 -21.12 32.40
CA TRP D 149 -23.45 -22.09 31.33
C TRP D 149 -24.83 -21.99 30.71
N ASN D 150 -25.29 -20.75 30.50
CA ASN D 150 -26.59 -20.50 29.92
C ASN D 150 -26.52 -20.73 28.41
N ILE D 151 -27.12 -21.85 27.97
CA ILE D 151 -27.17 -22.31 26.57
C ILE D 151 -27.71 -21.20 25.63
N GLY D 152 -28.63 -20.36 26.10
CA GLY D 152 -29.18 -19.23 25.34
C GLY D 152 -28.22 -18.09 25.10
N ARG D 153 -27.17 -17.95 25.96
CA ARG D 153 -26.17 -16.87 25.91
C ARG D 153 -24.78 -17.31 26.39
N LEU D 154 -24.07 -18.15 25.59
CA LEU D 154 -22.75 -18.65 26.02
C LEU D 154 -21.62 -17.62 25.87
N ARG D 155 -21.83 -16.61 25.02
CA ARG D 155 -20.91 -15.49 24.74
C ARG D 155 -19.54 -15.95 24.16
N THR D 156 -19.56 -16.98 23.30
CA THR D 156 -18.36 -17.46 22.63
C THR D 156 -18.17 -16.60 21.35
N ILE D 157 -17.07 -16.80 20.61
CA ILE D 157 -16.80 -16.06 19.37
C ILE D 157 -17.80 -16.42 18.24
N LEU D 158 -18.65 -17.47 18.42
CA LEU D 158 -19.69 -17.82 17.44
C LEU D 158 -20.72 -16.67 17.32
N ASP D 159 -20.78 -15.80 18.36
CA ASP D 159 -21.65 -14.61 18.45
C ASP D 159 -21.41 -13.63 17.30
N LEU D 160 -20.23 -13.70 16.64
CA LEU D 160 -19.84 -12.86 15.51
C LEU D 160 -20.73 -13.08 14.27
N VAL D 161 -21.40 -14.26 14.17
CA VAL D 161 -22.30 -14.59 13.07
C VAL D 161 -23.53 -13.65 13.06
N GLU D 162 -24.29 -13.60 14.18
CA GLU D 162 -25.47 -12.75 14.34
C GLU D 162 -25.13 -11.26 14.48
N LYS D 163 -23.93 -10.94 15.01
CA LYS D 163 -23.43 -9.57 15.19
C LYS D 163 -23.07 -8.91 13.86
N GLU D 164 -22.23 -9.58 13.03
CA GLU D 164 -21.81 -9.07 11.72
C GLU D 164 -22.90 -9.27 10.62
N SER D 165 -23.67 -10.39 10.72
CA SER D 165 -24.75 -10.71 9.78
C SER D 165 -26.01 -11.14 10.52
CA ILE D 167 -28.28 -13.76 11.21
C ILE D 167 -28.50 -14.86 12.25
N THR D 168 -29.73 -15.37 12.35
CA THR D 168 -30.11 -16.45 13.28
C THR D 168 -30.37 -17.79 12.57
N ILE D 169 -29.67 -18.83 12.99
CA ILE D 169 -29.82 -20.18 12.46
C ILE D 169 -30.27 -21.05 13.62
N GLU D 170 -31.56 -21.47 13.58
CA GLU D 170 -32.24 -22.29 14.60
C GLU D 170 -31.43 -23.51 15.02
N GLY D 171 -31.13 -23.58 16.32
CA GLY D 171 -30.34 -24.65 16.92
C GLY D 171 -28.83 -24.52 16.83
N VAL D 172 -28.33 -23.52 16.07
CA VAL D 172 -26.88 -23.28 15.89
C VAL D 172 -26.43 -22.14 16.82
N ASN D 173 -26.95 -20.92 16.62
CA ASN D 173 -26.66 -19.81 17.52
C ASN D 173 -27.86 -19.62 18.48
N THR D 174 -28.93 -20.42 18.29
CA THR D 174 -30.15 -20.41 19.10
C THR D 174 -30.33 -21.76 19.86
N PRO D 175 -30.97 -21.80 21.06
CA PRO D 175 -31.09 -23.09 21.75
C PRO D 175 -32.26 -23.94 21.23
N TYR D 176 -32.07 -25.25 21.29
CA TYR D 176 -33.05 -26.25 20.87
C TYR D 176 -33.38 -27.18 22.03
N LEU D 177 -34.68 -27.54 22.15
CA LEU D 177 -35.18 -28.49 23.15
C LEU D 177 -35.48 -29.80 22.47
N TYR D 178 -35.19 -30.91 23.16
CA TYR D 178 -35.41 -32.27 22.66
C TYR D 178 -36.12 -33.09 23.72
N PHE D 179 -37.34 -33.52 23.37
CA PHE D 179 -38.16 -34.37 24.24
C PHE D 179 -38.04 -35.80 23.73
N GLY D 180 -37.42 -36.62 24.54
CA GLY D 180 -37.14 -38.00 24.17
C GLY D 180 -38.03 -39.01 24.84
N MET D 181 -38.04 -40.19 24.27
CA MET D 181 -38.68 -41.38 24.80
C MET D 181 -37.75 -42.53 24.46
N TRP D 182 -38.01 -43.69 25.03
CA TRP D 182 -37.20 -44.87 24.81
C TRP D 182 -36.99 -45.15 23.33
N LYS D 183 -35.74 -45.44 22.97
CA LYS D 183 -35.35 -45.88 21.64
C LYS D 183 -35.33 -44.73 20.62
N THR D 184 -35.57 -43.44 21.03
CA THR D 184 -35.38 -42.32 20.10
C THR D 184 -33.86 -42.18 19.94
N SER D 185 -33.39 -41.95 18.73
CA SER D 185 -31.97 -41.89 18.47
C SER D 185 -31.47 -40.74 17.67
N PHE D 186 -30.18 -40.47 17.81
CA PHE D 186 -29.52 -39.49 16.99
C PHE D 186 -28.45 -40.26 16.22
N ALA D 187 -28.46 -40.11 14.91
CA ALA D 187 -27.56 -40.77 13.99
C ALA D 187 -26.15 -40.22 13.99
N TRP D 188 -25.23 -41.00 13.43
CA TRP D 188 -23.81 -40.59 13.33
C TRP D 188 -23.61 -39.27 12.58
N HIS D 189 -23.05 -38.29 13.27
CA HIS D 189 -22.83 -36.97 12.64
C HIS D 189 -21.82 -36.15 13.43
N THR D 190 -21.24 -35.13 12.77
CA THR D 190 -20.47 -34.05 13.37
C THR D 190 -21.45 -32.86 13.43
N GLU D 191 -21.07 -31.75 14.09
CA GLU D 191 -21.99 -30.61 14.11
C GLU D 191 -21.96 -29.84 12.78
N ASP D 192 -22.95 -28.96 12.55
CA ASP D 192 -23.00 -28.14 11.34
C ASP D 192 -21.72 -27.29 11.37
N MET D 193 -21.01 -27.19 10.21
CA MET D 193 -19.76 -26.43 10.08
C MET D 193 -18.63 -26.98 10.98
N ASP D 194 -18.81 -28.23 11.48
CA ASP D 194 -17.90 -28.98 12.40
C ASP D 194 -17.59 -28.18 13.68
N LEU D 195 -18.65 -27.54 14.23
CA LEU D 195 -18.64 -26.68 15.41
C LEU D 195 -18.63 -27.54 16.67
N TYR D 196 -18.52 -26.89 17.83
CA TYR D 196 -18.63 -27.63 19.10
C TYR D 196 -20.14 -27.62 19.41
N SER D 197 -20.60 -28.48 20.33
CA SER D 197 -21.96 -28.43 20.83
C SER D 197 -21.96 -28.68 22.33
N ILE D 198 -23.01 -28.18 22.98
CA ILE D 198 -23.26 -28.31 24.41
C ILE D 198 -24.65 -28.91 24.52
N ASN D 199 -24.79 -29.90 25.39
CA ASN D 199 -26.05 -30.58 25.59
C ASN D 199 -26.28 -30.71 27.08
N TYR D 200 -27.38 -30.15 27.59
CA TYR D 200 -27.71 -30.30 28.98
C TYR D 200 -28.95 -31.18 29.11
N LEU D 201 -28.90 -32.21 29.98
CA LEU D 201 -30.07 -33.07 30.24
C LEU D 201 -30.86 -32.46 31.40
N HIS D 202 -31.96 -31.75 31.10
CA HIS D 202 -32.79 -31.09 32.12
C HIS D 202 -33.40 -32.05 33.14
N PHE D 203 -34.07 -33.10 32.68
CA PHE D 203 -34.71 -34.08 33.55
C PHE D 203 -34.97 -35.36 32.81
N GLY D 204 -35.35 -36.38 33.58
CA GLY D 204 -35.80 -37.66 33.07
C GLY D 204 -34.77 -38.74 32.97
N GLU D 205 -35.05 -39.69 32.07
CA GLU D 205 -34.23 -40.87 31.89
C GLU D 205 -32.91 -40.55 31.19
N PRO D 206 -31.89 -41.40 31.29
CA PRO D 206 -30.60 -41.05 30.65
C PRO D 206 -30.62 -40.98 29.11
N LYS D 207 -29.50 -40.48 28.57
CA LYS D 207 -29.22 -40.44 27.14
C LYS D 207 -27.84 -41.10 27.01
N SER D 208 -27.75 -42.15 26.17
CA SER D 208 -26.47 -42.83 25.95
C SER D 208 -25.80 -42.31 24.67
N TRP D 209 -24.46 -42.13 24.70
CA TRP D 209 -23.71 -41.55 23.59
C TRP D 209 -22.57 -42.45 23.14
N TYR D 210 -22.25 -42.40 21.83
CA TYR D 210 -21.10 -43.08 21.23
C TYR D 210 -20.29 -42.00 20.56
N SER D 211 -18.95 -42.13 20.60
N SER D 211 -18.94 -42.08 20.63
CA SER D 211 -18.06 -41.15 20.01
CA SER D 211 -18.07 -41.08 20.00
C SER D 211 -16.91 -41.80 19.26
C SER D 211 -16.82 -41.69 19.36
N VAL D 212 -16.50 -41.19 18.15
CA VAL D 212 -15.36 -41.61 17.37
C VAL D 212 -14.38 -40.41 17.50
N PRO D 213 -13.10 -40.65 17.93
CA PRO D 213 -12.15 -39.54 18.07
C PRO D 213 -11.97 -38.76 16.76
N PRO D 214 -11.98 -37.40 16.78
CA PRO D 214 -11.76 -36.63 15.53
C PRO D 214 -10.59 -37.14 14.67
N GLU D 215 -9.51 -37.68 15.28
CA GLU D 215 -8.32 -38.24 14.57
C GLU D 215 -8.62 -39.49 13.75
N HIS D 216 -9.79 -40.12 13.96
CA HIS D 216 -10.28 -41.32 13.28
C HIS D 216 -11.60 -41.09 12.48
N GLY D 217 -12.11 -39.86 12.46
CA GLY D 217 -13.34 -39.51 11.75
C GLY D 217 -13.37 -39.79 10.26
N LYS D 218 -12.22 -39.63 9.56
CA LYS D 218 -12.10 -39.91 8.13
C LYS D 218 -12.25 -41.41 7.86
N ARG D 219 -11.81 -42.24 8.81
CA ARG D 219 -11.93 -43.70 8.74
C ARG D 219 -13.41 -44.13 8.81
N LEU D 220 -14.23 -43.44 9.67
CA LEU D 220 -15.66 -43.70 9.77
C LEU D 220 -16.36 -43.28 8.49
N GLU D 221 -15.99 -42.11 7.95
CA GLU D 221 -16.54 -41.57 6.68
C GLU D 221 -16.29 -42.56 5.53
N ARG D 222 -15.04 -43.10 5.42
N ARG D 222 -15.05 -43.09 5.42
CA ARG D 222 -14.65 -44.07 4.40
CA ARG D 222 -14.72 -44.05 4.37
C ARG D 222 -15.46 -45.35 4.53
C ARG D 222 -15.51 -45.34 4.53
N LEU D 223 -15.70 -45.79 5.78
CA LEU D 223 -16.51 -46.97 6.11
C LEU D 223 -17.96 -46.78 5.61
N ALA D 224 -18.59 -45.66 6.04
CA ALA D 224 -19.97 -45.31 5.72
C ALA D 224 -20.20 -45.21 4.24
N LYS D 225 -19.26 -44.54 3.51
CA LYS D 225 -19.34 -44.39 2.04
C LYS D 225 -19.33 -45.76 1.36
N GLY D 226 -18.48 -46.68 1.83
CA GLY D 226 -18.40 -48.04 1.31
C GLY D 226 -19.68 -48.83 1.49
N PHE D 227 -20.43 -48.55 2.57
CA PHE D 227 -21.69 -49.23 2.85
C PHE D 227 -22.88 -48.59 2.17
N PHE D 228 -22.84 -47.27 1.95
CA PHE D 228 -23.92 -46.54 1.26
C PHE D 228 -23.35 -45.84 0.02
N PRO D 229 -22.87 -46.62 -1.01
CA PRO D 229 -22.34 -45.98 -2.24
C PRO D 229 -23.30 -45.05 -2.95
N GLY D 230 -24.59 -45.41 -2.95
CA GLY D 230 -25.66 -44.63 -3.58
C GLY D 230 -25.83 -43.26 -2.95
N SER D 231 -25.83 -43.21 -1.59
CA SER D 231 -25.95 -41.96 -0.83
C SER D 231 -24.73 -41.06 -1.03
N ALA D 232 -23.51 -41.68 -1.02
CA ALA D 232 -22.23 -41.02 -1.22
C ALA D 232 -22.09 -40.42 -2.61
N GLN D 233 -22.64 -41.11 -3.64
CA GLN D 233 -22.60 -40.64 -5.03
C GLN D 233 -23.53 -39.44 -5.24
N SER D 234 -24.62 -39.38 -4.45
CA SER D 234 -25.62 -38.31 -4.51
C SER D 234 -25.23 -37.05 -3.69
N CYS D 235 -24.44 -37.24 -2.62
CA CYS D 235 -24.00 -36.20 -1.68
C CYS D 235 -22.76 -36.77 -0.99
N GLU D 236 -21.60 -36.10 -1.12
CA GLU D 236 -20.38 -36.59 -0.45
C GLU D 236 -20.56 -36.59 1.07
N ALA D 237 -21.11 -35.47 1.61
CA ALA D 237 -21.37 -35.28 3.04
C ALA D 237 -22.76 -35.82 3.50
N PHE D 238 -23.18 -37.01 2.98
CA PHE D 238 -24.49 -37.63 3.29
C PHE D 238 -24.70 -37.95 4.80
N LEU D 239 -23.60 -38.00 5.61
CA LEU D 239 -23.73 -38.22 7.06
C LEU D 239 -24.36 -37.02 7.73
N ARG D 240 -24.21 -35.84 7.12
CA ARG D 240 -24.81 -34.58 7.59
C ARG D 240 -26.35 -34.61 7.56
N HIS D 241 -26.96 -35.62 6.86
CA HIS D 241 -28.42 -35.83 6.77
C HIS D 241 -28.92 -36.43 8.06
N LYS D 242 -28.01 -36.98 8.90
CA LYS D 242 -28.29 -37.56 10.22
C LYS D 242 -29.33 -38.70 10.11
N MET D 243 -29.08 -39.62 9.18
CA MET D 243 -29.94 -40.76 8.87
C MET D 243 -29.21 -42.09 9.04
N THR D 244 -27.87 -42.07 9.18
CA THR D 244 -27.05 -43.27 9.22
C THR D 244 -26.74 -43.77 10.64
N LEU D 245 -27.25 -44.98 10.96
CA LEU D 245 -27.07 -45.69 12.23
C LEU D 245 -26.11 -46.89 12.00
N ILE D 246 -25.05 -46.99 12.82
CA ILE D 246 -24.01 -48.02 12.75
C ILE D 246 -23.77 -48.54 14.15
N SER D 247 -23.99 -49.83 14.36
CA SER D 247 -23.83 -50.39 15.71
C SER D 247 -22.36 -50.49 16.21
N PRO D 248 -22.14 -50.47 17.56
CA PRO D 248 -20.77 -50.63 18.09
C PRO D 248 -20.03 -51.89 17.62
N LEU D 249 -20.76 -52.98 17.38
CA LEU D 249 -20.25 -54.24 16.85
C LEU D 249 -19.72 -54.06 15.42
N MET D 250 -20.40 -53.21 14.62
CA MET D 250 -19.97 -52.94 13.25
C MET D 250 -18.67 -52.10 13.24
N LEU D 251 -18.59 -51.08 14.08
CA LEU D 251 -17.39 -50.26 14.25
C LEU D 251 -16.18 -51.11 14.69
N LYS D 252 -16.41 -52.04 15.63
CA LYS D 252 -15.35 -52.92 16.14
C LYS D 252 -14.83 -53.86 15.05
N LYS D 253 -15.75 -54.38 14.22
CA LYS D 253 -15.42 -55.27 13.11
C LYS D 253 -14.48 -54.58 12.08
N TYR D 254 -14.72 -53.28 11.84
CA TYR D 254 -14.00 -52.49 10.85
C TYR D 254 -12.84 -51.67 11.39
N GLY D 255 -12.44 -51.95 12.64
CA GLY D 255 -11.30 -51.29 13.27
C GLY D 255 -11.48 -49.83 13.61
N ILE D 256 -12.72 -49.33 13.68
CA ILE D 256 -13.00 -47.95 14.04
C ILE D 256 -12.89 -47.77 15.58
N PRO D 257 -11.95 -46.99 16.14
CA PRO D 257 -11.95 -46.80 17.60
C PRO D 257 -13.13 -45.92 18.05
N PHE D 258 -13.72 -46.25 19.20
CA PHE D 258 -14.88 -45.54 19.75
C PHE D 258 -14.96 -45.65 21.26
N ASP D 259 -15.74 -44.78 21.89
CA ASP D 259 -16.00 -44.88 23.30
C ASP D 259 -17.47 -44.64 23.52
N LYS D 260 -17.96 -44.96 24.70
CA LYS D 260 -19.34 -44.72 25.06
C LYS D 260 -19.46 -44.11 26.46
N VAL D 261 -20.58 -43.44 26.71
CA VAL D 261 -20.84 -42.80 27.99
C VAL D 261 -22.35 -42.58 28.14
N THR D 262 -22.81 -42.65 29.39
CA THR D 262 -24.21 -42.42 29.69
C THR D 262 -24.34 -41.06 30.41
N GLN D 263 -25.20 -40.20 29.86
CA GLN D 263 -25.48 -38.87 30.39
C GLN D 263 -26.78 -38.96 31.21
N GLU D 264 -26.69 -38.58 32.48
CA GLU D 264 -27.82 -38.60 33.39
C GLU D 264 -28.33 -37.19 33.57
N ALA D 265 -29.58 -37.09 34.06
CA ALA D 265 -30.24 -35.82 34.32
C ALA D 265 -29.33 -34.92 35.17
N GLY D 266 -29.13 -33.71 34.68
CA GLY D 266 -28.33 -32.69 35.36
C GLY D 266 -26.88 -32.64 34.95
N GLU D 267 -26.50 -33.39 33.92
CA GLU D 267 -25.11 -33.39 33.42
C GLU D 267 -25.07 -32.78 32.03
N PHE D 268 -23.93 -32.18 31.68
CA PHE D 268 -23.63 -31.63 30.38
C PHE D 268 -22.75 -32.59 29.55
N MET D 269 -22.89 -32.55 28.23
CA MET D 269 -22.02 -33.24 27.27
C MET D 269 -21.52 -32.16 26.35
N ILE D 270 -20.21 -32.18 26.06
CA ILE D 270 -19.56 -31.26 25.14
C ILE D 270 -19.05 -32.11 23.99
N THR D 271 -19.37 -31.74 22.75
CA THR D 271 -18.85 -32.39 21.54
C THR D 271 -17.85 -31.39 20.97
N PHE D 272 -16.77 -31.92 20.41
CA PHE D 272 -15.70 -31.12 19.88
C PHE D 272 -15.71 -31.10 18.34
N PRO D 273 -15.03 -30.10 17.71
CA PRO D 273 -14.99 -30.06 16.24
C PRO D 273 -14.53 -31.36 15.57
N TYR D 274 -15.34 -31.83 14.60
CA TYR D 274 -15.11 -33.06 13.84
C TYR D 274 -15.20 -34.33 14.71
N GLY D 275 -15.86 -34.20 15.87
CA GLY D 275 -16.14 -35.32 16.76
C GLY D 275 -17.42 -36.03 16.37
N TYR D 276 -17.33 -37.18 15.65
CA TYR D 276 -18.52 -37.96 15.24
C TYR D 276 -19.18 -38.59 16.47
N HIS D 277 -20.50 -38.43 16.63
CA HIS D 277 -21.25 -38.99 17.74
C HIS D 277 -22.65 -39.47 17.30
N ALA D 278 -23.21 -40.42 18.06
CA ALA D 278 -24.51 -41.04 17.88
C ALA D 278 -25.01 -41.47 19.25
N GLY D 279 -26.29 -41.79 19.35
CA GLY D 279 -26.79 -42.31 20.63
C GLY D 279 -28.29 -42.47 20.71
N PHE D 280 -28.76 -42.80 21.89
CA PHE D 280 -30.19 -43.00 22.12
C PHE D 280 -30.63 -42.57 23.51
N ASN D 281 -31.95 -42.34 23.67
CA ASN D 281 -32.57 -41.98 24.91
C ASN D 281 -33.10 -43.22 25.58
N HIS D 282 -32.90 -43.35 26.92
CA HIS D 282 -33.38 -44.53 27.68
C HIS D 282 -34.88 -44.44 27.92
N GLY D 283 -35.42 -43.22 28.00
CA GLY D 283 -36.83 -43.05 28.27
C GLY D 283 -37.22 -41.60 28.21
N PHE D 284 -38.38 -41.26 28.80
CA PHE D 284 -38.87 -39.89 28.78
C PHE D 284 -37.86 -38.94 29.39
N ASN D 285 -37.49 -37.92 28.63
CA ASN D 285 -36.55 -36.92 29.08
C ASN D 285 -36.60 -35.65 28.30
N CYS D 286 -35.76 -34.69 28.70
CA CYS D 286 -35.66 -33.40 28.04
C CYS D 286 -34.24 -32.88 28.10
N ALA D 287 -33.69 -32.48 26.95
CA ALA D 287 -32.33 -31.96 26.77
C ALA D 287 -32.34 -30.65 26.02
N GLU D 288 -31.35 -29.80 26.31
CA GLU D 288 -31.23 -28.52 25.63
C GLU D 288 -29.88 -28.47 24.95
N SER D 289 -29.83 -27.90 23.73
CA SER D 289 -28.63 -27.90 22.94
C SER D 289 -28.45 -26.67 22.11
N THR D 290 -27.17 -26.36 21.78
CA THR D 290 -26.74 -25.28 20.88
C THR D 290 -25.30 -25.55 20.44
N ASN D 291 -24.83 -24.82 19.42
CA ASN D 291 -23.45 -24.93 18.95
C ASN D 291 -22.69 -23.76 19.53
N PHE D 292 -21.36 -23.86 19.59
CA PHE D 292 -20.46 -22.79 20.04
C PHE D 292 -19.11 -22.99 19.40
N ALA D 293 -18.26 -22.02 19.52
CA ALA D 293 -16.94 -22.03 18.89
C ALA D 293 -15.88 -21.48 19.80
N THR D 294 -14.62 -21.87 19.52
CA THR D 294 -13.42 -21.33 20.15
C THR D 294 -12.56 -20.88 18.96
N ARG D 295 -11.36 -20.35 19.24
CA ARG D 295 -10.39 -19.94 18.22
C ARG D 295 -9.94 -21.13 17.36
N ARG D 296 -9.88 -22.36 17.95
CA ARG D 296 -9.50 -23.61 17.29
C ARG D 296 -10.48 -23.99 16.17
N TRP D 297 -11.80 -23.81 16.39
CA TRP D 297 -12.82 -24.14 15.41
C TRP D 297 -12.66 -23.46 14.03
N ILE D 298 -12.08 -22.25 13.98
CA ILE D 298 -11.97 -21.47 12.73
C ILE D 298 -11.36 -22.30 11.55
N GLU D 299 -10.26 -23.05 11.78
CA GLU D 299 -9.67 -23.90 10.75
C GLU D 299 -10.64 -24.99 10.29
N TYR D 300 -11.37 -25.61 11.26
CA TYR D 300 -12.37 -26.64 11.03
C TYR D 300 -13.52 -26.08 10.18
N GLY D 301 -14.02 -24.91 10.56
CA GLY D 301 -15.10 -24.22 9.86
C GLY D 301 -14.77 -23.95 8.41
N LYS D 302 -13.51 -23.55 8.14
CA LYS D 302 -13.01 -23.24 6.80
C LYS D 302 -12.91 -24.49 5.93
N GLN D 303 -12.58 -25.63 6.53
CA GLN D 303 -12.32 -26.92 5.88
C GLN D 303 -13.49 -27.92 5.88
N ALA D 304 -14.60 -27.61 6.57
CA ALA D 304 -15.76 -28.50 6.69
C ALA D 304 -16.36 -28.84 5.32
N VAL D 305 -16.58 -30.14 5.07
CA VAL D 305 -17.17 -30.62 3.84
C VAL D 305 -18.67 -30.57 4.09
N LEU D 306 -19.41 -29.88 3.20
CA LEU D 306 -20.82 -29.63 3.41
C LEU D 306 -21.75 -30.42 2.52
N CYS D 307 -23.01 -30.61 2.98
CA CYS D 307 -24.06 -31.26 2.22
C CYS D 307 -24.27 -30.42 0.96
N SER D 308 -24.19 -31.07 -0.21
CA SER D 308 -24.31 -30.45 -1.52
C SER D 308 -25.64 -30.82 -2.22
N CYS D 309 -26.62 -31.40 -1.49
CA CYS D 309 -27.86 -31.85 -2.11
C CYS D 309 -29.13 -31.18 -1.56
N ARG D 310 -29.00 -30.37 -0.49
CA ARG D 310 -30.14 -29.71 0.16
C ARG D 310 -29.92 -28.21 0.29
N ASP D 312 -30.71 -25.04 1.62
CA ASP D 312 -31.42 -25.35 2.86
C ASP D 312 -30.48 -25.54 4.06
N MET D 313 -29.47 -26.44 3.95
CA MET D 313 -28.48 -26.80 4.98
C MET D 313 -27.73 -25.59 5.58
N VAL D 314 -27.28 -25.74 6.84
CA VAL D 314 -26.55 -24.72 7.61
C VAL D 314 -25.17 -24.45 7.01
N LYS D 315 -24.97 -23.20 6.56
CA LYS D 315 -23.72 -22.72 6.00
C LYS D 315 -23.36 -21.39 6.64
N ILE D 316 -22.14 -21.30 7.15
CA ILE D 316 -21.63 -20.09 7.75
C ILE D 316 -20.47 -19.59 6.90
N SER D 317 -20.55 -18.31 6.47
CA SER D 317 -19.47 -17.64 5.74
C SER D 317 -18.41 -17.38 6.80
N MET D 318 -17.18 -17.84 6.54
CA MET D 318 -16.06 -17.78 7.47
C MET D 318 -15.27 -16.45 7.49
N ASP D 319 -15.48 -15.58 6.46
CA ASP D 319 -14.81 -14.30 6.24
C ASP D 319 -14.55 -13.46 7.52
N VAL D 320 -15.61 -13.16 8.32
CA VAL D 320 -15.52 -12.38 9.56
C VAL D 320 -14.52 -12.97 10.60
N PHE D 321 -14.50 -14.32 10.78
CA PHE D 321 -13.60 -15.00 11.71
C PHE D 321 -12.16 -14.94 11.21
N VAL D 322 -11.97 -15.19 9.90
CA VAL D 322 -10.67 -15.18 9.23
C VAL D 322 -10.10 -13.75 9.29
N ARG D 323 -10.93 -12.75 8.99
CA ARG D 323 -10.56 -11.33 9.04
C ARG D 323 -10.08 -10.91 10.42
N LYS D 324 -10.74 -11.40 11.49
CA LYS D 324 -10.42 -11.02 12.87
C LYS D 324 -9.33 -11.87 13.55
N PHE D 325 -9.35 -13.21 13.39
CA PHE D 325 -8.42 -14.10 14.10
C PHE D 325 -7.22 -14.60 13.27
N GLN D 326 -7.29 -14.49 11.93
CA GLN D 326 -6.21 -14.87 11.01
C GLN D 326 -6.06 -13.72 9.96
N PRO D 327 -5.77 -12.46 10.39
CA PRO D 327 -5.74 -11.35 9.41
C PRO D 327 -4.73 -11.50 8.28
N GLU D 328 -3.57 -12.13 8.59
CA GLU D 328 -2.47 -12.38 7.64
C GLU D 328 -2.85 -13.36 6.51
N ARG D 329 -3.73 -14.34 6.83
CA ARG D 329 -4.15 -15.42 5.93
C ARG D 329 -5.31 -15.07 5.00
N TYR D 330 -6.11 -14.02 5.32
CA TYR D 330 -7.30 -13.63 4.54
C TYR D 330 -7.06 -13.55 3.03
N LYS D 331 -5.89 -13.03 2.60
CA LYS D 331 -5.53 -12.92 1.19
C LYS D 331 -5.27 -14.31 0.59
N LEU D 332 -4.36 -15.09 1.21
CA LEU D 332 -4.04 -16.46 0.77
C LEU D 332 -5.29 -17.35 0.72
N TRP D 333 -6.15 -17.28 1.75
CA TRP D 333 -7.41 -18.05 1.85
C TRP D 333 -8.42 -17.67 0.76
N LYS D 334 -8.50 -16.37 0.43
CA LYS D 334 -9.37 -15.81 -0.63
C LYS D 334 -8.97 -16.40 -2.01
N ALA D 335 -7.65 -16.50 -2.28
CA ALA D 335 -7.10 -17.07 -3.52
C ALA D 335 -7.17 -18.62 -3.56
N GLY D 336 -7.48 -19.25 -2.43
CA GLY D 336 -7.54 -20.70 -2.28
C GLY D 336 -6.17 -21.30 -1.99
N LYS D 337 -5.21 -20.43 -1.64
CA LYS D 337 -3.81 -20.74 -1.32
C LYS D 337 -3.58 -21.15 0.13
N ASP D 338 -4.65 -21.20 0.96
CA ASP D 338 -4.54 -21.63 2.34
C ASP D 338 -4.59 -23.16 2.33
N ASN D 339 -3.43 -23.81 2.59
CA ASN D 339 -3.31 -25.26 2.57
C ASN D 339 -3.08 -25.87 3.96
N THR D 340 -3.35 -25.10 5.04
CA THR D 340 -3.22 -25.50 6.45
C THR D 340 -3.77 -26.91 6.73
N VAL D 341 -2.97 -27.73 7.44
CA VAL D 341 -3.31 -29.08 7.86
C VAL D 341 -3.67 -29.02 9.34
N ILE D 342 -4.85 -29.56 9.70
CA ILE D 342 -5.32 -29.59 11.09
C ILE D 342 -4.73 -30.76 11.89
N ASP D 343 -4.15 -30.45 13.05
CA ASP D 343 -3.67 -31.44 14.01
C ASP D 343 -4.75 -31.47 15.09
N HIS D 344 -5.50 -32.59 15.15
CA HIS D 344 -6.62 -32.83 16.06
C HIS D 344 -6.24 -32.99 17.53
N THR D 345 -4.97 -33.28 17.82
CA THR D 345 -4.48 -33.46 19.19
C THR D 345 -4.21 -32.13 19.94
N LEU D 346 -4.00 -31.02 19.19
CA LEU D 346 -3.64 -29.72 19.75
C LEU D 346 -4.77 -29.00 20.45
N PRO D 347 -4.51 -28.38 21.63
CA PRO D 347 -5.58 -27.67 22.33
C PRO D 347 -5.83 -26.29 21.70
N THR D 348 -6.97 -25.67 22.04
CA THR D 348 -7.32 -24.32 21.56
C THR D 348 -6.29 -23.31 22.10
N PRO D 349 -5.89 -22.25 21.32
CA PRO D 349 -4.87 -21.30 21.83
C PRO D 349 -5.13 -20.69 23.22
N GLU D 350 -6.42 -20.57 23.61
CA GLU D 350 -6.87 -20.03 24.91
C GLU D 350 -6.40 -20.86 26.12
N ALA D 351 -6.06 -22.16 25.89
CA ALA D 351 -5.57 -23.09 26.90
C ALA D 351 -4.16 -22.75 27.40
N ALA D 352 -3.39 -21.92 26.65
CA ALA D 352 -2.00 -21.51 26.96
C ALA D 352 -1.72 -21.22 28.45
N GLU D 353 -2.64 -20.52 29.14
CA GLU D 353 -2.53 -20.18 30.56
C GLU D 353 -2.46 -21.41 31.47
N PHE D 354 -3.13 -22.50 31.07
CA PHE D 354 -3.13 -23.78 31.81
C PHE D 354 -1.96 -24.65 31.33
N LEU D 355 -1.69 -24.66 30.02
CA LEU D 355 -0.62 -25.45 29.38
C LEU D 355 0.66 -24.63 29.23
ZN ZN E . -20.67 9.54 -4.33
ZN ZN F . -12.96 6.17 -18.72
N2 FQ5 G . -18.78 8.55 -4.43
C13 FQ5 G . -18.00 7.63 -4.97
C14 FQ5 G . -18.38 10.57 -3.17
C15 FQ5 G . -20.20 11.44 -2.10
O FQ5 G . -17.55 13.93 0.05
C20 FQ5 G . -17.15 13.20 -0.85
C17 FQ5 G . -18.03 12.28 -1.58
C16 FQ5 G . -19.41 12.30 -1.36
N3 FQ5 G . -19.71 10.58 -3.00
N5 FQ5 G . -15.85 13.15 -1.21
C19 FQ5 G . -15.38 12.31 -2.15
N4 FQ5 G . -16.11 11.44 -2.82
C18 FQ5 G . -17.46 11.42 -2.52
N1 FQ5 G . -17.91 9.47 -3.92
C12 FQ5 G . -16.63 9.13 -4.15
C11 FQ5 G . -16.63 7.93 -4.83
C10 FQ5 G . -15.43 7.14 -5.29
S DMS H . -28.65 4.14 -17.44
O DMS H . -27.19 4.29 -17.48
C1 DMS H . -29.03 2.95 -18.70
C2 DMS H . -29.04 3.19 -15.99
S DMS I . -20.78 -0.16 26.00
O DMS I . -21.97 -0.70 25.32
C1 DMS I . -19.41 -0.90 25.18
C2 DMS I . -20.63 1.49 25.37
S DMS J . -40.68 2.24 10.23
O DMS J . -40.12 1.33 9.21
C1 DMS J . -41.99 3.13 9.43
C2 DMS J . -41.64 1.23 11.32
CL CL K . -10.38 16.15 15.53
ZN ZN L . 29.85 -2.78 4.96
ZN ZN M . 29.54 5.30 19.44
C1 FQ5 N . 28.84 11.94 5.80
N2 FQ5 N . 30.26 -0.74 4.89
C3 FQ5 N . 30.21 10.45 4.52
C4 FQ5 N . 29.75 9.37 5.24
C6 FQ5 N . 30.18 7.96 4.87
C13 FQ5 N . 29.94 0.46 5.35
C14 FQ5 N . 32.21 -1.68 3.88
C15 FQ5 N . 31.92 -3.73 2.92
C22 FQ5 N . 29.07 7.18 4.20
O FQ5 N . 35.68 -3.26 1.07
C20 FQ5 N . 35.25 -2.45 1.88
C17 FQ5 N . 33.93 -2.56 2.49
C16 FQ5 N . 33.13 -3.67 2.27
N3 FQ5 N . 31.44 -2.77 3.71
N5 FQ5 N . 35.95 -1.37 2.22
C19 FQ5 N . 35.48 -0.43 3.06
N4 FQ5 N . 34.30 -0.44 3.63
C18 FQ5 N . 33.50 -1.52 3.33
N1 FQ5 N . 31.56 -0.60 4.51
C12 FQ5 N . 32.03 0.63 4.73
C11 FQ5 N . 31.01 1.36 5.28
C10 FQ5 N . 31.03 2.83 5.65
C9 FQ5 N . 30.39 3.68 4.57
N FQ5 N . 30.01 5.04 4.97
C8 FQ5 N . 31.14 5.76 5.59
C7 FQ5 N . 30.73 7.15 6.04
C21 FQ5 N . 29.56 5.80 3.81
C5 FQ5 N . 28.83 9.58 6.26
C FQ5 N . 28.40 10.87 6.53
CL FQ5 N . 27.30 11.13 7.86
C2 FQ5 N . 29.75 11.73 4.79
S DMS O . 14.63 -16.64 -12.33
O DMS O . 15.02 -15.45 -11.55
C1 DMS O . 15.81 -17.90 -11.88
C2 DMS O . 13.21 -17.32 -11.52
S DMS P . 9.47 6.40 18.02
O DMS P . 9.52 6.48 19.49
C1 DMS P . 8.47 7.77 17.51
C2 DMS P . 11.05 6.97 17.49
C1 GOL Q . 50.70 -3.88 17.39
O1 GOL Q . 49.91 -3.53 18.50
C2 GOL Q . 51.06 -2.73 16.45
O2 GOL Q . 50.53 -1.49 16.86
C3 GOL Q . 52.55 -2.59 16.21
O3 GOL Q . 53.05 -3.60 15.39
CL CL R . 5.65 -4.20 4.39
CL CL S . 43.96 1.06 -13.36
ZN ZN T . 16.85 27.59 -18.46
ZN ZN U . 13.12 24.94 -2.24
N2 FQ5 V . 16.53 25.54 -17.64
C13 FQ5 V . 16.76 24.65 -16.70
C14 FQ5 V . 14.89 25.76 -19.38
C15 FQ5 V . 15.27 27.38 -20.94
O FQ5 V . 12.17 25.70 -23.27
C20 FQ5 V . 12.43 25.29 -22.15
C17 FQ5 V . 13.53 25.81 -21.34
C16 FQ5 V . 14.28 26.91 -21.77
N3 FQ5 V . 15.59 26.84 -19.76
N5 FQ5 V . 11.75 24.29 -21.59
C19 FQ5 V . 12.05 23.76 -20.39
N4 FQ5 V . 13.04 24.15 -19.63
C18 FQ5 V . 13.80 25.20 -20.10
N1 FQ5 V . 15.39 25.10 -18.24
C12 FQ5 V . 14.92 23.98 -17.67
C11 FQ5 V . 15.79 23.63 -16.66
C10 FQ5 V . 15.70 22.44 -15.75
C9 FQ5 V . 16.77 21.39 -16.04
N FQ5 V . 16.72 20.24 -15.13
C1 GOL W . -7.63 27.66 -14.27
O1 GOL W . -8.87 28.26 -14.60
C2 GOL W . -7.16 27.95 -12.87
O2 GOL W . -6.11 27.06 -12.58
C3 GOL W . -6.70 29.38 -12.66
O3 GOL W . -6.49 29.68 -11.29
CL CL X . 8.72 15.93 -37.09
ZN ZN Y . -24.89 -33.46 17.56
ZN ZN Z . -26.73 -33.91 1.13
N2 FQ5 AA . -26.53 -32.43 16.63
C6 FQ5 AA . -32.59 -27.38 12.53
C13 FQ5 AA . -26.97 -31.70 15.62
C14 FQ5 AA . -27.57 -33.89 18.23
C15 FQ5 AA . -26.27 -34.52 20.00
C22 FQ5 AA . -31.14 -26.96 12.79
O FQ5 AA . -29.76 -35.90 21.91
C20 FQ5 AA . -29.76 -35.52 20.75
C17 FQ5 AA . -28.59 -34.95 20.09
C16 FQ5 AA . -27.35 -35.00 20.70
N3 FQ5 AA . -26.36 -33.96 18.78
N5 FQ5 AA . -30.89 -35.53 20.00
C19 FQ5 AA . -30.95 -35.01 18.76
N4 FQ5 AA . -29.95 -34.44 18.13
C18 FQ5 AA . -28.75 -34.41 18.81
N1 FQ5 AA . -27.64 -33.06 17.08
C12 FQ5 AA . -28.74 -32.74 16.37
C11 FQ5 AA . -28.35 -31.85 15.41
C10 FQ5 AA . -29.24 -31.17 14.40
C9 FQ5 AA . -29.57 -29.73 14.76
N FQ5 AA . -30.52 -29.10 13.83
C21 FQ5 AA . -30.59 -27.66 14.03
S DMS BA . -27.27 -46.50 33.20
O DMS BA . -27.81 -45.14 33.19
C1 DMS BA . -28.29 -47.51 32.17
C2 DMS BA . -25.73 -46.54 32.35
S DMS CA . -48.64 -33.57 8.99
O DMS CA . -48.63 -34.87 9.68
C1 DMS CA . -48.37 -32.36 10.25
C2 DMS CA . -47.07 -33.44 8.19
CL CL DA . -6.69 -18.47 15.64
#